data_3WBZ
#
_entry.id   3WBZ
#
_cell.length_a   74.830
_cell.length_b   217.870
_cell.length_c   87.240
_cell.angle_alpha   90.00
_cell.angle_beta   113.68
_cell.angle_gamma   90.00
#
_symmetry.space_group_name_H-M   'P 1 21 1'
#
loop_
_entity.id
_entity.type
_entity.pdbx_description
1 polymer 'Likely histidyl tRNA-specific guanylyltransferase'
2 non-polymer "ADENOSINE-5'-TRIPHOSPHATE"
3 non-polymer 'MAGNESIUM ION'
4 water water
#
_entity_poly.entity_id   1
_entity_poly.type   'polypeptide(L)'
_entity_poly.pdbx_seq_one_letter_code
;GGSMANSKYEYVKLFEKENYLLPDTYIIIRVDGKGFHKFSQFYEFEKPNDLKALQVMNSAAEKLMSKYSDVMLAYGDSDE
YSFLLRKNCQLYERREMKLTTLFSSLMSTYYMYFWSQYFPDKPLHIDHLPNFDARAVLYPDFKHIRNYFSWRQVDCHINN
LYNTTFWNLVLKLKMTPQQAEQRLMGTVASDKNEILFKECGVNYNNESEMYKKGTIIVREFENYETEDEAELSKRQVQRL
EKKRKKAELKIYHVDIINDDSWWKSRPWLKD
;
_entity_poly.pdbx_strand_id   A,B,C,D,E,F,G,H
#
loop_
_chem_comp.id
_chem_comp.type
_chem_comp.name
_chem_comp.formula
ATP non-polymer ADENOSINE-5'-TRIPHOSPHATE 'C10 H16 N5 O13 P3'
MG non-polymer 'MAGNESIUM ION' 'Mg 2'
#
# COMPACT_ATOMS: atom_id res chain seq x y z
N ASN A 6 -24.89 12.28 -18.02
CA ASN A 6 -23.52 11.83 -17.82
C ASN A 6 -23.38 10.85 -16.66
N SER A 7 -22.87 11.35 -15.54
CA SER A 7 -22.66 10.54 -14.34
C SER A 7 -23.93 10.45 -13.49
N LYS A 8 -25.02 10.98 -14.00
CA LYS A 8 -26.27 10.93 -13.25
C LYS A 8 -27.05 9.63 -13.52
N TYR A 9 -26.57 8.83 -14.49
CA TYR A 9 -27.25 7.60 -14.86
C TYR A 9 -26.46 6.36 -14.51
N GLU A 10 -25.17 6.54 -14.20
CA GLU A 10 -24.30 5.38 -14.05
C GLU A 10 -24.57 4.59 -12.75
N TYR A 11 -25.39 5.14 -11.84
CA TYR A 11 -25.77 4.41 -10.63
C TYR A 11 -26.44 3.07 -11.02
N VAL A 12 -27.03 2.99 -12.22
CA VAL A 12 -27.75 1.77 -12.63
C VAL A 12 -26.80 0.58 -12.71
N LYS A 13 -25.50 0.86 -12.78
CA LYS A 13 -24.46 -0.16 -12.77
C LYS A 13 -24.44 -0.90 -11.42
N LEU A 14 -24.92 -0.25 -10.36
CA LEU A 14 -24.87 -0.85 -9.04
C LEU A 14 -25.88 -2.01 -8.89
N PHE A 15 -26.77 -2.20 -9.86
CA PHE A 15 -27.76 -3.30 -9.81
C PHE A 15 -27.21 -4.62 -10.34
N GLU A 16 -26.02 -4.59 -10.96
CA GLU A 16 -25.42 -5.82 -11.49
C GLU A 16 -24.93 -6.68 -10.33
N LYS A 17 -25.05 -7.98 -10.46
CA LYS A 17 -24.55 -8.88 -9.44
C LYS A 17 -23.60 -9.91 -10.07
N GLU A 18 -22.33 -9.90 -9.68
CA GLU A 18 -21.41 -10.92 -10.16
C GLU A 18 -21.42 -12.13 -9.29
N ASN A 19 -21.20 -13.30 -9.88
CA ASN A 19 -21.10 -14.55 -9.15
C ASN A 19 -19.72 -15.13 -9.37
N TYR A 20 -18.88 -14.99 -8.36
CA TYR A 20 -17.54 -15.56 -8.39
C TYR A 20 -17.54 -17.01 -7.89
N LEU A 21 -17.23 -17.95 -8.77
CA LEU A 21 -17.29 -19.36 -8.38
C LEU A 21 -16.22 -19.64 -7.34
N LEU A 22 -16.60 -20.36 -6.29
CA LEU A 22 -15.73 -20.75 -5.17
C LEU A 22 -14.32 -21.18 -5.61
N PRO A 23 -13.27 -20.52 -5.09
CA PRO A 23 -11.88 -20.85 -5.46
C PRO A 23 -11.48 -22.29 -5.18
N ASP A 24 -10.47 -22.78 -5.90
CA ASP A 24 -9.83 -24.08 -5.66
C ASP A 24 -10.81 -25.24 -5.76
N THR A 25 -11.80 -25.08 -6.61
CA THR A 25 -12.80 -26.11 -6.83
C THR A 25 -12.84 -26.47 -8.33
N TYR A 26 -13.06 -27.74 -8.63
CA TYR A 26 -13.17 -28.16 -10.02
C TYR A 26 -14.42 -27.55 -10.63
N ILE A 27 -14.31 -27.04 -11.84
CA ILE A 27 -15.46 -26.54 -12.55
C ILE A 27 -15.75 -27.42 -13.76
N ILE A 28 -17.00 -27.87 -13.87
CA ILE A 28 -17.49 -28.50 -15.08
C ILE A 28 -18.40 -27.53 -15.82
N ILE A 29 -18.13 -27.31 -17.10
CA ILE A 29 -19.05 -26.55 -17.95
C ILE A 29 -19.67 -27.51 -18.93
N ARG A 30 -20.98 -27.61 -18.90
CA ARG A 30 -21.67 -28.50 -19.80
C ARG A 30 -22.47 -27.67 -20.81
N VAL A 31 -22.28 -27.93 -22.09
CA VAL A 31 -23.11 -27.29 -23.10
C VAL A 31 -23.97 -28.31 -23.81
N ASP A 32 -25.19 -27.94 -24.15
CA ASP A 32 -26.09 -28.87 -24.85
C ASP A 32 -26.90 -28.13 -25.90
N GLY A 33 -26.96 -28.69 -27.10
CA GLY A 33 -27.64 -28.06 -28.22
C GLY A 33 -29.10 -27.81 -27.92
N LYS A 34 -29.56 -26.60 -28.22
CA LYS A 34 -30.95 -26.24 -28.01
C LYS A 34 -31.85 -26.73 -29.16
N GLY A 35 -32.83 -27.57 -28.81
CA GLY A 35 -33.76 -28.09 -29.81
C GLY A 35 -33.07 -28.87 -30.91
N PHE A 36 -32.11 -29.71 -30.56
CA PHE A 36 -31.41 -30.45 -31.59
C PHE A 36 -32.17 -31.65 -32.12
N HIS A 37 -33.28 -32.03 -31.49
CA HIS A 37 -34.14 -33.00 -32.14
C HIS A 37 -34.70 -32.36 -33.44
N LYS A 38 -35.29 -31.17 -33.36
CA LYS A 38 -35.76 -30.48 -34.56
C LYS A 38 -34.64 -30.13 -35.53
N PHE A 39 -33.53 -29.70 -34.98
CA PHE A 39 -32.39 -29.30 -35.79
C PHE A 39 -31.94 -30.49 -36.64
N SER A 40 -31.88 -31.67 -36.03
CA SER A 40 -31.45 -32.88 -36.72
C SER A 40 -32.47 -33.36 -37.76
N GLN A 41 -33.75 -33.03 -37.56
CA GLN A 41 -34.78 -33.33 -38.56
C GLN A 41 -34.68 -32.38 -39.74
N PHE A 42 -34.57 -31.08 -39.45
CA PHE A 42 -34.52 -30.06 -40.49
C PHE A 42 -33.36 -30.29 -41.45
N TYR A 43 -32.19 -30.67 -40.92
CA TYR A 43 -31.02 -30.86 -41.76
C TYR A 43 -30.82 -32.32 -42.11
N GLU A 44 -31.84 -33.14 -41.85
CA GLU A 44 -31.86 -34.53 -42.27
C GLU A 44 -30.63 -35.31 -41.83
N PHE A 45 -30.32 -35.25 -40.53
CA PHE A 45 -29.26 -36.07 -39.96
C PHE A 45 -29.54 -37.54 -40.25
N GLU A 46 -28.50 -38.32 -40.51
CA GLU A 46 -28.65 -39.77 -40.52
C GLU A 46 -29.03 -40.25 -39.12
N LYS A 47 -29.80 -41.33 -39.11
CA LYS A 47 -30.24 -41.93 -37.87
C LYS A 47 -29.73 -43.36 -37.85
N PRO A 48 -29.35 -43.87 -36.67
CA PRO A 48 -29.41 -43.21 -35.37
C PRO A 48 -28.31 -42.15 -35.18
N ASN A 49 -27.15 -42.36 -35.77
CA ASN A 49 -26.04 -41.41 -35.60
C ASN A 49 -25.54 -40.82 -36.90
N ASP A 50 -25.41 -39.50 -36.91
CA ASP A 50 -24.83 -38.83 -38.06
C ASP A 50 -23.36 -38.56 -37.77
N LEU A 51 -22.49 -39.26 -38.47
CA LEU A 51 -21.07 -39.20 -38.22
C LEU A 51 -20.50 -37.80 -38.39
N LYS A 52 -20.83 -37.14 -39.49
CA LYS A 52 -20.26 -35.83 -39.76
C LYS A 52 -20.79 -34.79 -38.77
N ALA A 53 -22.03 -34.99 -38.31
CA ALA A 53 -22.62 -34.13 -37.31
C ALA A 53 -21.82 -34.23 -36.00
N LEU A 54 -21.40 -35.44 -35.63
CA LEU A 54 -20.55 -35.63 -34.46
C LEU A 54 -19.14 -35.07 -34.69
N GLN A 55 -18.66 -35.11 -35.93
CA GLN A 55 -17.33 -34.58 -36.21
C GLN A 55 -17.34 -33.04 -36.13
N VAL A 56 -18.48 -32.43 -36.45
CA VAL A 56 -18.63 -31.02 -36.21
C VAL A 56 -18.55 -30.67 -34.71
N MET A 57 -19.25 -31.43 -33.88
CA MET A 57 -19.19 -31.18 -32.43
C MET A 57 -17.76 -31.33 -31.94
N ASN A 58 -17.11 -32.39 -32.39
CA ASN A 58 -15.77 -32.71 -31.93
C ASN A 58 -14.72 -31.68 -32.35
N SER A 59 -14.85 -31.16 -33.56
CA SER A 59 -13.94 -30.12 -34.01
C SER A 59 -14.14 -28.85 -33.19
N ALA A 60 -15.40 -28.51 -32.96
CA ALA A 60 -15.76 -27.37 -32.15
C ALA A 60 -15.18 -27.47 -30.73
N ALA A 61 -15.39 -28.62 -30.09
CA ALA A 61 -14.92 -28.82 -28.72
C ALA A 61 -13.39 -28.79 -28.61
N GLU A 62 -12.70 -29.45 -29.54
CA GLU A 62 -11.25 -29.48 -29.55
C GLU A 62 -10.64 -28.10 -29.79
N LYS A 63 -11.28 -27.33 -30.66
CA LYS A 63 -10.83 -25.99 -30.97
C LYS A 63 -10.97 -25.12 -29.71
N LEU A 64 -12.10 -25.22 -29.03
CA LEU A 64 -12.32 -24.48 -27.78
C LEU A 64 -11.26 -24.86 -26.76
N MET A 65 -11.04 -26.16 -26.63
CA MET A 65 -10.14 -26.69 -25.64
C MET A 65 -8.70 -26.25 -25.93
N SER A 66 -8.37 -26.07 -27.19
CA SER A 66 -7.02 -25.62 -27.55
C SER A 66 -6.87 -24.13 -27.28
N LYS A 67 -7.99 -23.45 -27.13
CA LYS A 67 -7.95 -22.02 -26.86
C LYS A 67 -7.75 -21.73 -25.38
N TYR A 68 -8.21 -22.64 -24.52
CA TYR A 68 -8.14 -22.43 -23.07
C TYR A 68 -7.38 -23.55 -22.41
N SER A 69 -6.12 -23.29 -22.09
CA SER A 69 -5.24 -24.29 -21.53
C SER A 69 -5.70 -24.79 -20.16
N ASP A 70 -6.64 -24.08 -19.55
CA ASP A 70 -7.22 -24.51 -18.28
C ASP A 70 -8.19 -25.68 -18.46
N VAL A 71 -8.72 -25.89 -19.67
CA VAL A 71 -9.55 -27.07 -19.92
C VAL A 71 -8.69 -28.33 -20.00
N MET A 72 -8.90 -29.26 -19.05
CA MET A 72 -8.02 -30.41 -18.95
C MET A 72 -8.58 -31.63 -19.66
N LEU A 73 -9.90 -31.69 -19.75
CA LEU A 73 -10.58 -32.88 -20.20
C LEU A 73 -11.94 -32.49 -20.74
N ALA A 74 -12.33 -33.09 -21.85
CA ALA A 74 -13.64 -32.85 -22.44
C ALA A 74 -14.28 -34.18 -22.82
N TYR A 75 -15.59 -34.28 -22.60
CA TYR A 75 -16.34 -35.46 -22.96
C TYR A 75 -17.59 -35.07 -23.72
N GLY A 76 -17.82 -35.67 -24.88
CA GLY A 76 -18.97 -35.34 -25.68
C GLY A 76 -19.69 -36.53 -26.24
N ASP A 77 -21.00 -36.40 -26.42
CA ASP A 77 -21.78 -37.35 -27.20
C ASP A 77 -23.11 -36.70 -27.57
N SER A 78 -23.75 -37.17 -28.63
CA SER A 78 -25.01 -36.58 -29.06
C SER A 78 -24.81 -35.07 -29.28
N ASP A 79 -25.67 -34.25 -28.67
CA ASP A 79 -25.53 -32.80 -28.83
C ASP A 79 -24.89 -32.09 -27.62
N GLU A 80 -24.10 -32.81 -26.81
CA GLU A 80 -23.54 -32.22 -25.58
C GLU A 80 -22.03 -32.38 -25.49
N TYR A 81 -21.42 -31.46 -24.77
CA TYR A 81 -20.01 -31.55 -24.37
C TYR A 81 -19.83 -31.05 -22.94
N SER A 82 -19.00 -31.74 -22.18
CA SER A 82 -18.65 -31.32 -20.81
C SER A 82 -17.18 -31.02 -20.77
N PHE A 83 -16.83 -29.88 -20.19
CA PHE A 83 -15.42 -29.48 -20.10
C PHE A 83 -14.97 -29.37 -18.65
N LEU A 84 -13.88 -30.04 -18.31
CA LEU A 84 -13.28 -29.94 -16.98
C LEU A 84 -12.20 -28.84 -16.93
N LEU A 85 -12.41 -27.86 -16.06
CA LEU A 85 -11.42 -26.82 -15.81
C LEU A 85 -10.63 -27.16 -14.54
N ARG A 86 -9.31 -27.03 -14.58
CA ARG A 86 -8.50 -27.33 -13.41
C ARG A 86 -8.92 -26.44 -12.26
N LYS A 87 -8.76 -26.93 -11.04
CA LYS A 87 -9.34 -26.27 -9.87
C LYS A 87 -8.73 -24.91 -9.57
N ASN A 88 -7.52 -24.66 -10.05
CA ASN A 88 -6.90 -23.37 -9.80
C ASN A 88 -7.06 -22.39 -10.96
N CYS A 89 -7.99 -22.70 -11.85
CA CYS A 89 -8.35 -21.85 -12.96
C CYS A 89 -8.76 -20.43 -12.55
N GLN A 90 -8.16 -19.42 -13.16
CA GLN A 90 -8.50 -18.02 -12.88
C GLN A 90 -9.04 -17.34 -14.15
N LEU A 91 -9.41 -18.14 -15.13
CA LEU A 91 -10.06 -17.65 -16.34
C LEU A 91 -11.29 -16.77 -16.02
N TYR A 92 -11.24 -15.51 -16.46
CA TYR A 92 -12.25 -14.48 -16.24
C TYR A 92 -12.55 -14.32 -14.75
N GLU A 93 -11.52 -14.52 -13.93
CA GLU A 93 -11.62 -14.46 -12.46
C GLU A 93 -12.73 -15.34 -11.91
N ARG A 94 -12.97 -16.48 -12.57
CA ARG A 94 -13.98 -17.45 -12.18
C ARG A 94 -15.39 -16.88 -12.13
N ARG A 95 -15.65 -15.82 -12.91
CA ARG A 95 -16.99 -15.24 -13.00
C ARG A 95 -17.93 -16.15 -13.79
N GLU A 96 -19.02 -16.57 -13.16
CA GLU A 96 -19.92 -17.56 -13.77
C GLU A 96 -20.55 -17.07 -15.08
N MET A 97 -20.97 -15.80 -15.10
CA MET A 97 -21.54 -15.19 -16.31
C MET A 97 -20.58 -15.25 -17.49
N LYS A 98 -19.31 -14.90 -17.26
CA LYS A 98 -18.31 -14.92 -18.33
C LYS A 98 -18.01 -16.32 -18.82
N LEU A 99 -17.77 -17.24 -17.89
CA LEU A 99 -17.41 -18.60 -18.28
C LEU A 99 -18.53 -19.25 -19.09
N THR A 100 -19.77 -19.13 -18.63
CA THR A 100 -20.86 -19.84 -19.29
C THR A 100 -21.29 -19.16 -20.62
N THR A 101 -21.42 -17.84 -20.67
CA THR A 101 -21.94 -17.24 -21.89
C THR A 101 -20.88 -17.24 -22.98
N LEU A 102 -19.61 -17.23 -22.61
CA LEU A 102 -18.54 -17.39 -23.61
C LEU A 102 -18.46 -18.81 -24.11
N PHE A 103 -18.65 -19.79 -23.23
CA PHE A 103 -18.63 -21.17 -23.71
C PHE A 103 -19.79 -21.48 -24.68
N SER A 104 -21.01 -21.04 -24.39
CA SER A 104 -22.14 -21.32 -25.27
C SER A 104 -21.97 -20.54 -26.60
N SER A 105 -21.38 -19.35 -26.49
CA SER A 105 -21.09 -18.52 -27.65
C SER A 105 -20.03 -19.21 -28.54
N LEU A 106 -18.94 -19.65 -27.92
CA LEU A 106 -17.84 -20.33 -28.62
C LEU A 106 -18.29 -21.63 -29.30
N MET A 107 -19.02 -22.48 -28.59
CA MET A 107 -19.47 -23.72 -29.18
C MET A 107 -20.40 -23.43 -30.35
N SER A 108 -21.25 -22.41 -30.19
CA SER A 108 -22.20 -22.03 -31.23
C SER A 108 -21.51 -21.61 -32.53
N THR A 109 -20.51 -20.73 -32.42
CA THR A 109 -19.85 -20.18 -33.60
C THR A 109 -18.90 -21.19 -34.20
N TYR A 110 -18.19 -21.94 -33.37
CA TYR A 110 -17.35 -23.04 -33.86
C TYR A 110 -18.22 -24.06 -34.57
N TYR A 111 -19.41 -24.33 -34.04
CA TYR A 111 -20.31 -25.29 -34.68
C TYR A 111 -20.69 -24.79 -36.09
N MET A 112 -21.08 -23.52 -36.19
CA MET A 112 -21.41 -22.91 -37.49
C MET A 112 -20.24 -22.94 -38.46
N TYR A 113 -19.04 -22.65 -37.99
CA TYR A 113 -17.89 -22.68 -38.87
C TYR A 113 -17.69 -24.07 -39.45
N PHE A 114 -17.60 -25.06 -38.58
CA PHE A 114 -17.30 -26.41 -38.98
C PHE A 114 -18.45 -27.07 -39.73
N TRP A 115 -19.67 -26.62 -39.49
CA TRP A 115 -20.80 -27.11 -40.25
C TRP A 115 -20.62 -26.71 -41.73
N SER A 116 -20.19 -25.48 -42.00
CA SER A 116 -20.03 -25.06 -43.39
C SER A 116 -18.90 -25.82 -44.07
N GLN A 117 -17.97 -26.36 -43.29
CA GLN A 117 -16.88 -27.19 -43.83
C GLN A 117 -17.32 -28.62 -44.14
N TYR A 118 -18.03 -29.24 -43.20
CA TYR A 118 -18.46 -30.64 -43.32
C TYR A 118 -19.76 -30.79 -44.13
N PHE A 119 -20.60 -29.76 -44.14
CA PHE A 119 -21.84 -29.82 -44.92
C PHE A 119 -22.02 -28.62 -45.85
N PRO A 120 -21.15 -28.49 -46.87
CA PRO A 120 -21.23 -27.36 -47.82
C PRO A 120 -22.55 -27.33 -48.60
N ASP A 121 -23.18 -28.48 -48.78
CA ASP A 121 -24.47 -28.56 -49.48
C ASP A 121 -25.70 -28.40 -48.59
N LYS A 122 -25.50 -28.23 -47.29
CA LYS A 122 -26.61 -27.92 -46.41
C LYS A 122 -26.39 -26.58 -45.74
N PRO A 123 -26.51 -25.48 -46.50
CA PRO A 123 -26.29 -24.17 -45.86
C PRO A 123 -27.30 -23.93 -44.75
N LEU A 124 -26.88 -23.29 -43.67
CA LEU A 124 -27.76 -23.10 -42.53
C LEU A 124 -28.86 -22.10 -42.83
N HIS A 125 -30.07 -22.43 -42.38
CA HIS A 125 -31.19 -21.54 -42.52
C HIS A 125 -31.25 -20.67 -41.26
N ILE A 126 -31.59 -19.39 -41.42
CA ILE A 126 -31.56 -18.44 -40.32
C ILE A 126 -32.50 -18.81 -39.16
N ASP A 127 -33.52 -19.62 -39.44
CA ASP A 127 -34.48 -20.00 -38.41
C ASP A 127 -34.09 -21.33 -37.78
N HIS A 128 -32.94 -21.87 -38.20
CA HIS A 128 -32.42 -23.11 -37.67
C HIS A 128 -30.91 -23.02 -37.48
N LEU A 129 -30.48 -22.04 -36.71
CA LEU A 129 -29.06 -21.93 -36.38
C LEU A 129 -28.79 -22.79 -35.13
N PRO A 130 -27.56 -23.31 -35.00
CA PRO A 130 -27.21 -24.16 -33.86
C PRO A 130 -26.91 -23.34 -32.60
N ASN A 131 -27.81 -23.43 -31.62
CA ASN A 131 -27.61 -22.72 -30.37
C ASN A 131 -27.35 -23.68 -29.23
N PHE A 132 -26.62 -23.20 -28.21
CA PHE A 132 -26.27 -24.03 -27.07
C PHE A 132 -26.53 -23.27 -25.79
N ASP A 133 -26.97 -23.97 -24.74
CA ASP A 133 -26.97 -23.38 -23.42
C ASP A 133 -25.59 -23.75 -22.83
N ALA A 134 -25.29 -23.27 -21.64
CA ALA A 134 -24.07 -23.68 -20.96
C ALA A 134 -24.30 -23.46 -19.49
N ARG A 135 -23.88 -24.40 -18.66
CA ARG A 135 -23.98 -24.22 -17.21
C ARG A 135 -22.66 -24.60 -16.57
N ALA A 136 -22.33 -23.93 -15.48
CA ALA A 136 -21.15 -24.27 -14.71
C ALA A 136 -21.59 -24.99 -13.43
N VAL A 137 -20.93 -26.08 -13.08
CA VAL A 137 -21.21 -26.78 -11.85
C VAL A 137 -19.87 -26.98 -11.11
N LEU A 138 -19.87 -26.75 -9.80
CA LEU A 138 -18.69 -26.90 -8.96
C LEU A 138 -18.65 -28.26 -8.29
N TYR A 139 -17.49 -28.90 -8.31
CA TYR A 139 -17.31 -30.18 -7.61
C TYR A 139 -16.08 -30.05 -6.72
N PRO A 140 -16.25 -30.25 -5.41
CA PRO A 140 -15.19 -29.98 -4.42
C PRO A 140 -14.15 -31.09 -4.29
N ASP A 141 -14.38 -32.24 -4.92
CA ASP A 141 -13.49 -33.39 -4.80
C ASP A 141 -13.39 -34.14 -6.11
N PHE A 142 -12.20 -34.65 -6.43
CA PHE A 142 -12.01 -35.30 -7.73
C PHE A 142 -12.86 -36.57 -7.88
N LYS A 143 -13.27 -37.19 -6.78
CA LYS A 143 -14.13 -38.36 -6.90
C LYS A 143 -15.50 -37.99 -7.54
N HIS A 144 -15.93 -36.74 -7.39
CA HIS A 144 -17.19 -36.35 -8.00
C HIS A 144 -16.99 -36.12 -9.49
N ILE A 145 -15.78 -35.76 -9.86
CA ILE A 145 -15.39 -35.58 -11.24
C ILE A 145 -15.38 -36.92 -11.97
N ARG A 146 -14.79 -37.94 -11.36
CA ARG A 146 -14.86 -39.29 -11.92
C ARG A 146 -16.31 -39.72 -12.11
N ASN A 147 -17.11 -39.50 -11.08
CA ASN A 147 -18.51 -39.91 -11.15
C ASN A 147 -19.33 -39.11 -12.16
N TYR A 148 -18.94 -37.85 -12.36
CA TYR A 148 -19.62 -37.00 -13.30
C TYR A 148 -19.44 -37.52 -14.72
N PHE A 149 -18.22 -37.83 -15.08
CA PHE A 149 -17.99 -38.31 -16.43
C PHE A 149 -18.56 -39.71 -16.62
N SER A 150 -18.52 -40.49 -15.55
CA SER A 150 -19.19 -41.79 -15.54
C SER A 150 -20.68 -41.63 -15.77
N TRP A 151 -21.26 -40.65 -15.12
CA TRP A 151 -22.67 -40.31 -15.33
C TRP A 151 -22.94 -40.02 -16.81
N ARG A 152 -22.05 -39.23 -17.43
CA ARG A 152 -22.28 -38.84 -18.81
C ARG A 152 -22.01 -40.01 -19.75
N GLN A 153 -21.06 -40.87 -19.43
CA GLN A 153 -20.83 -42.00 -20.32
C GLN A 153 -21.93 -43.08 -20.17
N VAL A 154 -22.43 -43.29 -18.95
CA VAL A 154 -23.53 -44.26 -18.76
C VAL A 154 -24.74 -43.82 -19.58
N ASP A 155 -24.96 -42.53 -19.59
CA ASP A 155 -26.06 -41.93 -20.34
C ASP A 155 -25.89 -42.08 -21.85
N CYS A 156 -24.64 -42.02 -22.31
CA CYS A 156 -24.32 -42.23 -23.71
C CYS A 156 -24.65 -43.65 -24.10
N HIS A 157 -24.31 -44.59 -23.22
CA HIS A 157 -24.63 -45.99 -23.45
C HIS A 157 -26.13 -46.22 -23.59
N ILE A 158 -26.89 -45.73 -22.61
CA ILE A 158 -28.33 -45.93 -22.58
C ILE A 158 -29.03 -45.34 -23.78
N ASN A 159 -28.65 -44.10 -24.13
CA ASN A 159 -29.29 -43.44 -25.24
C ASN A 159 -28.88 -44.05 -26.59
N ASN A 160 -27.61 -44.46 -26.75
CA ASN A 160 -27.24 -44.99 -28.06
C ASN A 160 -27.88 -46.36 -28.28
N LEU A 161 -27.88 -47.20 -27.25
CA LEU A 161 -28.50 -48.53 -27.37
C LEU A 161 -29.97 -48.39 -27.72
N TYR A 162 -30.62 -47.45 -27.05
CA TYR A 162 -32.02 -47.20 -27.32
C TYR A 162 -32.22 -46.68 -28.74
N ASN A 163 -31.46 -45.65 -29.11
CA ASN A 163 -31.66 -45.04 -30.43
C ASN A 163 -31.28 -45.97 -31.56
N THR A 164 -30.24 -46.79 -31.35
CA THR A 164 -29.82 -47.71 -32.40
C THR A 164 -30.89 -48.75 -32.62
N THR A 165 -31.50 -49.23 -31.53
CA THR A 165 -32.59 -50.18 -31.67
C THR A 165 -33.81 -49.54 -32.32
N PHE A 166 -34.18 -48.37 -31.82
CA PHE A 166 -35.34 -47.63 -32.32
C PHE A 166 -35.24 -47.39 -33.83
N TRP A 167 -34.11 -46.84 -34.26
CA TRP A 167 -34.02 -46.45 -35.65
C TRP A 167 -33.85 -47.63 -36.58
N ASN A 168 -33.31 -48.74 -36.09
CA ASN A 168 -33.27 -49.95 -36.91
C ASN A 168 -34.64 -50.60 -37.04
N LEU A 169 -35.46 -50.55 -35.99
CA LEU A 169 -36.84 -51.04 -36.10
C LEU A 169 -37.57 -50.23 -37.16
N VAL A 170 -37.33 -48.93 -37.19
CA VAL A 170 -37.99 -48.05 -38.12
C VAL A 170 -37.47 -48.21 -39.55
N LEU A 171 -36.15 -48.26 -39.73
CA LEU A 171 -35.56 -48.27 -41.06
C LEU A 171 -35.47 -49.65 -41.73
N LYS A 172 -35.10 -50.68 -40.97
CA LYS A 172 -35.00 -52.04 -41.52
C LYS A 172 -36.34 -52.77 -41.57
N LEU A 173 -37.07 -52.74 -40.45
CA LEU A 173 -38.38 -53.39 -40.33
C LEU A 173 -39.50 -52.47 -40.79
N LYS A 174 -39.12 -51.32 -41.32
CA LYS A 174 -40.09 -50.37 -41.85
C LYS A 174 -41.19 -50.01 -40.85
N MET A 175 -40.87 -50.04 -39.57
CA MET A 175 -41.81 -49.51 -38.58
C MET A 175 -41.86 -47.99 -38.64
N THR A 176 -43.00 -47.44 -38.28
CA THR A 176 -43.10 -46.01 -38.05
C THR A 176 -42.50 -45.68 -36.68
N PRO A 177 -42.06 -44.43 -36.45
CA PRO A 177 -41.55 -44.06 -35.11
C PRO A 177 -42.51 -44.48 -34.00
N GLN A 178 -43.81 -44.30 -34.19
CA GLN A 178 -44.77 -44.61 -33.14
C GLN A 178 -44.83 -46.09 -32.77
N GLN A 179 -44.78 -46.99 -33.76
CA GLN A 179 -44.85 -48.43 -33.45
C GLN A 179 -43.49 -48.92 -32.93
N ALA A 180 -42.40 -48.25 -33.32
CA ALA A 180 -41.09 -48.57 -32.76
C ALA A 180 -41.05 -48.33 -31.25
N GLU A 181 -41.64 -47.23 -30.78
CA GLU A 181 -41.62 -46.96 -29.33
C GLU A 181 -42.37 -47.97 -28.49
N GLN A 182 -43.56 -48.37 -28.93
CA GLN A 182 -44.32 -49.35 -28.18
C GLN A 182 -43.58 -50.68 -28.11
N ARG A 183 -42.86 -51.03 -29.17
CA ARG A 183 -42.08 -52.27 -29.19
C ARG A 183 -40.98 -52.27 -28.14
N LEU A 184 -40.47 -51.08 -27.81
CA LEU A 184 -39.35 -50.98 -26.90
C LEU A 184 -39.76 -50.80 -25.43
N MET A 185 -41.01 -50.41 -25.19
CA MET A 185 -41.49 -50.22 -23.82
C MET A 185 -41.32 -51.50 -23.05
N GLY A 186 -40.66 -51.46 -21.89
CA GLY A 186 -40.49 -52.68 -21.12
C GLY A 186 -39.15 -53.35 -21.35
N THR A 187 -38.67 -53.33 -22.59
CA THR A 187 -37.42 -54.00 -22.93
C THR A 187 -36.26 -53.51 -22.07
N VAL A 188 -35.41 -54.45 -21.67
CA VAL A 188 -34.17 -54.16 -20.97
C VAL A 188 -33.01 -54.27 -21.96
N ALA A 189 -31.79 -54.01 -21.50
CA ALA A 189 -30.64 -53.93 -22.40
C ALA A 189 -30.43 -55.23 -23.19
N SER A 190 -30.57 -56.37 -22.54
CA SER A 190 -30.38 -57.64 -23.24
C SER A 190 -31.45 -57.83 -24.30
N ASP A 191 -32.66 -57.33 -24.04
CA ASP A 191 -33.74 -57.43 -25.01
C ASP A 191 -33.45 -56.63 -26.28
N LYS A 192 -32.97 -55.41 -26.10
CA LYS A 192 -32.68 -54.53 -27.22
C LYS A 192 -31.57 -55.16 -28.05
N ASN A 193 -30.59 -55.75 -27.38
CA ASN A 193 -29.51 -56.44 -28.06
C ASN A 193 -30.01 -57.59 -28.92
N GLU A 194 -30.94 -58.35 -28.35
CA GLU A 194 -31.51 -59.49 -29.05
C GLU A 194 -32.31 -59.04 -30.27
N ILE A 195 -33.12 -58.00 -30.09
CA ILE A 195 -33.91 -57.41 -31.16
C ILE A 195 -33.04 -56.91 -32.32
N LEU A 196 -31.93 -56.26 -32.00
CA LEU A 196 -31.00 -55.77 -33.00
C LEU A 196 -30.37 -56.91 -33.79
N PHE A 197 -29.93 -57.95 -33.09
CA PHE A 197 -29.24 -59.03 -33.77
C PHE A 197 -30.28 -59.86 -34.54
N LYS A 198 -31.27 -60.38 -33.83
CA LYS A 198 -32.21 -61.34 -34.40
C LYS A 198 -33.19 -60.77 -35.43
N GLU A 199 -33.66 -59.55 -35.20
CA GLU A 199 -34.68 -58.97 -36.06
C GLU A 199 -34.11 -57.98 -37.10
N CYS A 200 -32.99 -57.36 -36.79
CA CYS A 200 -32.46 -56.33 -37.68
C CYS A 200 -31.13 -56.74 -38.32
N GLY A 201 -30.57 -57.86 -37.88
CA GLY A 201 -29.30 -58.33 -38.37
C GLY A 201 -28.15 -57.41 -37.98
N VAL A 202 -28.26 -56.78 -36.81
CA VAL A 202 -27.22 -55.87 -36.35
C VAL A 202 -26.57 -56.36 -35.05
N ASN A 203 -25.24 -56.49 -35.07
CA ASN A 203 -24.47 -56.82 -33.87
C ASN A 203 -24.11 -55.52 -33.19
N TYR A 204 -24.74 -55.23 -32.05
CA TYR A 204 -24.54 -53.94 -31.41
C TYR A 204 -23.10 -53.73 -30.96
N ASN A 205 -22.44 -54.78 -30.50
CA ASN A 205 -21.05 -54.65 -30.05
C ASN A 205 -20.12 -54.17 -31.20
N ASN A 206 -20.55 -54.37 -32.44
CA ASN A 206 -19.78 -53.96 -33.62
C ASN A 206 -20.05 -52.51 -34.07
N GLU A 207 -20.98 -51.83 -33.41
CA GLU A 207 -21.19 -50.40 -33.69
C GLU A 207 -19.89 -49.65 -33.39
N SER A 208 -19.69 -48.54 -34.09
CA SER A 208 -18.52 -47.70 -33.86
C SER A 208 -18.30 -47.41 -32.38
N GLU A 209 -17.04 -47.42 -31.94
CA GLU A 209 -16.70 -47.10 -30.55
C GLU A 209 -17.13 -45.67 -30.16
N MET A 210 -17.05 -44.72 -31.10
CA MET A 210 -17.49 -43.35 -30.84
C MET A 210 -18.99 -43.29 -30.52
N TYR A 211 -19.80 -44.04 -31.26
CA TYR A 211 -21.25 -44.06 -31.00
C TYR A 211 -21.56 -44.67 -29.64
N LYS A 212 -20.83 -45.72 -29.30
CA LYS A 212 -21.11 -46.48 -28.10
C LYS A 212 -20.60 -45.81 -26.84
N LYS A 213 -19.42 -45.18 -26.95
CA LYS A 213 -18.68 -44.64 -25.81
C LYS A 213 -18.67 -43.11 -25.77
N GLY A 214 -18.90 -42.48 -26.92
CA GLY A 214 -18.77 -41.03 -27.00
C GLY A 214 -17.32 -40.63 -27.28
N THR A 215 -17.00 -39.37 -27.04
CA THR A 215 -15.67 -38.87 -27.37
C THR A 215 -14.99 -38.15 -26.21
N ILE A 216 -13.79 -38.60 -25.87
CA ILE A 216 -12.93 -37.99 -24.86
C ILE A 216 -11.76 -37.23 -25.49
N ILE A 217 -11.66 -35.96 -25.16
CA ILE A 217 -10.51 -35.14 -25.56
C ILE A 217 -9.73 -34.81 -24.28
N VAL A 218 -8.48 -35.26 -24.20
CA VAL A 218 -7.73 -35.04 -22.97
C VAL A 218 -6.39 -34.37 -23.26
N ARG A 219 -5.99 -33.45 -22.37
CA ARG A 219 -4.68 -32.83 -22.46
C ARG A 219 -3.61 -33.81 -21.95
N GLU A 220 -2.62 -34.10 -22.79
CA GLU A 220 -1.56 -35.05 -22.44
C GLU A 220 -0.23 -34.34 -22.12
N PHE A 221 0.36 -34.69 -20.97
CA PHE A 221 1.68 -34.18 -20.58
C PHE A 221 2.70 -35.31 -20.56
N GLU A 222 3.92 -34.98 -20.96
CA GLU A 222 4.99 -35.97 -21.04
C GLU A 222 5.86 -35.99 -19.79
N ASN A 223 6.42 -34.83 -19.44
CA ASN A 223 7.33 -34.73 -18.32
C ASN A 223 6.66 -34.10 -17.09
N TYR A 224 5.62 -34.76 -16.57
CA TYR A 224 4.84 -34.19 -15.48
C TYR A 224 5.45 -34.48 -14.10
N ALA A 247 1.29 -28.58 -24.03
CA ALA A 247 0.74 -29.94 -24.09
C ALA A 247 -0.02 -30.23 -25.37
N GLU A 248 -0.25 -31.52 -25.64
CA GLU A 248 -0.82 -31.95 -26.91
C GLU A 248 -2.21 -32.58 -26.67
N LEU A 249 -3.15 -32.31 -27.59
CA LEU A 249 -4.53 -32.80 -27.45
C LEU A 249 -4.78 -34.14 -28.15
N LYS A 250 -5.18 -35.15 -27.38
CA LYS A 250 -5.47 -36.46 -27.95
C LYS A 250 -6.93 -36.87 -27.75
N ILE A 251 -7.48 -37.54 -28.75
CA ILE A 251 -8.89 -37.95 -28.75
C ILE A 251 -9.03 -39.47 -28.56
N TYR A 252 -9.94 -39.87 -27.67
CA TYR A 252 -10.19 -41.29 -27.37
C TYR A 252 -11.67 -41.61 -27.41
N HIS A 253 -11.99 -42.87 -27.67
CA HIS A 253 -13.35 -43.39 -27.59
C HIS A 253 -13.31 -44.66 -26.74
N VAL A 254 -13.06 -44.51 -25.46
CA VAL A 254 -12.82 -45.64 -24.57
C VAL A 254 -13.66 -45.56 -23.31
N ASP A 255 -13.76 -46.67 -22.60
CA ASP A 255 -14.39 -46.67 -21.29
C ASP A 255 -13.61 -45.84 -20.29
N ILE A 256 -14.29 -44.93 -19.58
CA ILE A 256 -13.65 -44.22 -18.49
C ILE A 256 -14.36 -44.47 -17.16
N ILE A 257 -15.42 -45.28 -17.19
CA ILE A 257 -16.18 -45.60 -15.98
C ILE A 257 -15.39 -46.55 -15.04
N ASN A 258 -14.88 -47.66 -15.56
CA ASN A 258 -14.27 -48.70 -14.72
C ASN A 258 -12.75 -48.83 -14.86
N ASP A 259 -12.17 -48.13 -15.83
CA ASP A 259 -10.73 -48.19 -16.07
C ASP A 259 -9.98 -47.15 -15.23
N ASP A 260 -9.69 -47.51 -13.98
CA ASP A 260 -8.98 -46.61 -13.07
C ASP A 260 -7.57 -46.21 -13.51
N SER A 261 -6.86 -47.10 -14.19
CA SER A 261 -5.49 -46.79 -14.63
C SER A 261 -5.48 -45.64 -15.64
N TRP A 262 -6.56 -45.52 -16.41
CA TRP A 262 -6.69 -44.44 -17.37
C TRP A 262 -6.59 -43.09 -16.66
N TRP A 263 -7.22 -42.97 -15.49
CA TRP A 263 -7.14 -41.75 -14.72
C TRP A 263 -5.81 -41.64 -13.96
N LYS A 264 -5.37 -42.73 -13.33
CA LYS A 264 -4.12 -42.72 -12.55
C LYS A 264 -2.90 -42.35 -13.38
N SER A 265 -2.85 -42.74 -14.65
CA SER A 265 -1.70 -42.39 -15.48
C SER A 265 -1.84 -40.96 -15.99
N ARG A 266 -2.89 -40.28 -15.53
CA ARG A 266 -3.13 -38.89 -15.91
C ARG A 266 -3.37 -38.00 -14.67
N PRO A 267 -2.36 -37.91 -13.78
CA PRO A 267 -2.55 -37.21 -12.50
C PRO A 267 -2.81 -35.71 -12.66
N TRP A 268 -2.43 -35.16 -13.81
CA TRP A 268 -2.60 -33.73 -14.05
C TRP A 268 -4.08 -33.35 -14.24
N LEU A 269 -4.95 -34.34 -14.42
CA LEU A 269 -6.36 -34.04 -14.51
C LEU A 269 -6.85 -33.57 -13.15
N LYS A 270 -6.24 -34.12 -12.11
CA LYS A 270 -6.59 -33.85 -10.73
C LYS A 270 -5.95 -32.60 -10.11
N ASP A 271 -4.89 -32.09 -10.72
CA ASP A 271 -4.10 -31.04 -10.08
C ASP A 271 -4.34 -29.68 -10.74
N SER B 7 -29.51 -45.14 -10.07
CA SER B 7 -28.19 -44.89 -10.64
C SER B 7 -27.19 -44.45 -9.56
N LYS B 8 -25.96 -44.95 -9.64
CA LYS B 8 -24.97 -44.58 -8.64
C LYS B 8 -24.18 -43.32 -9.00
N TYR B 9 -24.38 -42.75 -10.19
CA TYR B 9 -23.61 -41.58 -10.56
C TYR B 9 -24.46 -40.30 -10.66
N GLU B 10 -25.78 -40.41 -10.70
CA GLU B 10 -26.62 -39.24 -10.99
C GLU B 10 -26.73 -38.22 -9.84
N TYR B 11 -26.27 -38.59 -8.64
CA TYR B 11 -26.27 -37.67 -7.50
C TYR B 11 -25.47 -36.38 -7.84
N VAL B 12 -24.53 -36.48 -8.78
CA VAL B 12 -23.68 -35.34 -9.14
C VAL B 12 -24.51 -34.17 -9.69
N LYS B 13 -25.72 -34.49 -10.12
CA LYS B 13 -26.67 -33.50 -10.61
C LYS B 13 -27.06 -32.55 -9.48
N LEU B 14 -26.98 -33.02 -8.25
CA LEU B 14 -27.40 -32.23 -7.09
C LEU B 14 -26.45 -31.07 -6.77
N PHE B 15 -25.30 -31.01 -7.45
CA PHE B 15 -24.33 -29.94 -7.22
C PHE B 15 -24.66 -28.70 -8.06
N GLU B 16 -25.60 -28.82 -9.00
CA GLU B 16 -26.01 -27.70 -9.86
C GLU B 16 -26.79 -26.72 -9.01
N LYS B 17 -26.62 -25.43 -9.27
CA LYS B 17 -27.32 -24.40 -8.55
C LYS B 17 -27.96 -23.48 -9.58
N GLU B 18 -29.29 -23.39 -9.59
CA GLU B 18 -30.03 -22.50 -10.50
C GLU B 18 -30.24 -21.12 -9.88
N ASN B 19 -30.33 -20.10 -10.72
CA ASN B 19 -30.68 -18.77 -10.24
C ASN B 19 -31.98 -18.30 -10.96
N TYR B 20 -33.09 -18.35 -10.24
CA TYR B 20 -34.37 -17.86 -10.70
C TYR B 20 -34.47 -16.38 -10.39
N LEU B 21 -34.52 -15.56 -11.42
CA LEU B 21 -34.50 -14.11 -11.27
C LEU B 21 -35.80 -13.63 -10.65
N LEU B 22 -35.68 -12.76 -9.65
CA LEU B 22 -36.80 -12.19 -8.93
C LEU B 22 -37.98 -11.86 -9.84
N PRO B 23 -39.15 -12.45 -9.53
CA PRO B 23 -40.37 -12.24 -10.31
C PRO B 23 -40.77 -10.80 -10.37
N ASP B 24 -41.51 -10.43 -11.42
CA ASP B 24 -42.12 -9.10 -11.55
C ASP B 24 -41.09 -7.99 -11.54
N THR B 25 -39.91 -8.28 -12.05
CA THR B 25 -38.93 -7.23 -12.21
C THR B 25 -38.43 -7.19 -13.66
N TYR B 26 -38.14 -5.99 -14.13
CA TYR B 26 -37.63 -5.83 -15.47
C TYR B 26 -36.29 -6.48 -15.59
N ILE B 27 -36.08 -7.20 -16.70
CA ILE B 27 -34.79 -7.80 -16.97
C ILE B 27 -34.11 -7.12 -18.15
N ILE B 28 -32.87 -6.70 -17.95
CA ILE B 28 -32.04 -6.26 -19.05
C ILE B 28 -31.03 -7.36 -19.34
N ILE B 29 -30.93 -7.76 -20.60
CA ILE B 29 -29.81 -8.58 -21.03
C ILE B 29 -28.86 -7.75 -21.93
N ARG B 30 -27.61 -7.65 -21.50
CA ARG B 30 -26.63 -6.91 -22.28
C ARG B 30 -25.58 -7.85 -22.85
N VAL B 31 -25.38 -7.81 -24.17
CA VAL B 31 -24.32 -8.60 -24.80
C VAL B 31 -23.24 -7.67 -25.29
N ASP B 32 -22.00 -8.14 -25.23
CA ASP B 32 -20.90 -7.33 -25.71
C ASP B 32 -19.90 -8.22 -26.40
N GLY B 33 -19.46 -7.80 -27.58
CA GLY B 33 -18.53 -8.59 -28.38
C GLY B 33 -17.22 -8.88 -27.69
N LYS B 34 -16.81 -10.12 -27.78
CA LYS B 34 -15.58 -10.58 -27.16
C LYS B 34 -14.37 -10.24 -28.02
N GLY B 35 -13.44 -9.45 -27.51
CA GLY B 35 -12.23 -9.12 -28.24
C GLY B 35 -12.54 -8.46 -29.58
N PHE B 36 -13.45 -7.51 -29.62
CA PHE B 36 -13.77 -6.89 -30.86
C PHE B 36 -12.75 -5.83 -31.35
N HIS B 37 -11.76 -5.46 -30.51
CA HIS B 37 -10.64 -4.65 -31.01
C HIS B 37 -9.90 -5.44 -32.08
N LYS B 38 -9.51 -6.65 -31.72
CA LYS B 38 -8.83 -7.59 -32.59
C LYS B 38 -9.70 -8.02 -33.77
N PHE B 39 -10.98 -8.24 -33.50
CA PHE B 39 -11.91 -8.68 -34.51
C PHE B 39 -12.03 -7.60 -35.57
N SER B 40 -12.15 -6.36 -35.14
CA SER B 40 -12.31 -5.26 -36.07
C SER B 40 -11.03 -4.94 -36.86
N GLN B 41 -9.87 -5.23 -36.28
CA GLN B 41 -8.62 -5.06 -37.00
C GLN B 41 -8.44 -6.14 -38.05
N PHE B 42 -8.67 -7.39 -37.66
CA PHE B 42 -8.53 -8.51 -38.59
C PHE B 42 -9.41 -8.37 -39.84
N TYR B 43 -10.64 -7.89 -39.68
CA TYR B 43 -11.52 -7.76 -40.82
C TYR B 43 -11.50 -6.35 -41.39
N GLU B 44 -10.50 -5.58 -40.95
CA GLU B 44 -10.24 -4.26 -41.53
C GLU B 44 -11.48 -3.38 -41.51
N PHE B 45 -12.11 -3.26 -40.36
CA PHE B 45 -13.20 -2.33 -40.14
C PHE B 45 -12.75 -0.90 -40.43
N GLU B 46 -13.61 -0.06 -40.99
CA GLU B 46 -13.32 1.37 -40.97
C GLU B 46 -13.27 1.94 -39.55
N LYS B 47 -12.42 2.94 -39.39
CA LYS B 47 -12.23 3.64 -38.14
C LYS B 47 -12.57 5.11 -38.29
N PRO B 48 -13.15 5.74 -37.25
CA PRO B 48 -13.53 5.20 -35.93
C PRO B 48 -14.77 4.29 -35.95
N ASN B 49 -15.68 4.50 -36.91
CA ASN B 49 -16.91 3.68 -37.01
C ASN B 49 -17.05 2.93 -38.35
N ASP B 50 -17.35 1.64 -38.30
CA ASP B 50 -17.66 0.89 -39.53
C ASP B 50 -19.18 0.64 -39.69
N LEU B 51 -19.74 1.27 -40.71
CA LEU B 51 -21.17 1.27 -40.95
C LEU B 51 -21.76 -0.12 -41.15
N LYS B 52 -21.10 -0.94 -41.95
CA LYS B 52 -21.66 -2.24 -42.30
C LYS B 52 -21.59 -3.20 -41.12
N ALA B 53 -20.55 -3.03 -40.29
CA ALA B 53 -20.40 -3.83 -39.10
C ALA B 53 -21.56 -3.58 -38.14
N LEU B 54 -21.96 -2.31 -38.02
CA LEU B 54 -23.10 -1.91 -37.20
C LEU B 54 -24.40 -2.44 -37.82
N GLN B 55 -24.43 -2.56 -39.14
CA GLN B 55 -25.63 -3.05 -39.82
C GLN B 55 -25.79 -4.53 -39.56
N VAL B 56 -24.66 -5.23 -39.43
CA VAL B 56 -24.67 -6.63 -39.04
C VAL B 56 -25.21 -6.80 -37.61
N MET B 57 -24.74 -5.96 -36.67
CA MET B 57 -25.25 -6.01 -35.30
C MET B 57 -26.73 -5.75 -35.28
N ASN B 58 -27.17 -4.74 -36.02
CA ASN B 58 -28.58 -4.34 -36.00
C ASN B 58 -29.46 -5.40 -36.60
N SER B 59 -29.00 -6.06 -37.65
CA SER B 59 -29.79 -7.12 -38.24
C SER B 59 -29.89 -8.29 -37.25
N ALA B 60 -28.77 -8.61 -36.61
CA ALA B 60 -28.75 -9.68 -35.60
C ALA B 60 -29.75 -9.41 -34.47
N ALA B 61 -29.69 -8.21 -33.92
CA ALA B 61 -30.54 -7.83 -32.81
C ALA B 61 -32.03 -7.79 -33.22
N GLU B 62 -32.32 -7.29 -34.42
CA GLU B 62 -33.69 -7.23 -34.91
C GLU B 62 -34.26 -8.62 -35.13
N LYS B 63 -33.43 -9.52 -35.64
CA LYS B 63 -33.85 -10.91 -35.84
C LYS B 63 -34.17 -11.60 -34.49
N LEU B 64 -33.29 -11.43 -33.52
CA LEU B 64 -33.51 -11.99 -32.20
C LEU B 64 -34.81 -11.47 -31.65
N MET B 65 -34.96 -10.16 -31.75
CA MET B 65 -36.11 -9.52 -31.17
C MET B 65 -37.40 -9.95 -31.86
N SER B 66 -37.32 -10.28 -33.15
CA SER B 66 -38.53 -10.70 -33.85
C SER B 66 -38.90 -12.13 -33.45
N LYS B 67 -37.96 -12.86 -32.87
CA LYS B 67 -38.17 -14.25 -32.45
C LYS B 67 -38.76 -14.35 -31.03
N TYR B 68 -38.45 -13.35 -30.20
CA TYR B 68 -38.81 -13.38 -28.79
C TYR B 68 -39.71 -12.22 -28.38
N SER B 69 -41.01 -12.49 -28.31
CA SER B 69 -42.01 -11.45 -28.12
C SER B 69 -41.90 -10.77 -26.77
N ASP B 70 -41.16 -11.38 -25.83
CA ASP B 70 -40.94 -10.75 -24.54
C ASP B 70 -39.95 -9.58 -24.61
N VAL B 71 -39.11 -9.53 -25.65
CA VAL B 71 -38.21 -8.38 -25.83
C VAL B 71 -38.98 -7.17 -26.33
N MET B 72 -39.01 -6.11 -25.52
CA MET B 72 -39.80 -4.91 -25.81
C MET B 72 -39.01 -3.79 -26.48
N LEU B 73 -37.70 -3.77 -26.25
CA LEU B 73 -36.84 -2.67 -26.67
C LEU B 73 -35.40 -3.13 -26.70
N ALA B 74 -34.64 -2.67 -27.70
CA ALA B 74 -33.22 -2.98 -27.77
C ALA B 74 -32.39 -1.73 -28.07
N TYR B 75 -31.23 -1.59 -27.46
CA TYR B 75 -30.39 -0.45 -27.75
C TYR B 75 -28.97 -0.92 -28.00
N GLY B 76 -28.41 -0.50 -29.14
CA GLY B 76 -27.10 -0.92 -29.52
C GLY B 76 -26.20 0.21 -29.98
N ASP B 77 -24.91 0.04 -29.69
CA ASP B 77 -23.88 0.88 -30.27
C ASP B 77 -22.55 0.15 -30.12
N SER B 78 -21.59 0.45 -31.00
CA SER B 78 -20.30 -0.25 -30.95
C SER B 78 -20.55 -1.76 -31.05
N ASP B 79 -19.93 -2.57 -30.19
CA ASP B 79 -20.12 -4.02 -30.25
C ASP B 79 -21.08 -4.52 -29.13
N GLU B 80 -22.01 -3.68 -28.69
CA GLU B 80 -22.91 -4.08 -27.62
C GLU B 80 -24.38 -3.93 -27.98
N TYR B 81 -25.21 -4.75 -27.33
CA TYR B 81 -26.65 -4.62 -27.40
C TYR B 81 -27.31 -4.93 -26.03
N SER B 82 -28.31 -4.13 -25.67
CA SER B 82 -29.10 -4.34 -24.47
C SER B 82 -30.53 -4.64 -24.85
N PHE B 83 -31.11 -5.67 -24.25
CA PHE B 83 -32.49 -6.05 -24.54
C PHE B 83 -33.30 -5.97 -23.26
N LEU B 84 -34.43 -5.26 -23.33
CA LEU B 84 -35.37 -5.17 -22.23
C LEU B 84 -36.43 -6.27 -22.34
N LEU B 85 -36.50 -7.14 -21.35
CA LEU B 85 -37.55 -8.16 -21.29
C LEU B 85 -38.67 -7.65 -20.40
N ARG B 86 -39.92 -7.79 -20.81
CA ARG B 86 -41.04 -7.28 -20.01
C ARG B 86 -41.04 -7.93 -18.63
N LYS B 87 -41.53 -7.22 -17.61
CA LYS B 87 -41.29 -7.68 -16.23
C LYS B 87 -41.98 -9.00 -15.88
N ASN B 88 -43.02 -9.37 -16.62
CA ASN B 88 -43.71 -10.63 -16.34
C ASN B 88 -43.26 -11.76 -17.25
N CYS B 89 -42.10 -11.57 -17.86
CA CYS B 89 -41.46 -12.58 -18.71
C CYS B 89 -41.23 -13.94 -18.00
N GLN B 90 -41.61 -15.03 -18.67
CA GLN B 90 -41.46 -16.36 -18.10
C GLN B 90 -40.60 -17.26 -18.98
N LEU B 91 -39.87 -16.67 -19.89
CA LEU B 91 -38.93 -17.39 -20.74
C LEU B 91 -37.96 -18.24 -19.88
N TYR B 92 -37.98 -19.56 -20.08
CA TYR B 92 -37.15 -20.46 -19.28
C TYR B 92 -37.32 -20.30 -17.79
N GLU B 93 -38.55 -20.04 -17.36
CA GLU B 93 -38.85 -19.84 -15.95
C GLU B 93 -37.92 -18.79 -15.29
N ARG B 94 -37.48 -17.81 -16.07
CA ARG B 94 -36.60 -16.75 -15.57
C ARG B 94 -35.27 -17.26 -15.05
N ARG B 95 -34.80 -18.39 -15.56
CA ARG B 95 -33.48 -18.88 -15.19
C ARG B 95 -32.32 -18.09 -15.82
N GLU B 96 -31.48 -17.52 -14.96
CA GLU B 96 -30.40 -16.67 -15.41
C GLU B 96 -29.44 -17.40 -16.32
N MET B 97 -29.11 -18.64 -15.97
CA MET B 97 -28.20 -19.42 -16.81
C MET B 97 -28.79 -19.61 -18.22
N LYS B 98 -30.06 -19.96 -18.31
CA LYS B 98 -30.67 -20.17 -19.61
C LYS B 98 -30.81 -18.87 -20.43
N LEU B 99 -31.28 -17.80 -19.81
CA LEU B 99 -31.49 -16.56 -20.53
C LEU B 99 -30.21 -16.00 -21.12
N THR B 100 -29.15 -16.00 -20.33
CA THR B 100 -27.94 -15.34 -20.72
C THR B 100 -27.19 -16.17 -21.76
N THR B 101 -27.10 -17.50 -21.58
CA THR B 101 -26.34 -18.29 -22.53
C THR B 101 -27.11 -18.44 -23.83
N LEU B 102 -28.43 -18.33 -23.77
CA LEU B 102 -29.22 -18.35 -24.98
C LEU B 102 -28.97 -17.07 -25.77
N PHE B 103 -29.00 -15.92 -25.09
CA PHE B 103 -28.76 -14.66 -25.77
C PHE B 103 -27.35 -14.55 -26.35
N SER B 104 -26.32 -15.03 -25.65
CA SER B 104 -24.97 -14.90 -26.19
C SER B 104 -24.80 -15.83 -27.40
N SER B 105 -25.41 -16.99 -27.31
CA SER B 105 -25.44 -17.94 -28.40
C SER B 105 -26.26 -17.40 -29.59
N LEU B 106 -27.44 -16.84 -29.31
CA LEU B 106 -28.27 -16.27 -30.38
C LEU B 106 -27.59 -15.10 -31.11
N MET B 107 -27.04 -14.12 -30.39
CA MET B 107 -26.36 -12.97 -31.03
C MET B 107 -25.15 -13.42 -31.83
N SER B 108 -24.42 -14.41 -31.30
CA SER B 108 -23.24 -14.92 -31.98
C SER B 108 -23.53 -15.53 -33.35
N THR B 109 -24.53 -16.39 -33.38
CA THR B 109 -24.85 -17.11 -34.59
C THR B 109 -25.61 -16.24 -35.59
N TYR B 110 -26.49 -15.37 -35.10
CA TYR B 110 -27.16 -14.40 -35.96
C TYR B 110 -26.14 -13.47 -36.61
N TYR B 111 -25.11 -13.09 -35.85
CA TYR B 111 -24.05 -12.25 -36.36
C TYR B 111 -23.29 -12.95 -37.48
N MET B 112 -22.91 -14.22 -37.25
CA MET B 112 -22.21 -15.00 -38.27
C MET B 112 -23.04 -15.15 -39.53
N TYR B 113 -24.34 -15.40 -39.37
CA TYR B 113 -25.23 -15.52 -40.49
C TYR B 113 -25.27 -14.21 -41.28
N PHE B 114 -25.51 -13.09 -40.61
CA PHE B 114 -25.65 -11.81 -41.30
C PHE B 114 -24.34 -11.25 -41.82
N TRP B 115 -23.23 -11.66 -41.23
CA TRP B 115 -21.92 -11.25 -41.70
C TRP B 115 -21.70 -11.70 -43.13
N SER B 116 -22.04 -12.94 -43.41
CA SER B 116 -21.84 -13.50 -44.73
C SER B 116 -22.71 -12.81 -45.80
N GLN B 117 -23.80 -12.14 -45.40
CA GLN B 117 -24.61 -11.32 -46.32
C GLN B 117 -23.95 -9.97 -46.61
N TYR B 118 -23.47 -9.29 -45.56
CA TYR B 118 -22.89 -7.94 -45.67
C TYR B 118 -21.42 -7.88 -46.07
N PHE B 119 -20.65 -8.93 -45.80
CA PHE B 119 -19.25 -8.97 -46.16
C PHE B 119 -18.91 -10.27 -46.91
N PRO B 120 -19.48 -10.46 -48.11
CA PRO B 120 -19.22 -11.71 -48.85
C PRO B 120 -17.73 -11.88 -49.19
N ASP B 121 -17.01 -10.77 -49.26
CA ASP B 121 -15.60 -10.75 -49.61
C ASP B 121 -14.63 -10.91 -48.44
N LYS B 122 -15.18 -10.93 -47.23
CA LYS B 122 -14.37 -11.14 -46.04
C LYS B 122 -14.85 -12.37 -45.30
N PRO B 123 -14.56 -13.56 -45.84
CA PRO B 123 -15.00 -14.79 -45.17
C PRO B 123 -14.41 -14.90 -43.76
N LEU B 124 -15.18 -15.47 -42.85
CA LEU B 124 -14.76 -15.57 -41.47
C LEU B 124 -13.66 -16.62 -41.31
N HIS B 125 -12.65 -16.27 -40.53
CA HIS B 125 -11.54 -17.14 -40.20
C HIS B 125 -11.80 -17.86 -38.88
N ILE B 126 -11.35 -19.12 -38.80
CA ILE B 126 -11.66 -19.97 -37.65
C ILE B 126 -11.16 -19.37 -36.33
N ASP B 127 -10.13 -18.53 -36.39
CA ASP B 127 -9.58 -17.96 -35.17
C ASP B 127 -10.14 -16.58 -34.90
N HIS B 128 -11.10 -16.12 -35.72
CA HIS B 128 -11.69 -14.81 -35.52
C HIS B 128 -13.20 -14.82 -35.77
N LEU B 129 -13.90 -15.66 -35.02
CA LEU B 129 -15.36 -15.68 -35.09
C LEU B 129 -15.99 -14.65 -34.16
N PRO B 130 -17.18 -14.15 -34.50
CA PRO B 130 -17.81 -13.18 -33.59
C PRO B 130 -18.48 -13.83 -32.36
N ASN B 131 -17.90 -13.64 -31.18
CA ASN B 131 -18.43 -14.13 -29.92
C ASN B 131 -18.89 -12.99 -29.01
N PHE B 132 -19.85 -13.32 -28.14
CA PHE B 132 -20.48 -12.35 -27.24
C PHE B 132 -20.55 -12.90 -25.82
N ASP B 133 -20.41 -12.01 -24.83
CA ASP B 133 -20.78 -12.40 -23.48
C ASP B 133 -22.26 -12.01 -23.33
N ALA B 134 -22.86 -12.31 -22.18
CA ALA B 134 -24.20 -11.81 -21.91
C ALA B 134 -24.48 -11.79 -20.40
N ARG B 135 -25.04 -10.72 -19.91
CA ARG B 135 -25.37 -10.66 -18.50
C ARG B 135 -26.81 -10.19 -18.34
N ALA B 136 -27.41 -10.63 -17.25
CA ALA B 136 -28.76 -10.23 -16.84
C ALA B 136 -28.69 -9.25 -15.69
N VAL B 137 -29.49 -8.17 -15.75
CA VAL B 137 -29.58 -7.24 -14.63
C VAL B 137 -31.05 -6.98 -14.35
N LEU B 138 -31.41 -6.97 -13.07
CA LEU B 138 -32.77 -6.73 -12.62
C LEU B 138 -32.99 -5.28 -12.24
N TYR B 139 -34.11 -4.73 -12.63
CA TYR B 139 -34.48 -3.38 -12.25
C TYR B 139 -35.92 -3.42 -11.84
N PRO B 140 -36.21 -3.02 -10.58
CA PRO B 140 -37.51 -3.13 -9.88
C PRO B 140 -38.50 -2.01 -10.20
N ASP B 141 -38.05 -0.98 -10.91
CA ASP B 141 -38.90 0.18 -11.22
C ASP B 141 -38.54 0.69 -12.64
N PHE B 142 -39.55 1.11 -13.40
CA PHE B 142 -39.32 1.51 -14.79
C PHE B 142 -38.44 2.76 -14.92
N LYS B 143 -38.42 3.62 -13.90
CA LYS B 143 -37.54 4.79 -13.97
C LYS B 143 -36.08 4.35 -14.05
N HIS B 144 -35.75 3.17 -13.51
CA HIS B 144 -34.37 2.68 -13.60
C HIS B 144 -34.10 2.15 -15.01
N ILE B 145 -35.16 1.69 -15.68
CA ILE B 145 -35.06 1.27 -17.07
C ILE B 145 -34.78 2.49 -17.97
N ARG B 146 -35.48 3.59 -17.71
CA ARG B 146 -35.21 4.87 -18.37
C ARG B 146 -33.77 5.31 -18.18
N ASN B 147 -33.33 5.31 -16.92
CA ASN B 147 -31.98 5.71 -16.59
C ASN B 147 -30.97 4.75 -17.16
N TYR B 148 -31.34 3.48 -17.29
CA TYR B 148 -30.44 2.50 -17.87
C TYR B 148 -30.19 2.82 -19.36
N PHE B 149 -31.25 3.03 -20.14
CA PHE B 149 -31.05 3.30 -21.57
C PHE B 149 -30.42 4.70 -21.80
N SER B 150 -30.76 5.66 -20.95
CA SER B 150 -30.04 6.92 -20.94
C SER B 150 -28.55 6.71 -20.68
N TRP B 151 -28.22 5.88 -19.70
CA TRP B 151 -26.83 5.57 -19.41
C TRP B 151 -26.10 5.04 -20.63
N ARG B 152 -26.73 4.11 -21.37
CA ARG B 152 -26.07 3.50 -22.50
C ARG B 152 -25.93 4.49 -23.65
N GLN B 153 -26.91 5.37 -23.82
CA GLN B 153 -26.88 6.33 -24.91
C GLN B 153 -25.86 7.44 -24.65
N VAL B 154 -25.75 7.87 -23.40
CA VAL B 154 -24.73 8.82 -22.99
C VAL B 154 -23.36 8.21 -23.21
N ASP B 155 -23.25 6.93 -22.90
CA ASP B 155 -21.99 6.23 -23.10
C ASP B 155 -21.62 6.09 -24.57
N CYS B 156 -22.63 6.00 -25.43
CA CYS B 156 -22.43 5.97 -26.85
C CYS B 156 -21.84 7.29 -27.30
N HIS B 157 -22.40 8.37 -26.79
CA HIS B 157 -21.96 9.72 -27.06
C HIS B 157 -20.51 9.94 -26.62
N ILE B 158 -20.22 9.62 -25.36
CA ILE B 158 -18.91 9.81 -24.77
C ILE B 158 -17.85 9.04 -25.55
N ASN B 159 -18.15 7.77 -25.86
CA ASN B 159 -17.20 6.91 -26.54
C ASN B 159 -17.06 7.26 -28.02
N ASN B 160 -18.13 7.70 -28.66
CA ASN B 160 -18.04 8.03 -30.05
C ASN B 160 -17.23 9.32 -30.20
N LEU B 161 -17.40 10.25 -29.27
CA LEU B 161 -16.65 11.50 -29.22
C LEU B 161 -15.15 11.24 -29.04
N TYR B 162 -14.85 10.32 -28.13
CA TYR B 162 -13.48 9.96 -27.83
C TYR B 162 -12.74 9.36 -29.02
N ASN B 163 -13.36 8.36 -29.63
CA ASN B 163 -12.81 7.65 -30.77
C ASN B 163 -12.74 8.48 -32.04
N THR B 164 -13.72 9.34 -32.25
CA THR B 164 -13.73 10.20 -33.42
C THR B 164 -12.63 11.27 -33.30
N THR B 165 -12.51 11.86 -32.12
CA THR B 165 -11.51 12.87 -31.82
C THR B 165 -10.12 12.26 -31.90
N PHE B 166 -9.94 11.10 -31.26
CA PHE B 166 -8.65 10.45 -31.23
C PHE B 166 -8.14 10.20 -32.65
N TRP B 167 -8.98 9.59 -33.48
CA TRP B 167 -8.54 9.15 -34.80
C TRP B 167 -8.43 10.29 -35.80
N ASN B 168 -9.18 11.37 -35.59
CA ASN B 168 -8.99 12.55 -36.41
C ASN B 168 -7.74 13.34 -36.02
N LEU B 169 -7.38 13.35 -34.73
CA LEU B 169 -6.10 13.92 -34.31
C LEU B 169 -4.94 13.18 -35.00
N VAL B 170 -5.09 11.86 -35.13
CA VAL B 170 -4.05 11.07 -35.78
C VAL B 170 -4.05 11.28 -37.28
N LEU B 171 -5.23 11.25 -37.91
CA LEU B 171 -5.33 11.29 -39.38
C LEU B 171 -5.26 12.72 -39.93
N LYS B 172 -5.92 13.69 -39.29
CA LYS B 172 -5.83 15.08 -39.75
C LYS B 172 -4.58 15.84 -39.29
N LEU B 173 -4.26 15.81 -38.00
CA LEU B 173 -3.10 16.54 -37.50
C LEU B 173 -1.83 15.71 -37.50
N LYS B 174 -1.91 14.48 -38.00
CA LYS B 174 -0.74 13.60 -38.10
C LYS B 174 -0.04 13.38 -36.76
N MET B 175 -0.79 13.46 -35.68
CA MET B 175 -0.26 13.11 -34.37
C MET B 175 -0.05 11.61 -34.26
N THR B 176 0.90 11.25 -33.43
CA THR B 176 1.08 9.87 -33.03
C THR B 176 -0.01 9.48 -32.02
N PRO B 177 -0.25 8.18 -31.86
CA PRO B 177 -1.17 7.77 -30.79
C PRO B 177 -0.89 8.42 -29.43
N GLN B 178 0.34 8.47 -28.95
CA GLN B 178 0.59 9.08 -27.64
C GLN B 178 0.30 10.57 -27.61
N GLN B 179 0.60 11.27 -28.70
CA GLN B 179 0.41 12.70 -28.73
C GLN B 179 -1.08 13.03 -28.78
N ALA B 180 -1.85 12.21 -29.48
CA ALA B 180 -3.29 12.35 -29.48
C ALA B 180 -3.88 12.07 -28.08
N GLU B 181 -3.37 11.06 -27.39
CA GLU B 181 -3.88 10.71 -26.07
C GLU B 181 -3.57 11.85 -25.11
N GLN B 182 -2.35 12.38 -25.23
CA GLN B 182 -1.89 13.49 -24.39
C GLN B 182 -2.75 14.74 -24.62
N ARG B 183 -3.16 15.00 -25.87
CA ARG B 183 -4.05 16.13 -26.16
C ARG B 183 -5.43 15.99 -25.52
N LEU B 184 -5.87 14.75 -25.36
CA LEU B 184 -7.23 14.47 -24.89
C LEU B 184 -7.35 14.31 -23.37
N MET B 185 -6.22 14.19 -22.68
CA MET B 185 -6.22 14.07 -21.21
C MET B 185 -6.92 15.21 -20.48
N GLY B 186 -7.85 14.88 -19.61
CA GLY B 186 -8.55 15.90 -18.86
C GLY B 186 -9.85 16.35 -19.49
N THR B 187 -9.84 16.47 -20.81
CA THR B 187 -10.97 17.00 -21.59
C THR B 187 -12.32 16.34 -21.29
N VAL B 188 -13.39 17.14 -21.28
CA VAL B 188 -14.76 16.63 -21.15
C VAL B 188 -15.41 16.68 -22.55
N ALA B 189 -16.66 16.23 -22.66
CA ALA B 189 -17.31 16.07 -23.96
C ALA B 189 -17.35 17.35 -24.83
N SER B 190 -17.65 18.50 -24.21
CA SER B 190 -17.71 19.75 -24.96
C SER B 190 -16.33 20.13 -25.50
N ASP B 191 -15.31 19.80 -24.72
CA ASP B 191 -13.93 20.04 -25.13
C ASP B 191 -13.57 19.20 -26.35
N LYS B 192 -13.94 17.92 -26.33
CA LYS B 192 -13.64 17.05 -27.45
C LYS B 192 -14.38 17.53 -28.70
N ASN B 193 -15.62 17.97 -28.52
CA ASN B 193 -16.38 18.52 -29.64
C ASN B 193 -15.67 19.74 -30.23
N GLU B 194 -15.16 20.60 -29.36
CA GLU B 194 -14.40 21.78 -29.79
C GLU B 194 -13.05 21.42 -30.43
N ILE B 195 -12.36 20.44 -29.85
CA ILE B 195 -11.09 19.97 -30.40
C ILE B 195 -11.28 19.49 -31.84
N LEU B 196 -12.36 18.75 -32.09
CA LEU B 196 -12.68 18.28 -33.43
C LEU B 196 -12.89 19.41 -34.43
N PHE B 197 -13.65 20.42 -34.05
CA PHE B 197 -13.99 21.52 -34.94
C PHE B 197 -12.77 22.41 -35.19
N LYS B 198 -12.22 22.97 -34.10
CA LYS B 198 -11.14 23.96 -34.19
C LYS B 198 -9.78 23.38 -34.58
N GLU B 199 -9.45 22.19 -34.10
CA GLU B 199 -8.13 21.64 -34.40
C GLU B 199 -8.15 20.61 -35.51
N CYS B 200 -9.21 19.80 -35.62
CA CYS B 200 -9.17 18.72 -36.60
C CYS B 200 -9.95 19.07 -37.86
N GLY B 201 -10.76 20.13 -37.82
CA GLY B 201 -11.56 20.47 -38.98
C GLY B 201 -12.65 19.44 -39.28
N VAL B 202 -13.20 18.82 -38.23
CA VAL B 202 -14.32 17.88 -38.40
C VAL B 202 -15.48 18.46 -37.62
N ASN B 203 -16.64 18.60 -38.25
CA ASN B 203 -17.84 19.04 -37.52
C ASN B 203 -18.60 17.81 -37.01
N TYR B 204 -18.53 17.61 -35.69
CA TYR B 204 -19.07 16.42 -35.06
C TYR B 204 -20.57 16.29 -35.30
N ASN B 205 -21.27 17.43 -35.25
CA ASN B 205 -22.70 17.42 -35.45
C ASN B 205 -23.10 16.87 -36.82
N ASN B 206 -22.18 16.90 -37.79
CA ASN B 206 -22.49 16.37 -39.13
C ASN B 206 -22.23 14.87 -39.27
N GLU B 207 -21.69 14.25 -38.23
CA GLU B 207 -21.55 12.80 -38.21
C GLU B 207 -22.93 12.12 -38.32
N SER B 208 -22.95 10.93 -38.90
CA SER B 208 -24.18 10.12 -38.97
C SER B 208 -24.93 10.01 -37.63
N GLU B 209 -26.26 10.08 -37.67
CA GLU B 209 -27.04 9.94 -36.44
C GLU B 209 -26.83 8.58 -35.77
N MET B 210 -26.65 7.52 -36.55
CA MET B 210 -26.38 6.21 -35.98
C MET B 210 -25.10 6.21 -35.15
N TYR B 211 -24.04 6.82 -35.65
CA TYR B 211 -22.77 6.86 -34.92
C TYR B 211 -22.92 7.66 -33.66
N LYS B 212 -23.71 8.73 -33.74
CA LYS B 212 -23.89 9.65 -32.63
C LYS B 212 -24.85 9.16 -31.56
N LYS B 213 -25.95 8.54 -31.99
CA LYS B 213 -27.08 8.23 -31.11
C LYS B 213 -27.20 6.73 -30.80
N GLY B 214 -26.65 5.92 -31.69
CA GLY B 214 -26.78 4.48 -31.61
C GLY B 214 -28.05 4.05 -32.27
N THR B 215 -28.48 2.82 -31.95
CA THR B 215 -29.66 2.24 -32.57
C THR B 215 -30.69 1.70 -31.55
N ILE B 216 -31.92 2.16 -31.72
CA ILE B 216 -33.07 1.70 -30.95
C ILE B 216 -34.01 0.86 -31.80
N ILE B 217 -34.28 -0.35 -31.34
CA ILE B 217 -35.29 -1.20 -31.95
C ILE B 217 -36.47 -1.36 -30.99
N VAL B 218 -37.65 -0.93 -31.42
CA VAL B 218 -38.78 -0.98 -30.52
C VAL B 218 -39.98 -1.65 -31.17
N ARG B 219 -40.70 -2.43 -30.37
CA ARG B 219 -41.95 -3.05 -30.77
C ARG B 219 -43.04 -1.99 -30.71
N GLU B 220 -43.74 -1.78 -31.83
CA GLU B 220 -44.77 -0.76 -31.86
C GLU B 220 -46.16 -1.41 -31.87
N PHE B 221 -47.05 -0.94 -31.00
CA PHE B 221 -48.43 -1.39 -31.01
C PHE B 221 -49.31 -0.21 -31.38
N GLU B 222 -50.36 -0.46 -32.15
CA GLU B 222 -51.23 0.62 -32.63
C GLU B 222 -52.47 0.83 -31.75
N ASN B 223 -53.25 -0.23 -31.57
CA ASN B 223 -54.47 -0.16 -30.79
C ASN B 223 -54.28 -0.74 -29.40
N TYR B 224 -53.41 -0.10 -28.63
CA TYR B 224 -53.04 -0.62 -27.32
C TYR B 224 -54.07 -0.24 -26.26
N ALA B 247 -46.98 -7.51 -34.20
CA ALA B 247 -46.50 -6.14 -34.01
C ALA B 247 -45.27 -5.86 -34.87
N GLU B 248 -44.94 -4.59 -35.01
CA GLU B 248 -43.90 -4.19 -35.94
C GLU B 248 -42.64 -3.73 -35.23
N LEU B 249 -41.48 -4.08 -35.76
CA LEU B 249 -40.22 -3.61 -35.22
C LEU B 249 -39.74 -2.41 -36.01
N LYS B 250 -39.60 -1.28 -35.35
CA LYS B 250 -39.08 -0.10 -36.01
C LYS B 250 -37.75 0.29 -35.42
N ILE B 251 -36.87 0.77 -36.28
CA ILE B 251 -35.51 1.14 -35.93
C ILE B 251 -35.39 2.66 -35.90
N TYR B 252 -34.76 3.19 -34.86
CA TYR B 252 -34.59 4.63 -34.71
C TYR B 252 -33.17 4.98 -34.35
N HIS B 253 -32.77 6.18 -34.72
CA HIS B 253 -31.49 6.72 -34.30
C HIS B 253 -31.77 8.09 -33.70
N VAL B 254 -32.47 8.12 -32.56
CA VAL B 254 -32.94 9.36 -31.99
C VAL B 254 -32.52 9.41 -30.53
N ASP B 255 -32.51 10.60 -29.97
CA ASP B 255 -32.32 10.77 -28.54
C ASP B 255 -33.48 10.14 -27.77
N ILE B 256 -33.17 9.38 -26.72
CA ILE B 256 -34.20 8.89 -25.82
C ILE B 256 -33.97 9.36 -24.38
N ILE B 257 -32.88 10.11 -24.16
CA ILE B 257 -32.56 10.62 -22.83
C ILE B 257 -33.56 11.70 -22.33
N ASN B 258 -33.81 12.72 -23.15
CA ASN B 258 -34.59 13.88 -22.71
C ASN B 258 -35.99 13.98 -23.30
N ASP B 259 -36.30 13.11 -24.26
CA ASP B 259 -37.60 13.11 -24.89
C ASP B 259 -38.57 12.21 -24.10
N ASP B 260 -39.17 12.76 -23.05
CA ASP B 260 -40.09 12.00 -22.21
C ASP B 260 -41.29 11.47 -22.97
N SER B 261 -41.73 12.25 -23.95
CA SER B 261 -42.90 11.90 -24.75
C SER B 261 -42.67 10.63 -25.59
N TRP B 262 -41.43 10.39 -26.00
CA TRP B 262 -41.09 9.15 -26.70
C TRP B 262 -41.46 7.92 -25.84
N TRP B 263 -41.15 8.00 -24.56
CA TRP B 263 -41.43 6.92 -23.61
C TRP B 263 -42.89 6.91 -23.23
N LYS B 264 -43.41 8.09 -22.91
CA LYS B 264 -44.76 8.27 -22.41
C LYS B 264 -45.81 7.75 -23.40
N SER B 265 -45.55 7.92 -24.70
CA SER B 265 -46.49 7.46 -25.72
C SER B 265 -46.33 5.98 -26.00
N ARG B 266 -45.46 5.31 -25.25
CA ARG B 266 -45.26 3.88 -25.42
C ARG B 266 -45.44 3.08 -24.10
N PRO B 267 -46.65 3.12 -23.53
CA PRO B 267 -46.86 2.51 -22.21
C PRO B 267 -46.63 0.99 -22.15
N TRP B 268 -46.65 0.31 -23.30
CA TRP B 268 -46.45 -1.14 -23.31
C TRP B 268 -45.02 -1.54 -22.95
N LEU B 269 -44.10 -0.58 -23.00
CA LEU B 269 -42.73 -0.84 -22.58
C LEU B 269 -42.72 -1.07 -21.09
N LYS B 270 -43.63 -0.39 -20.38
CA LYS B 270 -43.73 -0.56 -18.94
C LYS B 270 -44.55 -1.79 -18.60
N ASP B 271 -45.45 -2.16 -19.51
CA ASP B 271 -46.51 -3.16 -19.27
C ASP B 271 -46.70 -4.18 -20.37
N SER C 7 -55.41 -19.94 -1.52
CA SER C 7 -55.12 -18.63 -0.96
C SER C 7 -54.64 -17.69 -2.07
N LYS C 8 -55.18 -16.48 -2.10
CA LYS C 8 -54.83 -15.55 -3.16
C LYS C 8 -53.58 -14.75 -2.81
N TYR C 9 -53.08 -14.90 -1.59
CA TYR C 9 -51.97 -14.08 -1.15
C TYR C 9 -50.67 -14.86 -1.01
N GLU C 10 -50.73 -16.18 -1.05
CA GLU C 10 -49.56 -16.98 -0.74
C GLU C 10 -48.50 -16.99 -1.83
N TYR C 11 -48.80 -16.44 -3.01
CA TYR C 11 -47.79 -16.35 -4.07
C TYR C 11 -46.53 -15.58 -3.60
N VAL C 12 -46.67 -14.69 -2.61
CA VAL C 12 -45.54 -13.90 -2.15
C VAL C 12 -44.42 -14.76 -1.57
N LYS C 13 -44.75 -16.01 -1.27
CA LYS C 13 -43.75 -16.97 -0.80
C LYS C 13 -42.70 -17.25 -1.88
N LEU C 14 -43.11 -17.12 -3.14
CA LEU C 14 -42.26 -17.43 -4.27
C LEU C 14 -41.12 -16.44 -4.50
N PHE C 15 -41.10 -15.33 -3.77
CA PHE C 15 -40.03 -14.35 -3.92
C PHE C 15 -38.82 -14.70 -3.03
N GLU C 16 -39.00 -15.69 -2.16
CA GLU C 16 -37.90 -16.13 -1.27
C GLU C 16 -36.84 -16.86 -2.08
N LYS C 17 -35.59 -16.66 -1.72
CA LYS C 17 -34.51 -17.32 -2.41
C LYS C 17 -33.66 -18.03 -1.37
N GLU C 18 -33.61 -19.35 -1.41
CA GLU C 18 -32.75 -20.12 -0.51
C GLU C 18 -31.37 -20.28 -1.12
N ASN C 19 -30.35 -20.37 -0.28
CA ASN C 19 -29.00 -20.71 -0.74
C ASN C 19 -28.55 -22.01 -0.06
N TYR C 20 -28.61 -23.12 -0.80
CA TYR C 20 -28.16 -24.42 -0.32
C TYR C 20 -26.67 -24.53 -0.56
N LEU C 21 -25.90 -24.59 0.51
CA LEU C 21 -24.46 -24.56 0.39
C LEU C 21 -23.98 -25.85 -0.30
N LEU C 22 -23.06 -25.68 -1.25
CA LEU C 22 -22.45 -26.76 -2.01
C LEU C 22 -22.16 -28.02 -1.18
N PRO C 23 -22.70 -29.18 -1.59
CA PRO C 23 -22.50 -30.42 -0.86
C PRO C 23 -21.04 -30.79 -0.73
N ASP C 24 -20.74 -31.57 0.32
CA ASP C 24 -19.45 -32.19 0.53
C ASP C 24 -18.30 -31.19 0.66
N THR C 25 -18.58 -30.01 1.19
CA THR C 25 -17.52 -29.03 1.44
C THR C 25 -17.57 -28.60 2.90
N TYR C 26 -16.40 -28.28 3.46
CA TYR C 26 -16.33 -27.81 4.84
C TYR C 26 -17.03 -26.48 4.97
N ILE C 27 -17.82 -26.36 6.03
CA ILE C 27 -18.44 -25.09 6.36
C ILE C 27 -17.84 -24.54 7.64
N ILE C 28 -17.41 -23.29 7.55
CA ILE C 28 -17.03 -22.50 8.70
C ILE C 28 -18.11 -21.47 8.97
N ILE C 29 -18.53 -21.40 10.22
CA ILE C 29 -19.36 -20.32 10.68
C ILE C 29 -18.56 -19.44 11.69
N ARG C 30 -18.45 -18.16 11.40
CA ARG C 30 -17.76 -17.23 12.27
C ARG C 30 -18.78 -16.26 12.83
N VAL C 31 -18.83 -16.10 14.14
CA VAL C 31 -19.69 -15.08 14.72
C VAL C 31 -18.78 -14.08 15.36
N ASP C 32 -19.18 -12.82 15.32
CA ASP C 32 -18.36 -11.81 15.93
C ASP C 32 -19.24 -10.77 16.57
N GLY C 33 -18.93 -10.41 17.82
CA GLY C 33 -19.72 -9.46 18.58
C GLY C 33 -19.86 -8.09 17.91
N LYS C 34 -21.09 -7.60 17.89
CA LYS C 34 -21.36 -6.30 17.29
C LYS C 34 -21.06 -5.17 18.29
N GLY C 35 -20.12 -4.30 17.93
CA GLY C 35 -19.77 -3.16 18.77
C GLY C 35 -19.27 -3.53 20.15
N PHE C 36 -18.43 -4.56 20.24
CA PHE C 36 -17.94 -5.01 21.53
C PHE C 36 -16.81 -4.11 22.11
N HIS C 37 -16.30 -3.16 21.33
N HIS C 37 -16.32 -3.14 21.33
CA HIS C 37 -15.45 -2.10 21.89
CA HIS C 37 -15.46 -2.12 21.91
C HIS C 37 -16.26 -1.25 22.85
C HIS C 37 -16.29 -1.27 22.87
N LYS C 38 -17.37 -0.71 22.34
CA LYS C 38 -18.30 0.08 23.14
C LYS C 38 -18.94 -0.76 24.26
N PHE C 39 -19.27 -2.01 23.95
CA PHE C 39 -19.89 -2.92 24.90
C PHE C 39 -18.95 -3.19 26.08
N SER C 40 -17.68 -3.44 25.77
CA SER C 40 -16.70 -3.72 26.83
C SER C 40 -16.37 -2.47 27.65
N GLN C 41 -16.56 -1.29 27.07
CA GLN C 41 -16.42 -0.06 27.86
C GLN C 41 -17.60 0.10 28.80
N PHE C 42 -18.80 -0.06 28.28
CA PHE C 42 -19.98 0.16 29.09
C PHE C 42 -20.05 -0.72 30.36
N TYR C 43 -19.65 -1.97 30.25
CA TYR C 43 -19.71 -2.87 31.40
C TYR C 43 -18.36 -2.98 32.10
N GLU C 44 -17.47 -2.05 31.75
CA GLU C 44 -16.17 -1.88 32.37
C GLU C 44 -15.34 -3.16 32.42
N PHE C 45 -15.15 -3.81 31.27
CA PHE C 45 -14.26 -4.97 31.19
C PHE C 45 -12.87 -4.64 31.72
N GLU C 46 -12.21 -5.59 32.37
CA GLU C 46 -10.79 -5.43 32.61
C GLU C 46 -10.05 -5.41 31.27
N LYS C 47 -8.97 -4.65 31.26
CA LYS C 47 -8.10 -4.46 30.11
C LYS C 47 -6.67 -4.88 30.43
N PRO C 48 -5.96 -5.47 29.46
CA PRO C 48 -6.41 -5.75 28.09
C PRO C 48 -7.44 -6.88 27.98
N ASN C 49 -7.36 -7.89 28.84
CA ASN C 49 -8.29 -9.02 28.71
C ASN C 49 -9.16 -9.19 29.96
N ASP C 50 -10.46 -9.33 29.75
CA ASP C 50 -11.35 -9.66 30.86
C ASP C 50 -11.59 -11.17 30.89
N LEU C 51 -11.05 -11.84 31.90
CA LEU C 51 -11.07 -13.30 31.98
C LEU C 51 -12.47 -13.85 31.99
N LYS C 52 -13.33 -13.24 32.81
CA LYS C 52 -14.68 -13.75 32.95
C LYS C 52 -15.50 -13.48 31.69
N ALA C 53 -15.25 -12.37 31.01
CA ALA C 53 -15.92 -12.12 29.75
C ALA C 53 -15.54 -13.18 28.72
N LEU C 54 -14.27 -13.57 28.69
CA LEU C 54 -13.84 -14.67 27.82
C LEU C 54 -14.47 -16.01 28.24
N GLN C 55 -14.71 -16.18 29.55
CA GLN C 55 -15.32 -17.42 30.04
C GLN C 55 -16.79 -17.48 29.65
N VAL C 56 -17.44 -16.32 29.58
CA VAL C 56 -18.79 -16.24 29.04
C VAL C 56 -18.82 -16.69 27.57
N MET C 57 -17.88 -16.18 26.75
CA MET C 57 -17.79 -16.62 25.36
C MET C 57 -17.52 -18.11 25.24
N ASN C 58 -16.57 -18.61 26.03
CA ASN C 58 -16.20 -20.03 25.94
C ASN C 58 -17.33 -20.97 26.39
N SER C 59 -18.10 -20.54 27.39
CA SER C 59 -19.24 -21.32 27.83
C SER C 59 -20.31 -21.37 26.74
N ALA C 60 -20.59 -20.23 26.13
CA ALA C 60 -21.55 -20.17 25.01
C ALA C 60 -21.12 -21.12 23.88
N ALA C 61 -19.87 -21.00 23.44
CA ALA C 61 -19.36 -21.83 22.36
C ALA C 61 -19.35 -23.31 22.73
N GLU C 62 -18.96 -23.64 23.97
CA GLU C 62 -18.96 -25.05 24.38
C GLU C 62 -20.41 -25.59 24.42
N LYS C 63 -21.34 -24.76 24.87
CA LYS C 63 -22.75 -25.15 24.90
C LYS C 63 -23.33 -25.39 23.49
N LEU C 64 -23.04 -24.48 22.57
CA LEU C 64 -23.51 -24.64 21.22
C LEU C 64 -23.01 -25.96 20.63
N MET C 65 -21.73 -26.20 20.85
CA MET C 65 -21.05 -27.35 20.28
C MET C 65 -21.57 -28.68 20.85
N SER C 66 -22.03 -28.65 22.11
CA SER C 66 -22.52 -29.84 22.77
C SER C 66 -23.93 -30.17 22.28
N LYS C 67 -24.60 -29.17 21.71
CA LYS C 67 -25.92 -29.30 21.14
C LYS C 67 -25.89 -29.74 19.65
N TYR C 68 -24.83 -29.39 18.92
CA TYR C 68 -24.74 -29.71 17.49
C TYR C 68 -23.53 -30.56 17.17
N SER C 69 -23.75 -31.86 17.04
CA SER C 69 -22.68 -32.82 16.85
C SER C 69 -21.96 -32.68 15.49
N ASP C 70 -22.54 -31.90 14.58
CA ASP C 70 -21.83 -31.67 13.33
C ASP C 70 -20.66 -30.68 13.53
N VAL C 71 -20.68 -29.91 14.62
CA VAL C 71 -19.57 -29.03 14.94
C VAL C 71 -18.38 -29.83 15.50
N MET C 72 -17.28 -29.87 14.75
CA MET C 72 -16.14 -30.72 15.09
C MET C 72 -15.04 -29.95 15.83
N LEU C 73 -15.03 -28.64 15.64
CA LEU C 73 -13.96 -27.81 16.17
C LEU C 73 -14.43 -26.38 16.28
N ALA C 74 -14.03 -25.72 17.35
CA ALA C 74 -14.34 -24.32 17.51
C ALA C 74 -13.09 -23.59 17.99
N TYR C 75 -12.89 -22.39 17.48
CA TYR C 75 -11.77 -21.56 17.91
C TYR C 75 -12.24 -20.16 18.22
N GLY C 76 -11.87 -19.66 19.39
CA GLY C 76 -12.28 -18.33 19.82
C GLY C 76 -11.19 -17.45 20.45
N ASP C 77 -11.39 -16.16 20.31
CA ASP C 77 -10.65 -15.14 21.06
C ASP C 77 -11.38 -13.83 20.96
N SER C 78 -11.14 -12.94 21.92
CA SER C 78 -11.79 -11.65 21.91
C SER C 78 -13.30 -11.89 21.79
N ASP C 79 -13.97 -11.22 20.85
CA ASP C 79 -15.42 -11.36 20.70
C ASP C 79 -15.85 -12.22 19.49
N GLU C 80 -14.99 -13.14 19.06
CA GLU C 80 -15.32 -13.95 17.89
C GLU C 80 -15.25 -15.43 18.23
N TYR C 81 -16.01 -16.25 17.52
CA TYR C 81 -15.85 -17.70 17.60
C TYR C 81 -16.07 -18.27 16.20
N SER C 82 -15.24 -19.23 15.81
CA SER C 82 -15.38 -19.89 14.52
C SER C 82 -15.71 -21.37 14.73
N PHE C 83 -16.69 -21.88 14.01
CA PHE C 83 -17.09 -23.28 14.13
C PHE C 83 -16.91 -24.04 12.83
N LEU C 84 -16.21 -25.16 12.93
CA LEU C 84 -16.07 -26.06 11.81
C LEU C 84 -17.20 -27.14 11.82
N LEU C 85 -17.98 -27.17 10.75
CA LEU C 85 -19.00 -28.18 10.49
C LEU C 85 -18.42 -29.25 9.58
N ARG C 86 -18.63 -30.53 9.90
CA ARG C 86 -18.05 -31.60 9.08
C ARG C 86 -18.62 -31.51 7.67
N LYS C 87 -17.84 -31.95 6.68
CA LYS C 87 -18.19 -31.62 5.29
C LYS C 87 -19.51 -32.24 4.85
N ASN C 88 -19.92 -33.33 5.48
CA ASN C 88 -21.17 -33.94 5.07
C ASN C 88 -22.36 -33.59 5.96
N CYS C 89 -22.21 -32.50 6.70
CA CYS C 89 -23.28 -31.94 7.53
C CYS C 89 -24.57 -31.63 6.77
N GLN C 90 -25.71 -32.10 7.31
CA GLN C 90 -27.00 -31.84 6.66
C GLN C 90 -27.92 -31.03 7.56
N LEU C 91 -27.35 -30.40 8.58
CA LEU C 91 -28.11 -29.52 9.46
C LEU C 91 -28.86 -28.49 8.61
N TYR C 92 -30.18 -28.50 8.77
CA TYR C 92 -31.11 -27.68 8.01
C TYR C 92 -30.89 -27.80 6.52
N GLU C 93 -30.51 -28.98 6.03
CA GLU C 93 -30.25 -29.15 4.60
C GLU C 93 -29.23 -28.16 4.05
N ARG C 94 -28.26 -27.76 4.87
CA ARG C 94 -27.22 -26.82 4.46
C ARG C 94 -27.76 -25.46 3.99
N ARG C 95 -28.93 -25.05 4.51
CA ARG C 95 -29.47 -23.73 4.16
C ARG C 95 -28.70 -22.61 4.83
N GLU C 96 -28.16 -21.72 4.03
CA GLU C 96 -27.29 -20.68 4.57
C GLU C 96 -28.01 -19.77 5.55
N MET C 97 -29.24 -19.39 5.19
CA MET C 97 -30.08 -18.54 6.03
C MET C 97 -30.35 -19.20 7.40
N LYS C 98 -30.68 -20.49 7.38
CA LYS C 98 -30.92 -21.20 8.60
C LYS C 98 -29.63 -21.34 9.42
N LEU C 99 -28.55 -21.76 8.79
CA LEU C 99 -27.31 -21.98 9.52
C LEU C 99 -26.80 -20.70 10.18
N THR C 100 -26.81 -19.59 9.46
CA THR C 100 -26.20 -18.38 10.02
C THR C 100 -27.07 -17.68 11.08
N THR C 101 -28.37 -17.58 10.86
CA THR C 101 -29.18 -16.82 11.81
C THR C 101 -29.42 -17.63 13.07
N LEU C 102 -29.29 -18.95 12.95
CA LEU C 102 -29.39 -19.80 14.11
C LEU C 102 -28.16 -19.59 14.97
N PHE C 103 -27.00 -19.55 14.33
CA PHE C 103 -25.76 -19.37 15.07
C PHE C 103 -25.65 -18.01 15.73
N SER C 104 -26.10 -16.95 15.06
CA SER C 104 -26.05 -15.63 15.70
C SER C 104 -27.06 -15.57 16.85
N SER C 105 -28.23 -16.19 16.67
CA SER C 105 -29.25 -16.22 17.72
C SER C 105 -28.79 -17.05 18.93
N LEU C 106 -28.23 -18.23 18.66
CA LEU C 106 -27.73 -19.11 19.70
C LEU C 106 -26.62 -18.47 20.54
N MET C 107 -25.61 -17.90 19.87
CA MET C 107 -24.51 -17.28 20.58
C MET C 107 -24.97 -16.09 21.38
N SER C 108 -25.90 -15.32 20.83
CA SER C 108 -26.42 -14.14 21.50
C SER C 108 -27.14 -14.54 22.78
N THR C 109 -28.00 -15.56 22.70
CA THR C 109 -28.79 -15.96 23.86
C THR C 109 -27.93 -16.73 24.88
N TYR C 110 -27.02 -17.58 24.40
CA TYR C 110 -26.07 -18.26 25.29
C TYR C 110 -25.19 -17.25 26.01
N TYR C 111 -24.77 -16.20 25.31
CA TYR C 111 -23.98 -15.15 25.92
C TYR C 111 -24.79 -14.40 27.01
N MET C 112 -26.03 -14.01 26.73
CA MET C 112 -26.88 -13.37 27.75
C MET C 112 -27.11 -14.29 28.97
N TYR C 113 -27.35 -15.56 28.72
CA TYR C 113 -27.53 -16.50 29.81
C TYR C 113 -26.27 -16.58 30.68
N PHE C 114 -25.13 -16.86 30.07
CA PHE C 114 -23.92 -17.04 30.84
C PHE C 114 -23.42 -15.75 31.47
N TRP C 115 -23.76 -14.62 30.87
CA TRP C 115 -23.39 -13.34 31.46
C TRP C 115 -24.05 -13.20 32.83
N SER C 116 -25.33 -13.54 32.92
CA SER C 116 -26.05 -13.39 34.20
C SER C 116 -25.52 -14.37 35.26
N GLN C 117 -24.89 -15.46 34.81
CA GLN C 117 -24.24 -16.39 35.72
C GLN C 117 -22.89 -15.85 36.21
N TYR C 118 -22.07 -15.33 35.30
CA TYR C 118 -20.73 -14.87 35.64
C TYR C 118 -20.68 -13.44 36.19
N PHE C 119 -21.63 -12.59 35.80
CA PHE C 119 -21.65 -11.21 36.28
C PHE C 119 -23.00 -10.87 36.90
N PRO C 120 -23.37 -11.53 38.00
CA PRO C 120 -24.69 -11.24 38.56
C PRO C 120 -24.84 -9.78 39.01
N ASP C 121 -23.73 -9.12 39.30
CA ASP C 121 -23.75 -7.76 39.79
C ASP C 121 -23.77 -6.73 38.67
N LYS C 122 -23.68 -7.19 37.42
CA LYS C 122 -23.74 -6.28 36.29
C LYS C 122 -24.92 -6.62 35.37
N PRO C 123 -26.16 -6.31 35.79
CA PRO C 123 -27.27 -6.63 34.89
C PRO C 123 -27.14 -5.93 33.55
N LEU C 124 -27.55 -6.62 32.48
CA LEU C 124 -27.42 -6.11 31.15
C LEU C 124 -28.45 -5.00 30.96
N HIS C 125 -28.01 -3.92 30.32
CA HIS C 125 -28.87 -2.77 30.01
C HIS C 125 -29.45 -2.97 28.64
N ILE C 126 -30.70 -2.57 28.46
CA ILE C 126 -31.41 -2.86 27.21
C ILE C 126 -30.75 -2.21 25.96
N ASP C 127 -29.96 -1.16 26.15
CA ASP C 127 -29.35 -0.49 25.00
C ASP C 127 -27.95 -1.04 24.74
N HIS C 128 -27.56 -2.05 25.51
CA HIS C 128 -26.26 -2.68 25.34
C HIS C 128 -26.36 -4.19 25.51
N LEU C 129 -27.19 -4.82 24.68
CA LEU C 129 -27.28 -6.28 24.70
C LEU C 129 -26.19 -6.85 23.81
N PRO C 130 -25.75 -8.08 24.08
CA PRO C 130 -24.69 -8.67 23.25
C PRO C 130 -25.22 -9.26 21.94
N ASN C 131 -24.92 -8.63 20.82
CA ASN C 131 -25.34 -9.13 19.52
C ASN C 131 -24.17 -9.62 18.67
N PHE C 132 -24.44 -10.61 17.83
CA PHE C 132 -23.43 -11.21 16.98
C PHE C 132 -23.93 -11.29 15.53
N ASP C 133 -23.01 -11.11 14.59
CA ASP C 133 -23.30 -11.42 13.20
C ASP C 133 -22.90 -12.88 13.02
N ALA C 134 -23.14 -13.47 11.86
CA ALA C 134 -22.64 -14.83 11.64
C ALA C 134 -22.57 -15.02 10.17
N ARG C 135 -21.48 -15.61 9.67
CA ARG C 135 -21.38 -15.86 8.25
C ARG C 135 -20.92 -17.27 8.03
N ALA C 136 -21.39 -17.87 6.94
CA ALA C 136 -20.95 -19.20 6.55
C ALA C 136 -19.96 -19.06 5.41
N VAL C 137 -18.85 -19.78 5.50
CA VAL C 137 -17.86 -19.80 4.45
C VAL C 137 -17.54 -21.23 4.08
N LEU C 138 -17.46 -21.49 2.78
CA LEU C 138 -17.14 -22.82 2.25
C LEU C 138 -15.66 -22.98 1.94
N TYR C 139 -15.09 -24.13 2.29
CA TYR C 139 -13.72 -24.47 1.97
C TYR C 139 -13.68 -25.88 1.38
N PRO C 140 -13.18 -26.02 0.13
CA PRO C 140 -13.26 -27.30 -0.59
C PRO C 140 -12.16 -28.31 -0.24
N ASP C 141 -11.17 -27.87 0.53
CA ASP C 141 -10.02 -28.72 0.85
C ASP C 141 -9.60 -28.46 2.29
N PHE C 142 -9.22 -29.52 3.01
CA PHE C 142 -8.90 -29.36 4.43
C PHE C 142 -7.68 -28.48 4.71
N LYS C 143 -6.78 -28.37 3.75
CA LYS C 143 -5.62 -27.49 3.89
C LYS C 143 -6.12 -26.05 4.06
N HIS C 144 -7.31 -25.73 3.55
CA HIS C 144 -7.84 -24.39 3.72
C HIS C 144 -8.40 -24.21 5.11
N ILE C 145 -8.88 -25.30 5.69
CA ILE C 145 -9.37 -25.28 7.06
C ILE C 145 -8.20 -25.05 8.04
N ARG C 146 -7.10 -25.75 7.85
CA ARG C 146 -5.90 -25.49 8.65
C ARG C 146 -5.43 -24.06 8.52
N ASN C 147 -5.32 -23.54 7.31
CA ASN C 147 -4.88 -22.16 7.12
C ASN C 147 -5.88 -21.15 7.66
N TYR C 148 -7.16 -21.51 7.67
CA TYR C 148 -8.20 -20.64 8.23
C TYR C 148 -7.96 -20.47 9.73
N PHE C 149 -7.76 -21.57 10.42
CA PHE C 149 -7.54 -21.49 11.86
C PHE C 149 -6.19 -20.90 12.22
N SER C 150 -5.19 -21.13 11.38
CA SER C 150 -3.92 -20.41 11.52
C SER C 150 -4.14 -18.92 11.41
N TRP C 151 -4.91 -18.51 10.42
CA TRP C 151 -5.24 -17.10 10.19
C TRP C 151 -5.84 -16.46 11.45
N ARG C 152 -6.76 -17.18 12.09
CA ARG C 152 -7.44 -16.67 13.28
C ARG C 152 -6.51 -16.65 14.47
N GLN C 153 -5.61 -17.63 14.55
CA GLN C 153 -4.70 -17.66 15.69
C GLN C 153 -3.58 -16.61 15.52
N VAL C 154 -3.09 -16.40 14.30
CA VAL C 154 -2.13 -15.32 14.04
C VAL C 154 -2.76 -13.96 14.39
N ASP C 155 -4.03 -13.82 14.07
CA ASP C 155 -4.78 -12.61 14.40
C ASP C 155 -4.96 -12.43 15.90
N CYS C 156 -5.11 -13.54 16.62
CA CYS C 156 -5.23 -13.48 18.06
C CYS C 156 -3.94 -12.98 18.68
N HIS C 157 -2.81 -13.47 18.16
CA HIS C 157 -1.50 -13.03 18.61
C HIS C 157 -1.28 -11.55 18.40
N ILE C 158 -1.54 -11.09 17.18
CA ILE C 158 -1.35 -9.70 16.77
C ILE C 158 -2.15 -8.73 17.64
N ASN C 159 -3.44 -9.05 17.83
CA ASN C 159 -4.33 -8.16 18.57
C ASN C 159 -4.04 -8.20 20.05
N ASN C 160 -3.67 -9.36 20.55
CA ASN C 160 -3.35 -9.44 21.95
C ASN C 160 -2.04 -8.74 22.27
N LEU C 161 -1.02 -8.90 21.41
CA LEU C 161 0.25 -8.21 21.66
C LEU C 161 0.03 -6.70 21.63
N TYR C 162 -0.75 -6.22 20.66
CA TYR C 162 -1.03 -4.80 20.57
C TYR C 162 -1.79 -4.33 21.80
N ASN C 163 -2.86 -5.03 22.14
CA ASN C 163 -3.73 -4.60 23.23
C ASN C 163 -3.03 -4.63 24.58
N THR C 164 -2.18 -5.63 24.78
CA THR C 164 -1.45 -5.75 26.03
C THR C 164 -0.44 -4.61 26.16
N THR C 165 0.26 -4.30 25.08
CA THR C 165 1.22 -3.18 25.11
C THR C 165 0.45 -1.88 25.32
N PHE C 166 -0.60 -1.70 24.53
CA PHE C 166 -1.42 -0.49 24.59
C PHE C 166 -1.91 -0.20 26.01
N TRP C 167 -2.54 -1.18 26.66
CA TRP C 167 -3.19 -0.96 27.94
C TRP C 167 -2.20 -0.90 29.10
N ASN C 168 -1.05 -1.53 28.96
CA ASN C 168 0.02 -1.39 29.95
C ASN C 168 0.64 0.01 29.88
N LEU C 169 0.73 0.57 28.68
CA LEU C 169 1.14 1.96 28.53
C LEU C 169 0.16 2.90 29.22
N VAL C 170 -1.12 2.59 29.11
CA VAL C 170 -2.17 3.42 29.70
C VAL C 170 -2.29 3.23 31.23
N LEU C 171 -2.28 1.98 31.68
CA LEU C 171 -2.56 1.67 33.07
C LEU C 171 -1.31 1.84 33.93
N LYS C 172 -0.17 1.36 33.44
CA LYS C 172 1.08 1.52 34.18
C LYS C 172 1.78 2.86 33.96
N LEU C 173 1.97 3.27 32.71
CA LEU C 173 2.70 4.52 32.42
C LEU C 173 1.83 5.78 32.38
N LYS C 174 0.55 5.59 32.66
CA LYS C 174 -0.42 6.69 32.75
C LYS C 174 -0.55 7.55 31.50
N MET C 175 -0.31 6.96 30.33
CA MET C 175 -0.63 7.63 29.07
C MET C 175 -2.12 7.67 28.78
N THR C 176 -2.58 8.70 28.09
CA THR C 176 -3.95 8.71 27.59
C THR C 176 -4.03 7.72 26.41
N PRO C 177 -5.24 7.18 26.13
CA PRO C 177 -5.41 6.27 24.98
C PRO C 177 -4.84 6.81 23.67
N GLN C 178 -5.11 8.08 23.36
CA GLN C 178 -4.63 8.61 22.11
C GLN C 178 -3.09 8.66 22.07
N GLN C 179 -2.43 9.00 23.17
CA GLN C 179 -0.97 9.09 23.11
C GLN C 179 -0.35 7.68 23.10
N ALA C 180 -1.02 6.71 23.73
CA ALA C 180 -0.59 5.32 23.67
C ALA C 180 -0.66 4.81 22.23
N GLU C 181 -1.69 5.26 21.52
CA GLU C 181 -1.94 4.91 20.14
C GLU C 181 -0.84 5.45 19.22
N GLN C 182 -0.47 6.71 19.43
CA GLN C 182 0.63 7.34 18.70
C GLN C 182 2.00 6.71 19.02
N ARG C 183 2.17 6.30 20.28
CA ARG C 183 3.40 5.65 20.71
C ARG C 183 3.60 4.33 19.97
N LEU C 184 2.50 3.69 19.60
CA LEU C 184 2.57 2.38 18.96
C LEU C 184 2.55 2.45 17.42
N MET C 185 2.19 3.62 16.87
CA MET C 185 2.21 3.82 15.41
C MET C 185 3.59 3.51 14.82
N GLY C 186 3.63 2.62 13.84
CA GLY C 186 4.90 2.28 13.24
C GLY C 186 5.54 1.05 13.85
N THR C 187 5.41 0.89 15.17
CA THR C 187 6.07 -0.20 15.89
C THR C 187 5.77 -1.59 15.33
N VAL C 188 6.80 -2.43 15.36
CA VAL C 188 6.72 -3.84 15.00
C VAL C 188 6.74 -4.68 16.26
N ALA C 189 6.64 -6.00 16.08
CA ALA C 189 6.45 -6.92 17.21
C ALA C 189 7.53 -6.91 18.30
N SER C 190 8.80 -6.90 17.92
CA SER C 190 9.89 -6.92 18.90
C SER C 190 9.90 -5.63 19.71
N ASP C 191 9.54 -4.53 19.07
CA ASP C 191 9.44 -3.24 19.77
C ASP C 191 8.36 -3.28 20.85
N LYS C 192 7.19 -3.83 20.51
CA LYS C 192 6.09 -3.89 21.47
C LYS C 192 6.52 -4.72 22.63
N ASN C 193 7.23 -5.80 22.32
CA ASN C 193 7.80 -6.69 23.32
C ASN C 193 8.79 -5.93 24.22
N GLU C 194 9.62 -5.09 23.61
CA GLU C 194 10.58 -4.29 24.38
C GLU C 194 9.90 -3.25 25.26
N ILE C 195 8.91 -2.58 24.70
CA ILE C 195 8.15 -1.58 25.44
C ILE C 195 7.52 -2.17 26.70
N LEU C 196 6.95 -3.36 26.55
CA LEU C 196 6.37 -4.07 27.67
C LEU C 196 7.41 -4.45 28.73
N PHE C 197 8.54 -5.00 28.28
CA PHE C 197 9.56 -5.49 29.21
C PHE C 197 10.34 -4.36 29.87
N LYS C 198 10.98 -3.55 29.05
CA LYS C 198 11.89 -2.50 29.54
C LYS C 198 11.19 -1.31 30.21
N GLU C 199 10.02 -0.94 29.70
CA GLU C 199 9.31 0.24 30.19
C GLU C 199 8.17 -0.08 31.19
N CYS C 200 7.57 -1.25 31.04
CA CYS C 200 6.40 -1.61 31.84
C CYS C 200 6.67 -2.74 32.84
N GLY C 201 7.82 -3.39 32.70
CA GLY C 201 8.19 -4.51 33.56
C GLY C 201 7.30 -5.72 33.38
N VAL C 202 6.81 -5.92 32.16
CA VAL C 202 5.97 -7.07 31.85
C VAL C 202 6.62 -7.91 30.76
N ASN C 203 6.79 -9.20 31.05
CA ASN C 203 7.22 -10.17 30.05
C ASN C 203 5.97 -10.74 29.35
N TYR C 204 5.84 -10.47 28.06
CA TYR C 204 4.66 -10.88 27.30
C TYR C 204 4.50 -12.40 27.31
N ASN C 205 5.63 -13.12 27.29
CA ASN C 205 5.65 -14.59 27.34
C ASN C 205 5.03 -15.16 28.60
N ASN C 206 4.92 -14.36 29.66
CA ASN C 206 4.33 -14.82 30.89
C ASN C 206 2.82 -14.61 30.97
N GLU C 207 2.24 -13.94 29.97
CA GLU C 207 0.78 -13.83 29.93
C GLU C 207 0.13 -15.21 29.79
N SER C 208 -1.10 -15.35 30.29
CA SER C 208 -1.87 -16.59 30.17
C SER C 208 -1.89 -17.14 28.73
N GLU C 209 -1.81 -18.45 28.59
CA GLU C 209 -1.87 -19.10 27.28
C GLU C 209 -3.18 -18.77 26.56
N MET C 210 -4.26 -18.66 27.33
CA MET C 210 -5.56 -18.34 26.76
C MET C 210 -5.53 -16.97 26.08
N TYR C 211 -4.89 -15.99 26.70
CA TYR C 211 -4.82 -14.65 26.14
C TYR C 211 -3.95 -14.62 24.88
N LYS C 212 -2.87 -15.39 24.90
CA LYS C 212 -1.89 -15.38 23.82
C LYS C 212 -2.35 -16.21 22.62
N LYS C 213 -2.96 -17.34 22.90
CA LYS C 213 -3.22 -18.37 21.91
C LYS C 213 -4.70 -18.50 21.52
N GLY C 214 -5.58 -18.01 22.39
CA GLY C 214 -7.01 -18.19 22.18
C GLY C 214 -7.47 -19.51 22.78
N THR C 215 -8.66 -19.93 22.35
CA THR C 215 -9.29 -21.12 22.89
C THR C 215 -9.77 -22.07 21.80
N ILE C 216 -9.30 -23.32 21.88
CA ILE C 216 -9.71 -24.38 20.99
C ILE C 216 -10.64 -25.35 21.72
N ILE C 217 -11.82 -25.56 21.16
CA ILE C 217 -12.74 -26.59 21.63
C ILE C 217 -12.82 -27.66 20.59
N VAL C 218 -12.45 -28.89 20.95
CA VAL C 218 -12.44 -29.95 19.95
C VAL C 218 -13.21 -31.18 20.41
N ARG C 219 -13.90 -31.80 19.47
CA ARG C 219 -14.58 -33.05 19.74
C ARG C 219 -13.52 -34.15 19.74
N GLU C 220 -13.41 -34.90 20.83
CA GLU C 220 -12.38 -35.94 20.94
C GLU C 220 -12.98 -37.34 20.81
N PHE C 221 -12.40 -38.16 19.93
CA PHE C 221 -12.83 -39.56 19.79
C PHE C 221 -11.69 -40.51 20.20
N GLU C 222 -12.06 -41.63 20.81
CA GLU C 222 -11.06 -42.55 21.34
C GLU C 222 -10.68 -43.71 20.41
N ASN C 223 -11.65 -44.51 20.00
CA ASN C 223 -11.36 -45.64 19.13
C ASN C 223 -11.80 -45.38 17.72
N TYR C 224 -11.27 -44.30 17.14
CA TYR C 224 -11.71 -43.86 15.83
C TYR C 224 -10.99 -44.51 14.66
N GLU C 225 -11.77 -45.01 13.71
CA GLU C 225 -11.27 -45.41 12.39
C GLU C 225 -12.20 -44.77 11.37
N THR C 226 -11.68 -44.40 10.20
CA THR C 226 -12.47 -43.67 9.20
C THR C 226 -13.51 -44.65 8.60
N GLU C 227 -14.30 -45.24 9.49
CA GLU C 227 -15.17 -46.38 9.23
C GLU C 227 -16.37 -46.08 8.31
N ASP C 228 -16.48 -44.82 7.88
CA ASP C 228 -17.64 -44.37 7.10
C ASP C 228 -17.48 -44.47 5.58
N GLU C 229 -18.48 -45.10 4.96
CA GLU C 229 -18.57 -45.29 3.52
C GLU C 229 -20.06 -45.38 3.23
N ALA C 230 -20.44 -45.23 1.96
CA ALA C 230 -21.87 -45.23 1.61
C ALA C 230 -22.61 -46.56 1.90
N GLU C 231 -21.95 -47.69 1.68
CA GLU C 231 -22.58 -49.01 1.89
C GLU C 231 -22.98 -49.32 3.33
N LEU C 232 -22.10 -49.01 4.27
CA LEU C 232 -22.39 -49.25 5.67
C LEU C 232 -23.56 -48.33 6.05
N SER C 233 -24.58 -48.87 6.71
CA SER C 233 -25.76 -48.06 7.01
C SER C 233 -26.62 -48.62 8.14
N LYS C 234 -27.75 -47.94 8.35
CA LYS C 234 -28.78 -48.33 9.31
C LYS C 234 -28.29 -48.14 10.74
N ARG C 235 -28.26 -49.21 11.51
CA ARG C 235 -27.93 -49.17 12.92
C ARG C 235 -26.43 -48.88 13.18
N GLN C 236 -25.57 -49.18 12.21
CA GLN C 236 -24.15 -48.80 12.28
C GLN C 236 -23.98 -47.27 12.32
N VAL C 237 -24.69 -46.58 11.43
CA VAL C 237 -24.66 -45.12 11.32
C VAL C 237 -25.18 -44.42 12.58
N GLN C 238 -26.19 -45.01 13.21
CA GLN C 238 -26.77 -44.43 14.42
C GLN C 238 -25.79 -44.48 15.57
N ARG C 239 -24.99 -45.54 15.60
CA ARG C 239 -23.95 -45.69 16.59
C ARG C 239 -22.84 -44.67 16.37
N LEU C 240 -22.50 -44.42 15.12
CA LEU C 240 -21.50 -43.42 14.80
C LEU C 240 -22.01 -42.03 15.18
N GLU C 241 -23.31 -41.84 15.01
CA GLU C 241 -24.00 -40.61 15.37
C GLU C 241 -24.09 -40.43 16.90
N LYS C 242 -24.28 -41.54 17.61
CA LYS C 242 -24.43 -41.52 19.07
C LYS C 242 -23.12 -41.16 19.76
N LYS C 243 -22.03 -41.77 19.29
CA LYS C 243 -20.68 -41.50 19.76
C LYS C 243 -20.28 -40.03 19.51
N ARG C 244 -20.69 -39.48 18.37
CA ARG C 244 -20.40 -38.08 18.06
C ARG C 244 -21.10 -37.15 19.07
N LYS C 245 -22.35 -37.47 19.44
CA LYS C 245 -23.03 -36.75 20.53
C LYS C 245 -22.35 -36.90 21.90
N LYS C 246 -22.01 -38.13 22.26
CA LYS C 246 -21.47 -38.38 23.59
C LYS C 246 -19.95 -38.60 23.59
N ALA C 247 -19.25 -37.70 22.93
CA ALA C 247 -17.80 -37.63 23.00
C ALA C 247 -17.48 -36.36 23.75
N GLU C 248 -16.25 -36.23 24.23
CA GLU C 248 -15.97 -35.13 25.13
C GLU C 248 -15.34 -33.96 24.42
N LEU C 249 -15.75 -32.78 24.85
CA LEU C 249 -15.23 -31.53 24.33
C LEU C 249 -14.06 -31.14 25.20
N LYS C 250 -12.88 -31.02 24.62
CA LYS C 250 -11.72 -30.63 25.39
C LYS C 250 -11.27 -29.23 25.00
N ILE C 251 -10.81 -28.48 25.98
CA ILE C 251 -10.41 -27.11 25.75
C ILE C 251 -8.89 -27.02 25.75
N TYR C 252 -8.34 -26.31 24.78
CA TYR C 252 -6.90 -26.15 24.68
C TYR C 252 -6.53 -24.69 24.49
N HIS C 253 -5.32 -24.35 24.91
CA HIS C 253 -4.72 -23.05 24.67
C HIS C 253 -3.33 -23.29 24.11
N VAL C 254 -3.27 -23.83 22.91
CA VAL C 254 -2.03 -24.29 22.29
C VAL C 254 -1.86 -23.75 20.88
N ASP C 255 -0.63 -23.79 20.37
CA ASP C 255 -0.32 -23.49 18.97
C ASP C 255 -0.98 -24.50 18.05
N ILE C 256 -1.70 -24.02 17.04
CA ILE C 256 -2.23 -24.95 16.06
C ILE C 256 -1.72 -24.61 14.67
N ILE C 257 -0.94 -23.54 14.59
CA ILE C 257 -0.34 -23.09 13.33
C ILE C 257 0.74 -24.06 12.84
N ASN C 258 1.72 -24.37 13.69
CA ASN C 258 2.88 -25.12 13.25
C ASN C 258 2.95 -26.55 13.75
N ASP C 259 2.04 -26.93 14.65
CA ASP C 259 2.01 -28.27 15.24
C ASP C 259 1.14 -29.22 14.40
N ASP C 260 1.73 -29.80 13.36
CA ASP C 260 1.01 -30.72 12.47
C ASP C 260 0.52 -31.98 13.17
N SER C 261 1.30 -32.46 14.13
CA SER C 261 0.95 -33.70 14.83
C SER C 261 -0.38 -33.54 15.60
N TRP C 262 -0.67 -32.31 16.03
CA TRP C 262 -1.95 -32.01 16.71
C TRP C 262 -3.14 -32.30 15.79
N TRP C 263 -3.01 -31.89 14.52
CA TRP C 263 -4.05 -32.12 13.53
C TRP C 263 -4.02 -33.56 13.06
N LYS C 264 -2.81 -34.06 12.80
CA LYS C 264 -2.62 -35.40 12.26
C LYS C 264 -3.19 -36.51 13.15
N SER C 265 -3.11 -36.33 14.46
CA SER C 265 -3.62 -37.36 15.36
C SER C 265 -5.12 -37.22 15.58
N ARG C 266 -5.73 -36.29 14.86
CA ARG C 266 -7.17 -36.06 14.98
C ARG C 266 -7.86 -36.15 13.62
N PRO C 267 -7.81 -37.35 13.00
CA PRO C 267 -8.28 -37.51 11.62
C PRO C 267 -9.78 -37.31 11.44
N TRP C 268 -10.54 -37.40 12.53
CA TRP C 268 -11.98 -37.24 12.39
C TRP C 268 -12.36 -35.80 12.04
N LEU C 269 -11.44 -34.86 12.20
CA LEU C 269 -11.70 -33.46 11.82
C LEU C 269 -11.84 -33.29 10.30
N LYS C 270 -11.09 -34.08 9.53
CA LYS C 270 -11.11 -34.03 8.07
C LYS C 270 -12.28 -34.81 7.48
N ASP C 271 -12.88 -35.70 8.27
CA ASP C 271 -13.84 -36.67 7.74
C ASP C 271 -15.28 -36.33 8.12
N ASN D 6 -2.06 -14.12 9.07
CA ASN D 6 -1.42 -12.90 8.59
C ASN D 6 -1.33 -12.87 7.08
N SER D 7 -0.13 -12.67 6.54
CA SER D 7 0.00 -12.49 5.11
C SER D 7 -0.06 -13.83 4.37
N LYS D 8 0.43 -14.90 4.99
CA LYS D 8 0.37 -16.19 4.31
C LYS D 8 -0.94 -16.94 4.56
N TYR D 9 -1.78 -16.48 5.47
CA TYR D 9 -3.03 -17.18 5.76
C TYR D 9 -4.29 -16.40 5.40
N GLU D 10 -4.16 -15.09 5.16
CA GLU D 10 -5.34 -14.25 4.98
C GLU D 10 -6.05 -14.48 3.64
N TYR D 11 -5.44 -15.23 2.72
CA TYR D 11 -6.09 -15.53 1.43
C TYR D 11 -7.44 -16.24 1.67
N VAL D 12 -7.61 -16.93 2.82
CA VAL D 12 -8.84 -17.67 3.12
C VAL D 12 -10.04 -16.73 3.18
N LYS D 13 -9.78 -15.44 3.32
CA LYS D 13 -10.84 -14.43 3.33
C LYS D 13 -11.56 -14.37 1.98
N LEU D 14 -10.84 -14.75 0.91
CA LEU D 14 -11.37 -14.65 -0.44
C LEU D 14 -12.45 -15.68 -0.76
N PHE D 15 -12.70 -16.63 0.14
CA PHE D 15 -13.72 -17.65 -0.10
C PHE D 15 -15.10 -17.20 0.32
N GLU D 16 -15.16 -16.07 1.02
CA GLU D 16 -16.42 -15.52 1.48
C GLU D 16 -17.20 -14.95 0.28
N LYS D 17 -18.51 -15.13 0.32
CA LYS D 17 -19.37 -14.60 -0.71
C LYS D 17 -20.46 -13.76 -0.07
N GLU D 18 -20.46 -12.47 -0.34
CA GLU D 18 -21.49 -11.57 0.15
C GLU D 18 -22.69 -11.55 -0.80
N ASN D 19 -23.88 -11.32 -0.24
CA ASN D 19 -25.06 -11.12 -1.07
C ASN D 19 -25.63 -9.71 -0.83
N TYR D 20 -25.36 -8.82 -1.77
CA TYR D 20 -25.89 -7.48 -1.74
C TYR D 20 -27.29 -7.49 -2.33
N LEU D 21 -28.28 -7.20 -1.51
CA LEU D 21 -29.67 -7.25 -1.94
C LEU D 21 -29.95 -6.13 -2.96
N LEU D 22 -30.62 -6.50 -4.06
CA LEU D 22 -30.95 -5.58 -5.15
C LEU D 22 -31.38 -4.20 -4.66
N PRO D 23 -30.71 -3.14 -5.15
CA PRO D 23 -31.04 -1.77 -4.71
C PRO D 23 -32.48 -1.36 -4.94
N ASP D 24 -32.97 -0.44 -4.10
CA ASP D 24 -34.26 0.22 -4.33
C ASP D 24 -35.44 -0.73 -4.41
N THR D 25 -35.38 -1.84 -3.68
CA THR D 25 -36.51 -2.75 -3.62
C THR D 25 -36.87 -2.95 -2.14
N TYR D 26 -38.16 -3.14 -1.86
CA TYR D 26 -38.63 -3.31 -0.49
C TYR D 26 -37.99 -4.57 0.04
N ILE D 27 -37.51 -4.50 1.27
CA ILE D 27 -37.02 -5.68 1.93
C ILE D 27 -37.97 -6.05 3.05
N ILE D 28 -38.37 -7.30 3.07
CA ILE D 28 -39.06 -7.81 4.25
C ILE D 28 -38.13 -8.72 5.02
N ILE D 29 -37.99 -8.46 6.32
CA ILE D 29 -37.27 -9.42 7.16
C ILE D 29 -38.30 -10.14 8.05
N ARG D 30 -38.38 -11.47 7.94
CA ARG D 30 -39.29 -12.22 8.80
C ARG D 30 -38.50 -13.06 9.79
N VAL D 31 -38.80 -12.89 11.08
CA VAL D 31 -38.20 -13.75 12.08
C VAL D 31 -39.28 -14.66 12.70
N ASP D 32 -38.92 -15.90 13.00
CA ASP D 32 -39.89 -16.79 13.60
C ASP D 32 -39.19 -17.64 14.65
N GLY D 33 -39.81 -17.70 15.83
CA GLY D 33 -39.25 -18.41 16.98
C GLY D 33 -38.96 -19.85 16.69
N LYS D 34 -37.77 -20.30 17.08
CA LYS D 34 -37.39 -21.69 16.86
C LYS D 34 -37.95 -22.62 17.94
N GLY D 35 -38.77 -23.59 17.52
CA GLY D 35 -39.33 -24.59 18.41
C GLY D 35 -40.17 -24.00 19.53
N PHE D 36 -41.02 -23.03 19.21
CA PHE D 36 -41.80 -22.36 20.25
C PHE D 36 -43.00 -23.17 20.71
N HIS D 37 -43.31 -24.25 19.98
CA HIS D 37 -44.32 -25.16 20.47
C HIS D 37 -43.85 -25.75 21.79
N LYS D 38 -42.67 -26.37 21.77
CA LYS D 38 -42.02 -26.92 22.95
C LYS D 38 -41.73 -25.84 23.98
N PHE D 39 -41.32 -24.66 23.51
CA PHE D 39 -40.99 -23.54 24.40
C PHE D 39 -42.25 -23.12 25.19
N SER D 40 -43.39 -23.07 24.50
CA SER D 40 -44.64 -22.66 25.12
C SER D 40 -45.16 -23.69 26.13
N GLN D 41 -44.83 -24.96 25.92
CA GLN D 41 -45.19 -25.98 26.87
C GLN D 41 -44.30 -25.90 28.12
N PHE D 42 -43.00 -25.78 27.92
CA PHE D 42 -42.06 -25.72 29.04
C PHE D 42 -42.39 -24.61 30.04
N TYR D 43 -42.75 -23.43 29.54
CA TYR D 43 -42.99 -22.29 30.40
C TYR D 43 -44.45 -22.10 30.68
N GLU D 44 -45.24 -23.10 30.33
CA GLU D 44 -46.66 -23.12 30.62
C GLU D 44 -47.36 -21.87 30.11
N PHE D 45 -47.19 -21.58 28.81
CA PHE D 45 -47.97 -20.52 28.18
C PHE D 45 -49.46 -20.88 28.38
N GLU D 46 -50.28 -19.88 28.66
CA GLU D 46 -51.72 -20.05 28.61
C GLU D 46 -52.12 -20.41 27.18
N LYS D 47 -53.18 -21.21 27.04
CA LYS D 47 -53.69 -21.62 25.75
C LYS D 47 -55.14 -21.17 25.60
N PRO D 48 -55.57 -20.81 24.37
CA PRO D 48 -54.81 -20.80 23.11
C PRO D 48 -53.77 -19.69 23.02
N ASN D 49 -54.02 -18.54 23.64
CA ASN D 49 -53.08 -17.42 23.54
C ASN D 49 -52.57 -16.94 24.88
N ASP D 50 -51.26 -16.78 24.99
CA ASP D 50 -50.69 -16.22 26.20
C ASP D 50 -50.39 -14.75 26.03
N LEU D 51 -51.14 -13.91 26.73
CA LEU D 51 -51.07 -12.47 26.55
C LEU D 51 -49.67 -11.89 26.80
N LYS D 52 -49.07 -12.28 27.92
CA LYS D 52 -47.76 -11.78 28.28
C LYS D 52 -46.65 -12.26 27.37
N ALA D 53 -46.82 -13.44 26.80
CA ALA D 53 -45.85 -13.95 25.83
C ALA D 53 -45.87 -13.09 24.57
N LEU D 54 -47.06 -12.68 24.11
CA LEU D 54 -47.19 -11.79 22.97
C LEU D 54 -46.67 -10.38 23.30
N GLN D 55 -46.81 -9.99 24.56
CA GLN D 55 -46.35 -8.68 24.97
C GLN D 55 -44.82 -8.66 25.01
N VAL D 56 -44.20 -9.80 25.31
CA VAL D 56 -42.75 -9.90 25.19
C VAL D 56 -42.31 -9.71 23.70
N MET D 57 -42.98 -10.39 22.76
CA MET D 57 -42.70 -10.22 21.35
C MET D 57 -42.91 -8.78 20.90
N ASN D 58 -44.01 -8.17 21.33
CA ASN D 58 -44.32 -6.82 20.90
C ASN D 58 -43.34 -5.79 21.44
N SER D 59 -42.87 -5.98 22.66
CA SER D 59 -41.88 -5.08 23.22
C SER D 59 -40.56 -5.20 22.48
N ALA D 60 -40.16 -6.43 22.15
CA ALA D 60 -38.95 -6.69 21.42
C ALA D 60 -38.97 -5.98 20.07
N ALA D 61 -40.08 -6.18 19.35
CA ALA D 61 -40.24 -5.63 18.01
C ALA D 61 -40.25 -4.12 18.00
N GLU D 62 -40.97 -3.52 18.95
CA GLU D 62 -41.04 -2.06 19.03
C GLU D 62 -39.68 -1.48 19.39
N LYS D 63 -38.96 -2.13 20.30
CA LYS D 63 -37.63 -1.66 20.66
C LYS D 63 -36.68 -1.73 19.47
N LEU D 64 -36.72 -2.85 18.73
CA LEU D 64 -35.91 -2.97 17.51
C LEU D 64 -36.29 -1.84 16.55
N MET D 65 -37.59 -1.66 16.37
CA MET D 65 -38.09 -0.70 15.42
C MET D 65 -37.73 0.74 15.83
N SER D 66 -37.64 1.01 17.12
CA SER D 66 -37.27 2.34 17.61
C SER D 66 -35.78 2.57 17.46
N LYS D 67 -35.05 1.49 17.30
CA LYS D 67 -33.62 1.52 17.13
C LYS D 67 -33.17 1.67 15.66
N TYR D 68 -33.99 1.17 14.72
CA TYR D 68 -33.66 1.18 13.29
C TYR D 68 -34.70 1.91 12.46
N SER D 69 -34.40 3.16 12.16
CA SER D 69 -35.33 4.04 11.48
C SER D 69 -35.65 3.60 10.05
N ASP D 70 -34.89 2.65 9.50
CA ASP D 70 -35.24 2.14 8.18
C ASP D 70 -36.47 1.25 8.22
N VAL D 71 -36.78 0.70 9.39
CA VAL D 71 -37.98 -0.12 9.56
C VAL D 71 -39.24 0.75 9.60
N MET D 72 -40.12 0.58 8.61
CA MET D 72 -41.29 1.44 8.48
C MET D 72 -42.56 0.81 9.07
N LEU D 73 -42.60 -0.52 9.10
CA LEU D 73 -43.82 -1.22 9.48
C LEU D 73 -43.50 -2.62 9.98
N ALA D 74 -44.17 -3.04 11.04
CA ALA D 74 -43.99 -4.40 11.53
C ALA D 74 -45.32 -5.08 11.83
N TYR D 75 -45.39 -6.36 11.52
CA TYR D 75 -46.57 -7.15 11.82
C TYR D 75 -46.16 -8.43 12.52
N GLY D 76 -46.80 -8.66 13.65
CA GLY D 76 -46.48 -9.82 14.48
C GLY D 76 -47.73 -10.56 14.91
N ASP D 77 -47.58 -11.87 15.05
CA ASP D 77 -48.57 -12.72 15.71
C ASP D 77 -47.87 -14.01 16.06
N SER D 78 -48.37 -14.71 17.08
CA SER D 78 -47.79 -16.00 17.50
C SER D 78 -46.28 -15.81 17.79
N ASP D 79 -45.40 -16.64 17.23
CA ASP D 79 -43.97 -16.48 17.50
C ASP D 79 -43.19 -15.80 16.35
N GLU D 80 -43.87 -15.01 15.52
CA GLU D 80 -43.24 -14.42 14.35
C GLU D 80 -43.40 -12.91 14.26
N TYR D 81 -42.44 -12.26 13.62
CA TYR D 81 -42.58 -10.86 13.29
C TYR D 81 -42.00 -10.57 11.91
N SER D 82 -42.70 -9.74 11.15
CA SER D 82 -42.20 -9.30 9.87
C SER D 82 -41.93 -7.82 9.94
N PHE D 83 -40.77 -7.41 9.46
CA PHE D 83 -40.38 -6.01 9.46
C PHE D 83 -40.15 -5.54 8.03
N LEU D 84 -40.79 -4.44 7.66
CA LEU D 84 -40.63 -3.79 6.36
C LEU D 84 -39.53 -2.72 6.39
N LEU D 85 -38.52 -2.89 5.54
CA LEU D 85 -37.46 -1.88 5.34
C LEU D 85 -37.74 -0.99 4.13
N ARG D 86 -37.59 0.32 4.29
CA ARG D 86 -37.81 1.26 3.18
C ARG D 86 -36.90 0.93 1.99
N LYS D 87 -37.32 1.33 0.79
CA LYS D 87 -36.66 0.90 -0.44
C LYS D 87 -35.21 1.32 -0.52
N ASN D 88 -34.89 2.48 0.06
CA ASN D 88 -33.57 3.04 -0.07
C ASN D 88 -32.68 2.78 1.14
N CYS D 89 -33.09 1.81 1.94
CA CYS D 89 -32.32 1.37 3.09
C CYS D 89 -30.89 0.97 2.71
N GLN D 90 -29.92 1.49 3.44
CA GLN D 90 -28.52 1.19 3.19
C GLN D 90 -27.85 0.62 4.42
N LEU D 91 -28.68 0.15 5.34
CA LEU D 91 -28.21 -0.49 6.55
C LEU D 91 -27.25 -1.62 6.19
N TYR D 92 -26.00 -1.51 6.65
CA TYR D 92 -24.96 -2.49 6.33
C TYR D 92 -24.80 -2.73 4.82
N GLU D 93 -24.98 -1.69 4.02
CA GLU D 93 -24.86 -1.76 2.57
C GLU D 93 -25.77 -2.84 1.95
N ARG D 94 -26.92 -3.08 2.57
CA ARG D 94 -27.88 -4.08 2.10
C ARG D 94 -27.30 -5.48 2.01
N ARG D 95 -26.31 -5.76 2.84
CA ARG D 95 -25.74 -7.11 2.94
C ARG D 95 -26.70 -8.09 3.64
N GLU D 96 -27.07 -9.17 2.96
CA GLU D 96 -28.05 -10.12 3.44
C GLU D 96 -27.59 -10.84 4.72
N MET D 97 -26.31 -11.23 4.77
CA MET D 97 -25.77 -11.88 5.95
C MET D 97 -25.90 -10.97 7.16
N LYS D 98 -25.53 -9.70 6.96
CA LYS D 98 -25.59 -8.70 8.02
C LYS D 98 -27.02 -8.37 8.42
N LEU D 99 -27.91 -8.13 7.46
CA LEU D 99 -29.28 -7.77 7.81
C LEU D 99 -29.97 -8.90 8.60
N THR D 100 -29.83 -10.14 8.15
CA THR D 100 -30.57 -11.23 8.74
C THR D 100 -29.99 -11.70 10.08
N THR D 101 -28.67 -11.80 10.21
CA THR D 101 -28.11 -12.33 11.44
C THR D 101 -28.17 -11.26 12.51
N LEU D 102 -28.30 -10.00 12.10
CA LEU D 102 -28.51 -8.95 13.08
C LEU D 102 -29.94 -9.00 13.65
N PHE D 103 -30.92 -9.21 12.77
CA PHE D 103 -32.32 -9.27 13.21
C PHE D 103 -32.63 -10.49 14.08
N SER D 104 -32.08 -11.66 13.76
CA SER D 104 -32.33 -12.83 14.58
C SER D 104 -31.65 -12.64 15.93
N SER D 105 -30.49 -12.01 15.92
CA SER D 105 -29.78 -11.72 17.14
C SER D 105 -30.51 -10.66 17.99
N LEU D 106 -30.97 -9.58 17.37
CA LEU D 106 -31.67 -8.50 18.07
C LEU D 106 -32.95 -9.00 18.72
N MET D 107 -33.75 -9.74 17.96
CA MET D 107 -34.99 -10.25 18.48
C MET D 107 -34.77 -11.23 19.61
N SER D 108 -33.74 -12.05 19.48
CA SER D 108 -33.45 -13.05 20.50
C SER D 108 -33.10 -12.41 21.83
N THR D 109 -32.22 -11.41 21.81
CA THR D 109 -31.77 -10.76 23.03
C THR D 109 -32.80 -9.80 23.60
N TYR D 110 -33.51 -9.07 22.75
CA TYR D 110 -34.62 -8.25 23.22
C TYR D 110 -35.69 -9.12 23.88
N TYR D 111 -35.94 -10.31 23.34
CA TYR D 111 -36.93 -11.22 23.92
C TYR D 111 -36.50 -11.66 25.32
N MET D 112 -35.24 -12.10 25.45
CA MET D 112 -34.69 -12.50 26.72
C MET D 112 -34.77 -11.34 27.71
N TYR D 113 -34.44 -10.15 27.23
CA TYR D 113 -34.48 -8.97 28.09
C TYR D 113 -35.88 -8.73 28.64
N PHE D 114 -36.86 -8.66 27.76
CA PHE D 114 -38.21 -8.32 28.17
C PHE D 114 -38.92 -9.45 28.94
N TRP D 115 -38.52 -10.68 28.66
CA TRP D 115 -39.04 -11.84 29.36
C TRP D 115 -38.75 -11.70 30.86
N SER D 116 -37.54 -11.29 31.21
CA SER D 116 -37.19 -11.13 32.61
C SER D 116 -38.00 -10.00 33.26
N GLN D 117 -38.51 -9.08 32.44
CA GLN D 117 -39.41 -8.01 32.93
C GLN D 117 -40.82 -8.56 33.19
N TYR D 118 -41.37 -9.33 32.24
CA TYR D 118 -42.74 -9.84 32.32
C TYR D 118 -42.90 -11.17 33.09
N PHE D 119 -41.83 -11.96 33.14
CA PHE D 119 -41.85 -13.26 33.82
C PHE D 119 -40.70 -13.38 34.82
N PRO D 120 -40.68 -12.54 35.86
CA PRO D 120 -39.58 -12.59 36.82
C PRO D 120 -39.50 -13.93 37.55
N ASP D 121 -40.63 -14.63 37.69
CA ASP D 121 -40.64 -15.90 38.43
C ASP D 121 -40.39 -17.17 37.59
N LYS D 122 -40.32 -17.02 36.27
CA LYS D 122 -39.95 -18.16 35.42
C LYS D 122 -38.71 -17.81 34.62
N PRO D 123 -37.54 -17.85 35.28
CA PRO D 123 -36.25 -17.54 34.64
C PRO D 123 -35.97 -18.49 33.48
N LEU D 124 -35.29 -18.00 32.47
CA LEU D 124 -35.04 -18.80 31.29
C LEU D 124 -34.01 -19.89 31.58
N HIS D 125 -34.29 -21.08 31.09
CA HIS D 125 -33.37 -22.19 31.23
C HIS D 125 -32.47 -22.32 30.00
N ILE D 126 -31.22 -22.71 30.19
CA ILE D 126 -30.26 -22.72 29.09
C ILE D 126 -30.65 -23.62 27.90
N ASP D 127 -31.50 -24.61 28.14
CA ASP D 127 -31.92 -25.51 27.08
C ASP D 127 -33.25 -25.09 26.50
N HIS D 128 -33.77 -23.96 26.98
CA HIS D 128 -35.02 -23.41 26.48
C HIS D 128 -34.93 -21.89 26.37
N LEU D 129 -33.93 -21.43 25.61
CA LEU D 129 -33.81 -20.01 25.30
C LEU D 129 -34.61 -19.67 24.05
N PRO D 130 -35.07 -18.43 23.94
CA PRO D 130 -35.82 -18.07 22.73
C PRO D 130 -34.91 -17.73 21.52
N ASN D 131 -34.83 -18.63 20.55
CA ASN D 131 -34.02 -18.39 19.38
C ASN D 131 -34.94 -18.16 18.19
N PHE D 132 -34.43 -17.36 17.24
CA PHE D 132 -35.17 -16.98 16.05
C PHE D 132 -34.34 -17.22 14.80
N ASP D 133 -34.99 -17.59 13.72
CA ASP D 133 -34.34 -17.53 12.44
C ASP D 133 -34.66 -16.15 11.91
N ALA D 134 -34.14 -15.79 10.75
CA ALA D 134 -34.53 -14.53 10.12
C ALA D 134 -34.21 -14.70 8.66
N ARG D 135 -35.10 -14.27 7.79
CA ARG D 135 -34.83 -14.32 6.36
C ARG D 135 -35.18 -12.97 5.77
N ALA D 136 -34.47 -12.60 4.71
CA ALA D 136 -34.77 -11.40 3.96
C ALA D 136 -35.47 -11.77 2.66
N VAL D 137 -36.53 -11.05 2.33
CA VAL D 137 -37.20 -11.27 1.04
C VAL D 137 -37.36 -9.93 0.32
N LEU D 138 -37.06 -9.91 -0.97
CA LEU D 138 -37.17 -8.71 -1.82
C LEU D 138 -38.51 -8.69 -2.53
N TYR D 139 -39.14 -7.51 -2.52
CA TYR D 139 -40.37 -7.29 -3.25
C TYR D 139 -40.25 -6.01 -4.05
N PRO D 140 -40.37 -6.10 -5.38
CA PRO D 140 -40.11 -4.99 -6.30
C PRO D 140 -41.26 -3.99 -6.45
N ASP D 141 -42.44 -4.30 -5.92
CA ASP D 141 -43.60 -3.42 -6.09
C ASP D 141 -44.41 -3.41 -4.79
N PHE D 142 -44.94 -2.25 -4.44
CA PHE D 142 -45.64 -2.13 -3.18
C PHE D 142 -46.90 -3.01 -3.12
N LYS D 143 -47.48 -3.35 -4.27
CA LYS D 143 -48.64 -4.22 -4.25
C LYS D 143 -48.26 -5.58 -3.66
N HIS D 144 -47.00 -5.98 -3.79
CA HIS D 144 -46.59 -7.26 -3.24
C HIS D 144 -46.39 -7.16 -1.74
N ILE D 145 -46.06 -5.96 -1.25
CA ILE D 145 -45.94 -5.67 0.16
C ILE D 145 -47.32 -5.71 0.80
N ARG D 146 -48.32 -5.12 0.13
CA ARG D 146 -49.69 -5.26 0.61
C ARG D 146 -50.08 -6.72 0.75
N ASN D 147 -49.85 -7.49 -0.31
CA ASN D 147 -50.22 -8.90 -0.30
C ASN D 147 -49.45 -9.72 0.73
N TYR D 148 -48.20 -9.33 1.01
CA TYR D 148 -47.40 -10.03 2.00
C TYR D 148 -48.02 -9.87 3.38
N PHE D 149 -48.36 -8.65 3.77
CA PHE D 149 -48.90 -8.49 5.10
C PHE D 149 -50.30 -9.09 5.19
N SER D 150 -51.06 -9.04 4.10
CA SER D 150 -52.34 -9.75 4.04
C SER D 150 -52.14 -11.25 4.25
N TRP D 151 -51.11 -11.77 3.59
CA TRP D 151 -50.80 -13.18 3.71
C TRP D 151 -50.60 -13.56 5.18
N ARG D 152 -49.87 -12.73 5.91
CA ARG D 152 -49.54 -13.05 7.28
C ARG D 152 -50.77 -12.89 8.21
N GLN D 153 -51.63 -11.93 7.91
CA GLN D 153 -52.79 -11.71 8.77
C GLN D 153 -53.85 -12.79 8.56
N VAL D 154 -54.02 -13.22 7.31
CA VAL D 154 -54.89 -14.36 7.02
C VAL D 154 -54.37 -15.59 7.75
N ASP D 155 -53.05 -15.76 7.79
CA ASP D 155 -52.44 -16.91 8.47
C ASP D 155 -52.69 -16.85 9.97
N CYS D 156 -52.70 -15.64 10.49
CA CYS D 156 -52.96 -15.38 11.89
C CYS D 156 -54.40 -15.79 12.24
N HIS D 157 -55.34 -15.38 11.39
CA HIS D 157 -56.74 -15.75 11.54
C HIS D 157 -56.92 -17.27 11.51
N ILE D 158 -56.34 -17.92 10.50
CA ILE D 158 -56.45 -19.37 10.35
C ILE D 158 -55.91 -20.12 11.56
N ASN D 159 -54.74 -19.72 12.03
CA ASN D 159 -54.12 -20.39 13.17
C ASN D 159 -54.80 -20.04 14.49
N ASN D 160 -55.27 -18.82 14.66
CA ASN D 160 -55.90 -18.49 15.92
C ASN D 160 -57.24 -19.21 16.04
N LEU D 161 -57.99 -19.26 14.94
CA LEU D 161 -59.28 -19.94 14.91
C LEU D 161 -59.12 -21.43 15.18
N TYR D 162 -58.12 -22.05 14.57
CA TYR D 162 -57.87 -23.47 14.80
C TYR D 162 -57.51 -23.70 16.27
N ASN D 163 -56.58 -22.89 16.78
CA ASN D 163 -56.11 -23.05 18.14
C ASN D 163 -57.18 -22.75 19.18
N THR D 164 -58.06 -21.81 18.88
CA THR D 164 -59.13 -21.46 19.79
C THR D 164 -60.14 -22.59 19.86
N THR D 165 -60.47 -23.16 18.70
CA THR D 165 -61.38 -24.29 18.66
C THR D 165 -60.76 -25.51 19.33
N PHE D 166 -59.52 -25.83 18.97
CA PHE D 166 -58.82 -26.98 19.51
C PHE D 166 -58.76 -26.96 21.02
N TRP D 167 -58.30 -25.84 21.58
CA TRP D 167 -58.07 -25.81 23.01
C TRP D 167 -59.36 -25.69 23.82
N ASN D 168 -60.41 -25.17 23.22
CA ASN D 168 -61.71 -25.14 23.88
C ASN D 168 -62.37 -26.53 23.91
N LEU D 169 -62.17 -27.31 22.85
CA LEU D 169 -62.59 -28.70 22.85
C LEU D 169 -61.87 -29.52 23.92
N VAL D 170 -60.56 -29.28 24.07
CA VAL D 170 -59.75 -30.03 25.02
C VAL D 170 -59.98 -29.57 26.46
N LEU D 171 -59.98 -28.25 26.65
CA LEU D 171 -60.02 -27.71 28.00
C LEU D 171 -61.44 -27.64 28.54
N LYS D 172 -62.40 -27.20 27.73
CA LYS D 172 -63.81 -27.18 28.18
C LYS D 172 -64.52 -28.53 28.07
N LEU D 173 -64.45 -29.17 26.91
CA LEU D 173 -65.19 -30.43 26.71
C LEU D 173 -64.42 -31.66 27.17
N LYS D 174 -63.25 -31.43 27.77
CA LYS D 174 -62.45 -32.48 28.38
C LYS D 174 -62.04 -33.58 27.39
N MET D 175 -61.95 -33.22 26.11
CA MET D 175 -61.46 -34.13 25.07
C MET D 175 -59.95 -34.37 25.15
N THR D 176 -59.52 -35.54 24.68
CA THR D 176 -58.10 -35.83 24.49
C THR D 176 -57.59 -35.10 23.24
N PRO D 177 -56.27 -34.83 23.20
CA PRO D 177 -55.66 -34.26 22.00
C PRO D 177 -56.01 -35.01 20.71
N GLN D 178 -56.02 -36.34 20.71
CA GLN D 178 -56.30 -37.08 19.47
C GLN D 178 -57.70 -36.88 18.93
N GLN D 179 -58.70 -36.85 19.81
CA GLN D 179 -60.06 -36.70 19.32
C GLN D 179 -60.40 -35.25 18.95
N ALA D 180 -59.83 -34.28 19.67
CA ALA D 180 -60.02 -32.88 19.34
C ALA D 180 -59.47 -32.63 17.94
N GLU D 181 -58.33 -33.25 17.69
CA GLU D 181 -57.65 -33.16 16.42
C GLU D 181 -58.44 -33.87 15.32
N GLN D 182 -58.93 -35.08 15.61
CA GLN D 182 -59.79 -35.78 14.66
C GLN D 182 -61.12 -35.04 14.46
N ARG D 183 -61.61 -34.39 15.51
CA ARG D 183 -62.85 -33.62 15.42
C ARG D 183 -62.74 -32.45 14.44
N LEU D 184 -61.53 -31.89 14.32
CA LEU D 184 -61.29 -30.69 13.51
C LEU D 184 -60.86 -31.01 12.08
N MET D 185 -60.49 -32.25 11.82
CA MET D 185 -60.10 -32.67 10.47
C MET D 185 -61.24 -32.40 9.50
N GLY D 186 -60.94 -31.72 8.39
CA GLY D 186 -61.97 -31.43 7.41
C GLY D 186 -62.61 -30.07 7.57
N THR D 187 -62.82 -29.66 8.83
CA THR D 187 -63.51 -28.41 9.13
C THR D 187 -62.91 -27.16 8.46
N VAL D 188 -63.80 -26.27 8.02
CA VAL D 188 -63.42 -24.96 7.51
C VAL D 188 -63.76 -23.93 8.58
N ALA D 189 -63.45 -22.66 8.32
CA ALA D 189 -63.55 -21.62 9.34
C ALA D 189 -64.97 -21.51 9.92
N SER D 190 -65.95 -21.63 9.05
CA SER D 190 -67.36 -21.58 9.44
C SER D 190 -67.76 -22.76 10.36
N ASP D 191 -67.19 -23.93 10.08
CA ASP D 191 -67.41 -25.12 10.91
C ASP D 191 -66.86 -24.89 12.31
N LYS D 192 -65.65 -24.34 12.35
CA LYS D 192 -64.97 -24.06 13.61
C LYS D 192 -65.72 -23.03 14.43
N ASN D 193 -66.26 -22.04 13.73
CA ASN D 193 -67.04 -20.98 14.35
C ASN D 193 -68.24 -21.57 15.09
N GLU D 194 -68.95 -22.50 14.47
CA GLU D 194 -70.10 -23.17 15.11
C GLU D 194 -69.75 -24.12 16.26
N ILE D 195 -68.69 -24.90 16.11
CA ILE D 195 -68.24 -25.79 17.18
C ILE D 195 -67.96 -24.96 18.42
N LEU D 196 -67.33 -23.81 18.22
CA LEU D 196 -67.07 -22.88 19.33
C LEU D 196 -68.36 -22.35 19.93
N PHE D 197 -69.29 -21.91 19.09
CA PHE D 197 -70.53 -21.31 19.55
C PHE D 197 -71.49 -22.35 20.14
N LYS D 198 -71.91 -23.30 19.32
CA LYS D 198 -72.96 -24.25 19.71
C LYS D 198 -72.51 -25.28 20.75
N GLU D 199 -71.27 -25.73 20.65
CA GLU D 199 -70.75 -26.77 21.54
C GLU D 199 -69.93 -26.28 22.74
N CYS D 200 -69.28 -25.13 22.60
CA CYS D 200 -68.42 -24.60 23.67
C CYS D 200 -69.00 -23.35 24.32
N GLY D 201 -70.03 -22.76 23.74
CA GLY D 201 -70.62 -21.55 24.29
C GLY D 201 -69.64 -20.41 24.24
N VAL D 202 -68.82 -20.43 23.19
CA VAL D 202 -67.82 -19.39 22.98
C VAL D 202 -68.13 -18.66 21.67
N ASN D 203 -68.23 -17.34 21.75
CA ASN D 203 -68.34 -16.52 20.56
C ASN D 203 -66.92 -16.13 20.11
N TYR D 204 -66.48 -16.61 18.95
CA TYR D 204 -65.11 -16.35 18.49
C TYR D 204 -64.82 -14.85 18.37
N ASN D 205 -65.79 -14.07 17.90
CA ASN D 205 -65.65 -12.62 17.79
C ASN D 205 -65.41 -11.90 19.12
N ASN D 206 -65.69 -12.56 20.23
CA ASN D 206 -65.48 -11.93 21.52
C ASN D 206 -64.04 -12.10 22.01
N GLU D 207 -63.26 -12.88 21.26
CA GLU D 207 -61.82 -13.00 21.53
C GLU D 207 -61.13 -11.67 21.35
N SER D 208 -60.05 -11.46 22.10
CA SER D 208 -59.24 -10.26 21.96
C SER D 208 -58.86 -9.97 20.49
N GLU D 209 -58.92 -8.70 20.11
CA GLU D 209 -58.56 -8.28 18.75
C GLU D 209 -57.09 -8.60 18.42
N MET D 210 -56.21 -8.48 19.40
CA MET D 210 -54.81 -8.84 19.21
C MET D 210 -54.65 -10.31 18.83
N TYR D 211 -55.41 -11.20 19.47
CA TYR D 211 -55.32 -12.62 19.17
C TYR D 211 -55.84 -12.90 17.76
N LYS D 212 -56.92 -12.20 17.39
CA LYS D 212 -57.55 -12.44 16.10
C LYS D 212 -56.83 -11.75 14.94
N LYS D 213 -56.30 -10.55 15.17
CA LYS D 213 -55.80 -9.73 14.07
C LYS D 213 -54.27 -9.65 14.04
N GLY D 214 -53.63 -9.94 15.18
CA GLY D 214 -52.20 -9.77 15.30
C GLY D 214 -51.87 -8.36 15.72
N THR D 215 -50.62 -7.96 15.51
CA THR D 215 -50.15 -6.66 15.94
C THR D 215 -49.45 -5.92 14.79
N ILE D 216 -49.92 -4.72 14.50
CA ILE D 216 -49.28 -3.86 13.52
C ILE D 216 -48.57 -2.74 14.24
N ILE D 217 -47.27 -2.61 14.01
CA ILE D 217 -46.52 -1.46 14.52
C ILE D 217 -46.13 -0.54 13.37
N VAL D 218 -46.55 0.73 13.43
CA VAL D 218 -46.29 1.66 12.33
C VAL D 218 -45.56 2.91 12.75
N ARG D 219 -44.64 3.35 11.90
CA ARG D 219 -43.99 4.63 12.05
C ARG D 219 -44.96 5.68 11.52
N GLU D 220 -45.34 6.64 12.35
CA GLU D 220 -46.32 7.67 11.95
C GLU D 220 -45.69 9.05 11.72
N PHE D 221 -46.00 9.66 10.57
CA PHE D 221 -45.57 11.03 10.29
C PHE D 221 -46.79 11.95 10.19
N GLU D 222 -46.64 13.19 10.67
CA GLU D 222 -47.78 14.13 10.64
C GLU D 222 -47.73 15.07 9.43
N ASN D 223 -46.63 15.80 9.25
CA ASN D 223 -46.55 16.73 8.14
C ASN D 223 -45.74 16.14 6.99
N TYR D 224 -46.21 15.02 6.48
CA TYR D 224 -45.50 14.30 5.44
C TYR D 224 -45.87 14.74 4.04
N GLU D 225 -44.83 14.98 3.24
CA GLU D 225 -45.00 15.14 1.80
C GLU D 225 -44.02 14.16 1.18
N THR D 226 -44.43 13.55 0.08
CA THR D 226 -43.81 12.34 -0.43
C THR D 226 -42.42 12.43 -1.08
N GLU D 227 -41.98 13.63 -1.45
CA GLU D 227 -40.84 13.72 -2.36
C GLU D 227 -39.54 13.09 -1.86
N ASP D 228 -39.08 12.12 -2.64
CA ASP D 228 -37.85 11.36 -2.41
C ASP D 228 -37.10 11.42 -3.73
N GLU D 229 -35.88 11.95 -3.72
CA GLU D 229 -35.13 12.12 -4.96
C GLU D 229 -33.63 12.14 -4.76
N ALA D 230 -32.92 11.91 -5.87
CA ALA D 230 -31.45 11.93 -5.92
C ALA D 230 -30.91 13.34 -5.69
N GLU D 231 -31.68 14.34 -6.14
CA GLU D 231 -31.25 15.74 -6.07
C GLU D 231 -31.00 16.24 -4.67
N LEU D 232 -31.93 15.97 -3.78
CA LEU D 232 -31.74 16.33 -2.39
C LEU D 232 -30.62 15.47 -1.82
N SER D 233 -29.66 16.10 -1.12
CA SER D 233 -28.53 15.36 -0.59
C SER D 233 -27.85 16.08 0.57
N LYS D 234 -26.80 15.45 1.08
CA LYS D 234 -25.95 16.02 2.12
C LYS D 234 -26.77 16.15 3.41
N ARG D 235 -26.85 17.35 4.00
CA ARG D 235 -27.55 17.51 5.27
C ARG D 235 -29.07 17.43 5.11
N GLN D 236 -29.56 17.74 3.91
CA GLN D 236 -30.99 17.69 3.60
C GLN D 236 -31.55 16.29 3.87
N VAL D 237 -30.79 15.27 3.48
CA VAL D 237 -31.15 13.87 3.73
C VAL D 237 -31.20 13.62 5.24
N GLN D 238 -30.32 14.29 5.98
CA GLN D 238 -30.22 14.11 7.44
C GLN D 238 -31.43 14.60 8.25
N ARG D 239 -32.10 15.68 7.82
CA ARG D 239 -33.31 16.06 8.56
C ARG D 239 -34.42 15.04 8.33
N LEU D 240 -34.53 14.51 7.12
CA LEU D 240 -35.49 13.46 6.82
C LEU D 240 -35.15 12.21 7.61
N GLU D 241 -33.86 12.01 7.87
CA GLU D 241 -33.41 10.93 8.74
C GLU D 241 -33.81 11.23 10.18
N LYS D 242 -33.73 12.50 10.55
CA LYS D 242 -34.04 12.94 11.89
C LYS D 242 -35.54 12.82 12.16
N LYS D 243 -36.33 13.24 11.17
CA LYS D 243 -37.77 13.15 11.22
C LYS D 243 -38.19 11.69 11.34
N ARG D 244 -37.54 10.84 10.58
CA ARG D 244 -37.81 9.40 10.60
C ARG D 244 -37.39 8.75 11.93
N LYS D 245 -36.20 9.08 12.43
CA LYS D 245 -35.78 8.54 13.73
C LYS D 245 -36.68 8.93 14.89
N LYS D 246 -37.07 10.21 14.96
CA LYS D 246 -37.87 10.65 16.09
C LYS D 246 -39.34 10.78 15.69
N ALA D 247 -39.90 9.72 15.11
CA ALA D 247 -41.33 9.70 14.81
C ALA D 247 -42.04 8.70 15.72
N GLU D 248 -43.36 8.78 15.77
CA GLU D 248 -44.08 7.98 16.74
C GLU D 248 -44.36 6.58 16.22
N LEU D 249 -44.22 5.61 17.10
CA LEU D 249 -44.59 4.23 16.81
C LEU D 249 -45.99 4.01 17.39
N LYS D 250 -46.96 3.66 16.55
CA LYS D 250 -48.30 3.38 17.04
C LYS D 250 -48.64 1.93 16.84
N ILE D 251 -49.36 1.34 17.79
CA ILE D 251 -49.68 -0.07 17.73
C ILE D 251 -51.15 -0.24 17.36
N TYR D 252 -51.45 -1.16 16.45
CA TYR D 252 -52.84 -1.39 16.04
C TYR D 252 -53.18 -2.88 16.05
N HIS D 253 -54.45 -3.19 16.23
CA HIS D 253 -54.95 -4.56 16.12
C HIS D 253 -56.17 -4.57 15.22
N VAL D 254 -55.93 -4.29 13.95
CA VAL D 254 -56.99 -4.07 12.97
C VAL D 254 -56.78 -4.85 11.67
N ASP D 255 -57.85 -4.96 10.90
CA ASP D 255 -57.75 -5.48 9.54
C ASP D 255 -56.87 -4.58 8.68
N ILE D 256 -55.89 -5.16 7.98
CA ILE D 256 -55.10 -4.42 6.98
C ILE D 256 -55.24 -5.11 5.63
N ILE D 257 -55.96 -6.22 5.61
CA ILE D 257 -56.18 -6.99 4.41
C ILE D 257 -57.05 -6.22 3.42
N ASN D 258 -58.18 -5.75 3.95
CA ASN D 258 -59.24 -5.17 3.11
C ASN D 258 -59.42 -3.65 3.24
N ASP D 259 -58.73 -3.04 4.20
CA ASP D 259 -58.87 -1.60 4.45
C ASP D 259 -57.89 -0.74 3.66
N ASP D 260 -58.26 -0.43 2.42
CA ASP D 260 -57.40 0.37 1.55
C ASP D 260 -57.08 1.76 2.10
N SER D 261 -58.04 2.37 2.79
CA SER D 261 -57.83 3.72 3.32
C SER D 261 -56.74 3.72 4.40
N TRP D 262 -56.59 2.60 5.10
CA TRP D 262 -55.54 2.50 6.10
C TRP D 262 -54.17 2.69 5.42
N TRP D 263 -53.99 2.07 4.26
CA TRP D 263 -52.72 2.16 3.52
C TRP D 263 -52.59 3.48 2.77
N LYS D 264 -53.66 3.90 2.09
CA LYS D 264 -53.63 5.12 1.27
C LYS D 264 -53.27 6.35 2.10
N SER D 265 -53.72 6.36 3.35
CA SER D 265 -53.43 7.48 4.27
C SER D 265 -52.07 7.36 4.93
N ARG D 266 -51.29 6.37 4.52
CA ARG D 266 -49.93 6.22 5.01
C ARG D 266 -48.92 6.05 3.85
N PRO D 267 -48.83 7.07 2.97
CA PRO D 267 -48.03 6.95 1.74
C PRO D 267 -46.53 6.78 1.97
N TRP D 268 -46.03 7.17 3.14
CA TRP D 268 -44.60 7.06 3.40
C TRP D 268 -44.14 5.61 3.51
N LEU D 269 -45.08 4.68 3.65
CA LEU D 269 -44.73 3.28 3.68
C LEU D 269 -44.15 2.84 2.32
N LYS D 270 -44.61 3.49 1.25
CA LYS D 270 -44.24 3.18 -0.14
C LYS D 270 -42.86 3.69 -0.57
N ASP D 271 -42.26 4.55 0.23
CA ASP D 271 -41.02 5.23 -0.17
C ASP D 271 -39.81 4.59 0.52
N MET E 4 47.54 38.12 -5.56
CA MET E 4 47.36 38.61 -4.19
C MET E 4 46.18 39.58 -4.10
N ALA E 5 45.67 39.99 -5.26
CA ALA E 5 44.51 40.87 -5.35
C ALA E 5 43.19 40.21 -4.92
N ASN E 6 43.20 38.91 -4.63
CA ASN E 6 41.95 38.20 -4.47
C ASN E 6 41.75 37.75 -3.03
N SER E 7 42.52 38.32 -2.11
CA SER E 7 42.47 37.88 -0.72
C SER E 7 41.28 38.49 0.01
N LYS E 8 40.68 39.53 -0.57
CA LYS E 8 39.57 40.19 0.09
C LYS E 8 38.24 39.49 -0.22
N TYR E 9 38.25 38.64 -1.26
CA TYR E 9 37.04 37.97 -1.69
C TYR E 9 37.10 36.45 -1.62
N GLU E 10 38.28 35.90 -1.38
CA GLU E 10 38.43 34.46 -1.45
C GLU E 10 37.81 33.69 -0.29
N TYR E 11 37.40 34.39 0.78
CA TYR E 11 36.76 33.72 1.91
C TYR E 11 35.48 32.96 1.46
N VAL E 12 34.85 33.37 0.35
CA VAL E 12 33.60 32.74 -0.12
C VAL E 12 33.78 31.26 -0.47
N LYS E 13 35.02 30.86 -0.67
CA LYS E 13 35.37 29.47 -0.96
C LYS E 13 35.06 28.55 0.21
N LEU E 14 35.04 29.12 1.42
CA LEU E 14 34.84 28.38 2.66
C LEU E 14 33.40 27.93 2.87
N PHE E 15 32.49 28.40 2.02
CA PHE E 15 31.07 28.02 2.11
C PHE E 15 30.81 26.72 1.39
N GLU E 16 31.80 26.24 0.63
CA GLU E 16 31.66 24.98 -0.09
C GLU E 16 31.70 23.82 0.90
N LYS E 17 30.93 22.78 0.61
CA LYS E 17 30.88 21.62 1.47
C LYS E 17 31.15 20.38 0.64
N GLU E 18 32.24 19.67 0.91
CA GLU E 18 32.51 18.42 0.20
C GLU E 18 31.85 17.25 0.91
N ASN E 19 31.49 16.23 0.15
CA ASN E 19 31.01 14.99 0.72
C ASN E 19 31.96 13.89 0.26
N TYR E 20 32.85 13.48 1.16
CA TYR E 20 33.79 12.41 0.91
C TYR E 20 33.10 11.10 1.22
N LEU E 21 32.90 10.29 0.19
CA LEU E 21 32.12 9.07 0.37
C LEU E 21 32.88 8.07 1.21
N LEU E 22 32.15 7.50 2.18
CA LEU E 22 32.67 6.52 3.14
C LEU E 22 33.63 5.54 2.51
N PRO E 23 34.87 5.46 3.05
CA PRO E 23 35.92 4.56 2.56
C PRO E 23 35.52 3.09 2.61
N ASP E 24 36.15 2.28 1.74
CA ASP E 24 36.03 0.83 1.76
C ASP E 24 34.58 0.36 1.58
N THR E 25 33.82 1.15 0.82
CA THR E 25 32.44 0.81 0.53
C THR E 25 32.19 0.80 -0.99
N TYR E 26 31.36 -0.11 -1.48
CA TYR E 26 31.05 -0.12 -2.90
C TYR E 26 30.26 1.12 -3.28
N ILE E 27 30.64 1.72 -4.40
CA ILE E 27 29.91 2.83 -4.95
C ILE E 27 29.19 2.40 -6.22
N ILE E 28 27.91 2.65 -6.27
CA ILE E 28 27.13 2.53 -7.48
C ILE E 28 26.84 3.94 -7.98
N ILE E 29 27.14 4.20 -9.24
CA ILE E 29 26.71 5.44 -9.86
C ILE E 29 25.65 5.09 -10.89
N ARG E 30 24.45 5.65 -10.73
CA ARG E 30 23.38 5.40 -11.68
C ARG E 30 23.07 6.69 -12.43
N VAL E 31 23.06 6.60 -13.76
CA VAL E 31 22.68 7.73 -14.59
C VAL E 31 21.38 7.38 -15.31
N ASP E 32 20.51 8.34 -15.45
CA ASP E 32 19.24 8.06 -16.10
C ASP E 32 18.85 9.25 -16.97
N GLY E 33 18.42 9.00 -18.19
CA GLY E 33 18.06 10.08 -19.11
C GLY E 33 16.95 11.00 -18.62
N LYS E 34 17.18 12.31 -18.73
CA LYS E 34 16.16 13.28 -18.33
C LYS E 34 15.15 13.51 -19.45
N GLY E 35 13.88 13.20 -19.16
CA GLY E 35 12.78 13.35 -20.09
C GLY E 35 12.97 12.51 -21.36
N PHE E 36 13.42 11.26 -21.19
CA PHE E 36 13.66 10.45 -22.39
C PHE E 36 12.38 9.89 -23.00
N HIS E 37 11.27 10.01 -22.30
CA HIS E 37 9.97 9.72 -22.88
C HIS E 37 9.71 10.72 -24.03
N LYS E 38 9.86 12.01 -23.70
CA LYS E 38 9.76 13.15 -24.62
C LYS E 38 10.82 13.06 -25.70
N PHE E 39 12.02 12.70 -25.29
CA PHE E 39 13.16 12.62 -26.20
C PHE E 39 12.91 11.53 -27.25
N SER E 40 12.41 10.38 -26.80
CA SER E 40 12.21 9.26 -27.71
C SER E 40 11.06 9.55 -28.68
N GLN E 41 10.13 10.40 -28.26
CA GLN E 41 9.07 10.81 -29.18
C GLN E 41 9.59 11.81 -30.21
N PHE E 42 10.31 12.85 -29.76
CA PHE E 42 10.78 13.88 -30.67
C PHE E 42 11.63 13.27 -31.78
N TYR E 43 12.46 12.28 -31.46
CA TYR E 43 13.31 11.67 -32.48
C TYR E 43 12.73 10.36 -33.00
N GLU E 44 11.46 10.10 -32.68
CA GLU E 44 10.73 8.97 -33.26
C GLU E 44 11.48 7.64 -33.10
N PHE E 45 11.88 7.33 -31.88
CA PHE E 45 12.44 6.00 -31.57
C PHE E 45 11.41 4.98 -32.00
N GLU E 46 11.89 3.83 -32.47
CA GLU E 46 11.00 2.69 -32.65
C GLU E 46 10.44 2.18 -31.30
N LYS E 47 9.24 1.61 -31.32
CA LYS E 47 8.60 1.07 -30.13
C LYS E 47 8.28 -0.40 -30.32
N PRO E 48 8.40 -1.21 -29.24
CA PRO E 48 8.78 -0.75 -27.89
C PRO E 48 10.26 -0.38 -27.71
N ASN E 49 11.16 -1.04 -28.41
CA ASN E 49 12.60 -0.79 -28.26
C ASN E 49 13.28 -0.33 -29.52
N ASP E 50 14.04 0.75 -29.40
CA ASP E 50 14.84 1.22 -30.52
C ASP E 50 16.25 0.68 -30.37
N LEU E 51 16.62 -0.21 -31.29
CA LEU E 51 17.90 -0.90 -31.23
C LEU E 51 19.10 0.05 -31.25
N LYS E 52 19.08 0.99 -32.18
CA LYS E 52 20.22 1.88 -32.36
C LYS E 52 20.34 2.88 -31.21
N ALA E 53 19.22 3.29 -30.63
CA ALA E 53 19.25 4.14 -29.45
C ALA E 53 19.90 3.39 -28.30
N LEU E 54 19.58 2.11 -28.17
CA LEU E 54 20.22 1.29 -27.14
C LEU E 54 21.71 1.07 -27.45
N GLN E 55 22.07 1.01 -28.74
CA GLN E 55 23.47 0.86 -29.13
C GLN E 55 24.25 2.16 -28.87
N VAL E 56 23.57 3.29 -29.03
CA VAL E 56 24.15 4.56 -28.64
C VAL E 56 24.45 4.58 -27.13
N MET E 57 23.49 4.13 -26.31
CA MET E 57 23.70 4.04 -24.86
C MET E 57 24.84 3.09 -24.50
N ASN E 58 24.85 1.93 -25.15
CA ASN E 58 25.88 0.90 -24.87
C ASN E 58 27.29 1.33 -25.28
N SER E 59 27.39 2.08 -26.38
CA SER E 59 28.70 2.60 -26.79
C SER E 59 29.16 3.66 -25.81
N ALA E 60 28.25 4.53 -25.39
CA ALA E 60 28.57 5.57 -24.41
C ALA E 60 29.13 4.96 -23.15
N ALA E 61 28.40 3.98 -22.62
CA ALA E 61 28.78 3.32 -21.38
C ALA E 61 30.10 2.60 -21.50
N GLU E 62 30.30 1.89 -22.60
CA GLU E 62 31.54 1.13 -22.79
C GLU E 62 32.73 2.07 -22.90
N LYS E 63 32.51 3.20 -23.54
CA LYS E 63 33.57 4.20 -23.67
C LYS E 63 33.94 4.75 -22.29
N LEU E 64 32.94 5.08 -21.50
CA LEU E 64 33.15 5.59 -20.14
C LEU E 64 33.92 4.59 -19.26
N MET E 65 33.51 3.34 -19.31
CA MET E 65 34.14 2.30 -18.51
C MET E 65 35.60 2.03 -18.96
N SER E 66 35.89 2.22 -20.24
CA SER E 66 37.25 1.96 -20.73
C SER E 66 38.21 3.07 -20.31
N LYS E 67 37.67 4.23 -19.98
CA LYS E 67 38.44 5.37 -19.49
C LYS E 67 38.70 5.32 -17.96
N TYR E 68 37.84 4.65 -17.21
CA TYR E 68 37.94 4.60 -15.74
C TYR E 68 38.07 3.17 -15.29
N SER E 69 39.30 2.77 -15.00
CA SER E 69 39.62 1.41 -14.65
C SER E 69 39.01 0.95 -13.34
N ASP E 70 38.52 1.89 -12.53
CA ASP E 70 37.87 1.53 -11.27
C ASP E 70 36.46 0.94 -11.47
N VAL E 71 35.87 1.19 -12.64
CA VAL E 71 34.58 0.62 -12.95
C VAL E 71 34.71 -0.87 -13.31
N MET E 72 34.08 -1.72 -12.52
CA MET E 72 34.23 -3.16 -12.68
C MET E 72 33.07 -3.76 -13.48
N LEU E 73 31.93 -3.10 -13.44
CA LEU E 73 30.71 -3.64 -14.00
C LEU E 73 29.73 -2.50 -14.27
N ALA E 74 29.02 -2.60 -15.39
CA ALA E 74 27.98 -1.66 -15.75
C ALA E 74 26.78 -2.44 -16.22
N TYR E 75 25.58 -2.00 -15.87
CA TYR E 75 24.36 -2.65 -16.34
C TYR E 75 23.40 -1.60 -16.87
N GLY E 76 22.89 -1.83 -18.07
CA GLY E 76 21.99 -0.86 -18.67
C GLY E 76 20.76 -1.47 -19.31
N ASP E 77 19.69 -0.71 -19.31
CA ASP E 77 18.52 -1.01 -20.10
C ASP E 77 17.76 0.30 -20.18
N SER E 78 16.94 0.46 -21.21
CA SER E 78 16.18 1.68 -21.39
C SER E 78 17.12 2.90 -21.42
N ASP E 79 16.82 3.91 -20.63
CA ASP E 79 17.66 5.10 -20.62
C ASP E 79 18.56 5.19 -19.41
N GLU E 80 18.88 4.04 -18.81
CA GLU E 80 19.67 4.07 -17.58
C GLU E 80 20.91 3.22 -17.69
N TYR E 81 21.93 3.60 -16.93
CA TYR E 81 23.11 2.76 -16.77
C TYR E 81 23.59 2.85 -15.33
N SER E 82 23.99 1.71 -14.79
CA SER E 82 24.54 1.65 -13.44
C SER E 82 25.97 1.21 -13.51
N PHE E 83 26.85 1.91 -12.80
CA PHE E 83 28.25 1.58 -12.80
C PHE E 83 28.74 1.17 -11.41
N LEU E 84 29.36 0.00 -11.32
CA LEU E 84 29.97 -0.43 -10.07
C LEU E 84 31.43 0.01 -9.99
N LEU E 85 31.75 0.80 -8.99
CA LEU E 85 33.15 1.16 -8.69
C LEU E 85 33.69 0.24 -7.60
N ARG E 86 34.93 -0.24 -7.76
CA ARG E 86 35.53 -1.14 -6.77
C ARG E 86 35.64 -0.41 -5.44
N LYS E 87 35.52 -1.14 -4.33
CA LYS E 87 35.29 -0.48 -3.03
C LYS E 87 36.44 0.37 -2.54
N ASN E 88 37.65 0.10 -3.01
CA ASN E 88 38.79 0.91 -2.57
C ASN E 88 39.19 1.97 -3.58
N CYS E 89 38.25 2.27 -4.47
CA CYS E 89 38.37 3.34 -5.45
C CYS E 89 38.74 4.68 -4.84
N GLN E 90 39.73 5.36 -5.42
CA GLN E 90 40.16 6.68 -4.91
C GLN E 90 40.01 7.73 -6.01
N LEU E 91 39.26 7.39 -7.04
CA LEU E 91 38.94 8.35 -8.09
C LEU E 91 38.37 9.65 -7.49
N TYR E 92 39.07 10.76 -7.73
CA TYR E 92 38.73 12.08 -7.22
C TYR E 92 38.55 12.14 -5.71
N GLU E 93 39.34 11.37 -4.99
CA GLU E 93 39.29 11.31 -3.53
C GLU E 93 37.87 10.95 -3.04
N ARG E 94 37.15 10.15 -3.82
CA ARG E 94 35.80 9.70 -3.49
C ARG E 94 34.85 10.87 -3.25
N ARG E 95 35.15 12.01 -3.85
CA ARG E 95 34.26 13.18 -3.75
C ARG E 95 32.98 12.99 -4.60
N GLU E 96 31.84 13.02 -3.92
CA GLU E 96 30.54 12.75 -4.52
C GLU E 96 30.21 13.75 -5.62
N MET E 97 30.52 15.02 -5.39
CA MET E 97 30.30 16.06 -6.36
C MET E 97 31.07 15.77 -7.67
N LYS E 98 32.34 15.37 -7.55
CA LYS E 98 33.17 15.08 -8.73
C LYS E 98 32.69 13.82 -9.46
N LEU E 99 32.48 12.76 -8.69
CA LEU E 99 32.07 11.48 -9.25
C LEU E 99 30.73 11.59 -9.98
N THR E 100 29.76 12.30 -9.40
CA THR E 100 28.44 12.35 -10.00
C THR E 100 28.35 13.31 -11.18
N THR E 101 28.92 14.51 -11.07
CA THR E 101 28.75 15.46 -12.15
C THR E 101 29.64 15.13 -13.36
N LEU E 102 30.74 14.42 -13.14
CA LEU E 102 31.55 13.96 -14.23
C LEU E 102 30.89 12.75 -14.94
N PHE E 103 30.30 11.84 -14.20
CA PHE E 103 29.61 10.73 -14.86
C PHE E 103 28.42 11.23 -15.65
N SER E 104 27.68 12.21 -15.14
CA SER E 104 26.56 12.71 -15.94
C SER E 104 27.07 13.51 -17.16
N SER E 105 28.17 14.24 -16.99
CA SER E 105 28.76 14.99 -18.09
C SER E 105 29.34 14.07 -19.17
N LEU E 106 30.14 13.08 -18.76
CA LEU E 106 30.67 12.10 -19.72
C LEU E 106 29.58 11.34 -20.48
N MET E 107 28.57 10.81 -19.79
CA MET E 107 27.53 10.05 -20.49
C MET E 107 26.80 10.92 -21.46
N SER E 108 26.53 12.15 -21.06
CA SER E 108 25.81 13.07 -21.92
C SER E 108 26.60 13.33 -23.21
N THR E 109 27.89 13.62 -23.08
CA THR E 109 28.70 13.98 -24.23
C THR E 109 29.01 12.75 -25.10
N TYR E 110 29.31 11.61 -24.49
CA TYR E 110 29.48 10.38 -25.26
C TYR E 110 28.21 10.07 -26.01
N TYR E 111 27.06 10.29 -25.37
CA TYR E 111 25.77 10.04 -26.01
C TYR E 111 25.57 10.95 -27.22
N MET E 112 25.84 12.25 -27.07
CA MET E 112 25.75 13.14 -28.22
C MET E 112 26.70 12.75 -29.35
N TYR E 113 27.93 12.38 -29.00
CA TYR E 113 28.90 11.95 -30.03
C TYR E 113 28.39 10.70 -30.74
N PHE E 114 27.99 9.66 -29.99
CA PHE E 114 27.56 8.45 -30.66
C PHE E 114 26.24 8.64 -31.38
N TRP E 115 25.40 9.55 -30.88
CA TRP E 115 24.16 9.82 -31.59
C TRP E 115 24.44 10.39 -32.99
N SER E 116 25.35 11.34 -33.10
CA SER E 116 25.60 11.97 -34.39
C SER E 116 26.19 10.98 -35.39
N GLN E 117 26.80 9.90 -34.90
CA GLN E 117 27.28 8.83 -35.78
C GLN E 117 26.16 7.88 -36.23
N TYR E 118 25.33 7.40 -35.29
CA TYR E 118 24.31 6.38 -35.62
C TYR E 118 23.08 6.97 -36.30
N PHE E 119 22.83 8.25 -36.08
CA PHE E 119 21.68 8.88 -36.69
C PHE E 119 22.08 10.14 -37.48
N PRO E 120 22.86 9.97 -38.56
CA PRO E 120 23.30 11.11 -39.37
C PRO E 120 22.11 11.86 -39.96
N ASP E 121 20.99 11.16 -40.05
CA ASP E 121 19.78 11.70 -40.62
C ASP E 121 18.92 12.45 -39.58
N LYS E 122 19.27 12.29 -38.30
CA LYS E 122 18.54 12.94 -37.22
C LYS E 122 19.44 13.87 -36.41
N PRO E 123 19.77 15.04 -37.00
CA PRO E 123 20.63 15.96 -36.23
C PRO E 123 19.99 16.34 -34.91
N LEU E 124 20.79 16.53 -33.85
CA LEU E 124 20.22 16.88 -32.56
C LEU E 124 19.72 18.31 -32.54
N HIS E 125 18.56 18.51 -31.95
CA HIS E 125 17.96 19.83 -31.84
C HIS E 125 18.32 20.48 -30.49
N ILE E 126 18.52 21.78 -30.52
CA ILE E 126 19.02 22.49 -29.36
C ILE E 126 18.06 22.36 -28.15
N ASP E 127 16.80 22.10 -28.40
CA ASP E 127 15.84 21.99 -27.30
C ASP E 127 15.57 20.54 -26.89
N HIS E 128 16.26 19.61 -27.52
CA HIS E 128 16.15 18.19 -27.18
C HIS E 128 17.49 17.48 -27.21
N LEU E 129 18.44 17.99 -26.42
CA LEU E 129 19.74 17.35 -26.27
C LEU E 129 19.61 16.29 -25.19
N PRO E 130 20.43 15.23 -25.26
CA PRO E 130 20.32 14.13 -24.29
C PRO E 130 21.02 14.45 -22.98
N ASN E 131 20.22 14.64 -21.93
CA ASN E 131 20.76 14.94 -20.61
C ASN E 131 20.55 13.80 -19.66
N PHE E 132 21.47 13.67 -18.71
CA PHE E 132 21.43 12.59 -17.71
C PHE E 132 21.62 13.15 -16.31
N ASP E 133 20.93 12.55 -15.33
CA ASP E 133 21.25 12.82 -13.94
C ASP E 133 22.26 11.75 -13.55
N ALA E 134 22.78 11.80 -12.33
CA ALA E 134 23.68 10.76 -11.85
C ALA E 134 23.69 10.83 -10.35
N ARG E 135 23.59 9.69 -9.68
CA ARG E 135 23.64 9.69 -8.22
C ARG E 135 24.61 8.62 -7.80
N ALA E 136 25.29 8.85 -6.69
CA ALA E 136 26.17 7.86 -6.11
C ALA E 136 25.42 7.19 -4.97
N VAL E 137 25.53 5.87 -4.85
CA VAL E 137 24.95 5.13 -3.73
C VAL E 137 26.00 4.22 -3.13
N LEU E 138 26.05 4.18 -1.80
CA LEU E 138 26.98 3.33 -1.05
C LEU E 138 26.33 2.01 -0.62
N TYR E 139 27.04 0.91 -0.78
CA TYR E 139 26.58 -0.39 -0.30
C TYR E 139 27.72 -1.02 0.46
N PRO E 140 27.50 -1.34 1.74
CA PRO E 140 28.62 -1.77 2.60
C PRO E 140 28.97 -3.24 2.44
N ASP E 141 28.15 -4.00 1.72
CA ASP E 141 28.37 -5.44 1.59
C ASP E 141 28.01 -5.91 0.17
N PHE E 142 28.80 -6.83 -0.37
CA PHE E 142 28.63 -7.23 -1.76
C PHE E 142 27.27 -7.90 -2.00
N LYS E 143 26.68 -8.46 -0.95
CA LYS E 143 25.38 -9.08 -1.14
C LYS E 143 24.37 -8.02 -1.55
N HIS E 144 24.61 -6.76 -1.16
CA HIS E 144 23.71 -5.70 -1.57
C HIS E 144 23.96 -5.31 -3.03
N ILE E 145 25.19 -5.51 -3.50
CA ILE E 145 25.55 -5.24 -4.87
C ILE E 145 24.84 -6.22 -5.81
N ARG E 146 24.87 -7.50 -5.45
CA ARG E 146 24.12 -8.52 -6.18
C ARG E 146 22.63 -8.20 -6.21
N ASN E 147 22.08 -7.83 -5.08
CA ASN E 147 20.70 -7.49 -5.03
C ASN E 147 20.37 -6.21 -5.80
N TYR E 148 21.33 -5.29 -5.87
CA TYR E 148 21.14 -4.06 -6.63
C TYR E 148 20.98 -4.38 -8.10
N PHE E 149 21.88 -5.19 -8.64
CA PHE E 149 21.80 -5.51 -10.06
C PHE E 149 20.62 -6.44 -10.36
N SER E 150 20.30 -7.34 -9.45
CA SER E 150 19.09 -8.15 -9.56
C SER E 150 17.87 -7.24 -9.65
N TRP E 151 17.87 -6.21 -8.80
CA TRP E 151 16.83 -5.22 -8.79
C TRP E 151 16.61 -4.56 -10.16
N ARG E 152 17.72 -4.18 -10.81
CA ARG E 152 17.64 -3.46 -12.08
C ARG E 152 17.22 -4.40 -13.18
N GLN E 153 17.67 -5.64 -13.11
CA GLN E 153 17.35 -6.59 -14.15
C GLN E 153 15.90 -7.06 -14.05
N VAL E 154 15.38 -7.27 -12.84
CA VAL E 154 13.96 -7.58 -12.66
C VAL E 154 13.10 -6.44 -13.24
N ASP E 155 13.55 -5.21 -13.02
CA ASP E 155 12.86 -4.03 -13.53
C ASP E 155 12.86 -3.99 -15.06
N CYS E 156 13.95 -4.51 -15.64
CA CYS E 156 14.06 -4.63 -17.08
C CYS E 156 13.04 -5.67 -17.62
N HIS E 157 12.95 -6.80 -16.91
N HIS E 157 12.93 -6.82 -16.94
CA HIS E 157 12.00 -7.86 -17.23
CA HIS E 157 11.95 -7.82 -17.35
C HIS E 157 10.57 -7.33 -17.24
C HIS E 157 10.54 -7.28 -17.27
N ILE E 158 10.19 -6.67 -16.13
CA ILE E 158 8.86 -6.15 -15.94
C ILE E 158 8.50 -5.07 -16.98
N ASN E 159 9.41 -4.12 -17.18
CA ASN E 159 9.11 -3.01 -18.11
C ASN E 159 9.11 -3.44 -19.56
N ASN E 160 10.00 -4.35 -19.95
CA ASN E 160 10.02 -4.74 -21.34
C ASN E 160 8.80 -5.57 -21.70
N LEU E 161 8.42 -6.51 -20.84
CA LEU E 161 7.22 -7.30 -21.10
C LEU E 161 6.00 -6.38 -21.16
N TYR E 162 5.89 -5.44 -20.22
CA TYR E 162 4.77 -4.52 -20.22
C TYR E 162 4.78 -3.67 -21.50
N ASN E 163 5.93 -3.05 -21.80
CA ASN E 163 6.02 -2.15 -22.93
C ASN E 163 5.84 -2.88 -24.27
N THR E 164 6.31 -4.12 -24.34
CA THR E 164 6.15 -4.89 -25.56
C THR E 164 4.69 -5.20 -25.83
N THR E 165 3.97 -5.59 -24.78
CA THR E 165 2.54 -5.86 -24.90
C THR E 165 1.79 -4.57 -25.22
N PHE E 166 2.11 -3.52 -24.46
CA PHE E 166 1.47 -2.22 -24.63
C PHE E 166 1.58 -1.75 -26.07
N TRP E 167 2.79 -1.75 -26.62
CA TRP E 167 2.99 -1.14 -27.94
C TRP E 167 2.47 -2.00 -29.08
N ASN E 168 2.41 -3.32 -28.89
CA ASN E 168 1.82 -4.18 -29.89
C ASN E 168 0.29 -4.05 -29.91
N LEU E 169 -0.32 -3.86 -28.74
CA LEU E 169 -1.73 -3.53 -28.65
C LEU E 169 -2.04 -2.21 -29.37
N VAL E 170 -1.15 -1.23 -29.24
CA VAL E 170 -1.35 0.07 -29.86
C VAL E 170 -1.06 0.06 -31.39
N LEU E 171 0.05 -0.54 -31.78
CA LEU E 171 0.48 -0.45 -33.17
C LEU E 171 -0.18 -1.48 -34.05
N LYS E 172 -0.26 -2.72 -33.58
CA LYS E 172 -0.90 -3.76 -34.36
C LYS E 172 -2.41 -3.73 -34.23
N LEU E 173 -2.93 -3.71 -33.01
CA LEU E 173 -4.38 -3.76 -32.83
C LEU E 173 -5.06 -2.38 -32.83
N LYS E 174 -4.28 -1.31 -33.04
CA LYS E 174 -4.83 0.05 -33.14
C LYS E 174 -5.69 0.50 -31.96
N MET E 175 -5.39 -0.04 -30.79
CA MET E 175 -5.98 0.45 -29.56
C MET E 175 -5.32 1.80 -29.25
N THR E 176 -6.05 2.70 -28.61
CA THR E 176 -5.45 3.93 -28.11
C THR E 176 -4.56 3.57 -26.93
N PRO E 177 -3.54 4.41 -26.63
CA PRO E 177 -2.73 4.16 -25.42
C PRO E 177 -3.57 3.94 -24.16
N GLN E 178 -4.61 4.74 -23.94
CA GLN E 178 -5.47 4.61 -22.77
C GLN E 178 -6.20 3.26 -22.74
N GLN E 179 -6.64 2.79 -23.91
CA GLN E 179 -7.37 1.53 -23.97
C GLN E 179 -6.42 0.36 -23.77
N ALA E 180 -5.19 0.50 -24.26
CA ALA E 180 -4.16 -0.51 -24.06
C ALA E 180 -3.85 -0.64 -22.58
N GLU E 181 -3.79 0.50 -21.91
CA GLU E 181 -3.47 0.55 -20.50
C GLU E 181 -4.57 -0.09 -19.64
N GLN E 182 -5.83 0.20 -19.95
CA GLN E 182 -6.97 -0.38 -19.25
C GLN E 182 -6.99 -1.89 -19.45
N ARG E 183 -6.64 -2.35 -20.64
CA ARG E 183 -6.60 -3.78 -20.93
C ARG E 183 -5.56 -4.51 -20.10
N LEU E 184 -4.47 -3.83 -19.77
CA LEU E 184 -3.33 -4.44 -19.07
C LEU E 184 -3.38 -4.31 -17.53
N MET E 185 -4.23 -3.43 -17.05
CA MET E 185 -4.44 -3.21 -15.62
C MET E 185 -4.80 -4.54 -14.99
N GLY E 186 -4.05 -4.97 -13.97
CA GLY E 186 -4.36 -6.23 -13.32
C GLY E 186 -3.60 -7.44 -13.84
N THR E 187 -3.37 -7.45 -15.15
CA THR E 187 -2.72 -8.59 -15.81
C THR E 187 -1.38 -8.99 -15.20
N VAL E 188 -1.13 -10.29 -15.19
CA VAL E 188 0.14 -10.84 -14.75
C VAL E 188 1.00 -11.23 -15.95
N ALA E 189 2.20 -11.74 -15.67
CA ALA E 189 3.17 -12.03 -16.71
C ALA E 189 2.63 -12.98 -17.74
N SER E 190 1.94 -14.01 -17.25
CA SER E 190 1.37 -15.02 -18.12
C SER E 190 0.26 -14.45 -19.01
N ASP E 191 -0.52 -13.50 -18.50
CA ASP E 191 -1.53 -12.79 -19.31
C ASP E 191 -0.87 -12.01 -20.44
N LYS E 192 0.19 -11.29 -20.11
CA LYS E 192 0.88 -10.48 -21.10
C LYS E 192 1.46 -11.39 -22.18
N ASN E 193 2.03 -12.51 -21.77
CA ASN E 193 2.56 -13.50 -22.71
C ASN E 193 1.46 -14.00 -23.63
N GLU E 194 0.29 -14.29 -23.05
CA GLU E 194 -0.87 -14.76 -23.80
C GLU E 194 -1.39 -13.72 -24.76
N ILE E 195 -1.54 -12.50 -24.27
CA ILE E 195 -2.02 -11.40 -25.09
C ILE E 195 -1.13 -11.16 -26.30
N LEU E 196 0.18 -11.22 -26.09
CA LEU E 196 1.14 -11.06 -27.19
C LEU E 196 1.02 -12.16 -28.23
N PHE E 197 0.89 -13.39 -27.76
CA PHE E 197 0.91 -14.54 -28.67
C PHE E 197 -0.37 -14.60 -29.52
N LYS E 198 -1.52 -14.73 -28.88
CA LYS E 198 -2.77 -14.92 -29.60
C LYS E 198 -3.31 -13.68 -30.33
N GLU E 199 -3.14 -12.50 -29.76
CA GLU E 199 -3.75 -11.29 -30.33
C GLU E 199 -2.77 -10.49 -31.21
N CYS E 200 -1.47 -10.63 -30.95
CA CYS E 200 -0.48 -9.83 -31.67
C CYS E 200 0.42 -10.64 -32.61
N GLY E 201 0.37 -11.98 -32.51
CA GLY E 201 1.20 -12.85 -33.32
C GLY E 201 2.67 -12.70 -33.01
N VAL E 202 2.97 -12.41 -31.75
CA VAL E 202 4.34 -12.24 -31.29
C VAL E 202 4.71 -13.26 -30.22
N ASN E 203 5.80 -13.96 -30.43
CA ASN E 203 6.37 -14.84 -29.41
C ASN E 203 7.36 -14.01 -28.59
N TYR E 204 7.01 -13.74 -27.32
CA TYR E 204 7.83 -12.89 -26.45
C TYR E 204 9.20 -13.49 -26.18
N ASN E 205 9.23 -14.82 -26.05
CA ASN E 205 10.49 -15.52 -25.80
C ASN E 205 11.49 -15.32 -26.91
N ASN E 206 11.01 -14.99 -28.10
CA ASN E 206 11.88 -14.78 -29.25
C ASN E 206 12.36 -13.34 -29.42
N GLU E 207 11.88 -12.44 -28.56
CA GLU E 207 12.40 -11.08 -28.56
C GLU E 207 13.89 -11.13 -28.24
N SER E 208 14.63 -10.18 -28.77
CA SER E 208 16.07 -10.05 -28.54
C SER E 208 16.45 -10.14 -27.06
N GLU E 209 17.55 -10.84 -26.77
CA GLU E 209 18.07 -10.98 -25.40
C GLU E 209 18.39 -9.64 -24.76
N MET E 210 18.88 -8.69 -25.55
CA MET E 210 19.15 -7.33 -25.06
C MET E 210 17.88 -6.65 -24.56
N TYR E 211 16.77 -6.85 -25.26
CA TYR E 211 15.51 -6.26 -24.84
C TYR E 211 15.01 -6.86 -23.55
N LYS E 212 15.13 -8.17 -23.42
CA LYS E 212 14.58 -8.91 -22.29
C LYS E 212 15.46 -8.81 -21.05
N LYS E 213 16.77 -8.86 -21.25
CA LYS E 213 17.71 -9.02 -20.14
C LYS E 213 18.49 -7.76 -19.84
N GLY E 214 18.58 -6.88 -20.84
CA GLY E 214 19.42 -5.70 -20.73
C GLY E 214 20.85 -5.97 -21.19
N THR E 215 21.75 -5.10 -20.79
CA THR E 215 23.14 -5.18 -21.22
C THR E 215 24.10 -5.14 -20.04
N ILE E 216 24.96 -6.15 -19.97
CA ILE E 216 26.02 -6.21 -18.96
C ILE E 216 27.37 -5.96 -19.59
N ILE E 217 28.09 -4.96 -19.09
CA ILE E 217 29.48 -4.76 -19.48
C ILE E 217 30.39 -5.05 -18.30
N VAL E 218 31.29 -6.02 -18.45
CA VAL E 218 32.16 -6.40 -17.35
C VAL E 218 33.65 -6.39 -17.73
N ARG E 219 34.47 -5.94 -16.80
CA ARG E 219 35.91 -6.00 -16.98
C ARG E 219 36.35 -7.44 -16.72
N GLU E 220 37.05 -8.03 -17.69
CA GLU E 220 37.51 -9.41 -17.59
C GLU E 220 39.03 -9.51 -17.30
N PHE E 221 39.38 -10.30 -16.29
CA PHE E 221 40.77 -10.55 -15.90
C PHE E 221 41.16 -12.01 -16.12
N GLU E 222 42.39 -12.26 -16.55
CA GLU E 222 42.79 -13.63 -16.87
C GLU E 222 43.48 -14.37 -15.74
N ASN E 223 44.58 -13.82 -15.24
CA ASN E 223 45.30 -14.48 -14.16
C ASN E 223 45.07 -13.77 -12.84
N TYR E 224 43.81 -13.73 -12.41
CA TYR E 224 43.44 -12.97 -11.23
C TYR E 224 43.64 -13.71 -9.94
N GLU E 225 44.32 -13.05 -9.03
CA GLU E 225 44.44 -13.46 -7.65
C GLU E 225 44.17 -12.27 -6.73
N THR E 226 43.56 -12.51 -5.57
CA THR E 226 43.15 -11.43 -4.66
C THR E 226 44.37 -10.75 -4.03
N GLU E 227 45.24 -10.23 -4.91
CA GLU E 227 46.60 -9.79 -4.60
C GLU E 227 46.74 -8.53 -3.72
N ASP E 228 45.79 -7.59 -3.83
CA ASP E 228 45.87 -6.30 -3.11
C ASP E 228 46.04 -6.48 -1.59
N GLU E 229 47.09 -5.89 -1.04
CA GLU E 229 47.40 -5.98 0.38
C GLU E 229 48.29 -4.82 0.81
N ALA E 230 48.44 -4.66 2.12
CA ALA E 230 49.33 -3.63 2.66
C ALA E 230 50.76 -3.92 2.23
N GLU E 231 51.08 -5.20 2.10
CA GLU E 231 52.43 -5.68 1.79
C GLU E 231 52.93 -5.21 0.43
N LEU E 232 52.09 -5.35 -0.58
CA LEU E 232 52.38 -4.93 -1.95
C LEU E 232 52.50 -3.42 -2.13
N SER E 233 53.53 -3.00 -2.86
CA SER E 233 53.81 -1.58 -3.10
C SER E 233 54.75 -1.43 -4.31
N LYS E 234 55.14 -0.18 -4.57
CA LYS E 234 56.18 0.15 -5.54
C LYS E 234 55.85 -0.17 -7.00
N ARG E 235 56.76 -0.92 -7.61
CA ARG E 235 56.69 -1.26 -9.03
C ARG E 235 55.57 -2.24 -9.34
N GLN E 236 55.25 -3.08 -8.36
CA GLN E 236 54.15 -4.03 -8.50
C GLN E 236 52.80 -3.35 -8.68
N VAL E 237 52.55 -2.31 -7.90
CA VAL E 237 51.29 -1.58 -7.98
C VAL E 237 51.10 -0.96 -9.36
N GLN E 238 52.19 -0.47 -9.96
CA GLN E 238 52.10 0.12 -11.29
C GLN E 238 51.71 -0.94 -12.31
N ARG E 239 52.19 -2.16 -12.07
CA ARG E 239 51.87 -3.29 -12.94
C ARG E 239 50.40 -3.70 -12.82
N LEU E 240 49.88 -3.70 -11.59
CA LEU E 240 48.49 -4.05 -11.33
C LEU E 240 47.49 -3.07 -11.89
N GLU E 241 47.85 -1.79 -11.89
CA GLU E 241 46.97 -0.79 -12.47
C GLU E 241 46.93 -0.99 -13.99
N LYS E 242 48.07 -1.34 -14.57
CA LYS E 242 48.15 -1.54 -16.02
C LYS E 242 47.26 -2.71 -16.39
N LYS E 243 47.33 -3.74 -15.56
CA LYS E 243 46.49 -4.90 -15.72
C LYS E 243 45.01 -4.51 -15.73
N ARG E 244 44.62 -3.64 -14.81
CA ARG E 244 43.22 -3.20 -14.73
C ARG E 244 42.87 -2.29 -15.92
N LYS E 245 43.79 -1.39 -16.22
CA LYS E 245 43.65 -0.46 -17.36
C LYS E 245 43.50 -1.20 -18.68
N LYS E 246 44.39 -2.17 -18.91
CA LYS E 246 44.45 -2.89 -20.18
C LYS E 246 43.85 -4.30 -20.09
N ALA E 247 42.65 -4.39 -19.55
CA ALA E 247 41.88 -5.64 -19.53
C ALA E 247 40.68 -5.50 -20.45
N GLU E 248 40.01 -6.60 -20.76
CA GLU E 248 39.00 -6.50 -21.79
C GLU E 248 37.58 -6.37 -21.23
N LEU E 249 36.82 -5.51 -21.89
CA LEU E 249 35.43 -5.27 -21.56
C LEU E 249 34.63 -6.16 -22.47
N LYS E 250 33.87 -7.07 -21.88
CA LYS E 250 33.00 -7.90 -22.68
C LYS E 250 31.53 -7.61 -22.36
N ILE E 251 30.69 -7.74 -23.38
CA ILE E 251 29.27 -7.44 -23.28
C ILE E 251 28.42 -8.71 -23.24
N TYR E 252 27.46 -8.79 -22.33
CA TYR E 252 26.59 -9.96 -22.20
C TYR E 252 25.14 -9.53 -22.12
N HIS E 253 24.26 -10.43 -22.52
CA HIS E 253 22.83 -10.26 -22.38
C HIS E 253 22.26 -11.50 -21.72
N VAL E 254 22.61 -11.71 -20.46
CA VAL E 254 22.29 -12.93 -19.76
C VAL E 254 21.65 -12.62 -18.42
N ASP E 255 20.98 -13.60 -17.83
CA ASP E 255 20.50 -13.47 -16.46
C ASP E 255 21.63 -13.38 -15.47
N ILE E 256 21.58 -12.40 -14.57
CA ILE E 256 22.56 -12.33 -13.49
C ILE E 256 21.84 -12.44 -12.15
N ILE E 257 20.53 -12.61 -12.18
CA ILE E 257 19.75 -12.71 -10.96
C ILE E 257 19.98 -13.99 -10.17
N ASN E 258 19.79 -15.14 -10.80
CA ASN E 258 19.79 -16.43 -10.11
C ASN E 258 21.03 -17.28 -10.39
N ASP E 259 21.87 -16.81 -11.29
CA ASP E 259 23.07 -17.53 -11.66
C ASP E 259 24.24 -17.15 -10.74
N ASP E 260 24.32 -17.84 -9.60
CA ASP E 260 25.39 -17.61 -8.62
C ASP E 260 26.78 -17.84 -9.22
N SER E 261 26.89 -18.79 -10.15
CA SER E 261 28.17 -19.13 -10.75
C SER E 261 28.80 -18.00 -11.55
N TRP E 262 27.96 -17.18 -12.17
CA TRP E 262 28.41 -16.02 -12.95
C TRP E 262 29.22 -15.04 -12.10
N TRP E 263 28.75 -14.81 -10.89
CA TRP E 263 29.40 -13.90 -9.95
C TRP E 263 30.62 -14.53 -9.30
N LYS E 264 30.47 -15.81 -8.95
CA LYS E 264 31.50 -16.56 -8.26
C LYS E 264 32.82 -16.64 -9.03
N SER E 265 32.74 -16.78 -10.35
CA SER E 265 33.93 -16.89 -11.19
C SER E 265 34.52 -15.53 -11.54
N ARG E 266 33.97 -14.47 -10.97
CA ARG E 266 34.47 -13.14 -11.22
C ARG E 266 34.78 -12.41 -9.91
N PRO E 267 35.72 -12.95 -9.12
CA PRO E 267 35.98 -12.47 -7.75
C PRO E 267 36.46 -11.04 -7.67
N TRP E 268 36.98 -10.51 -8.76
CA TRP E 268 37.51 -9.16 -8.76
C TRP E 268 36.40 -8.11 -8.59
N LEU E 269 35.16 -8.53 -8.81
CA LEU E 269 34.02 -7.64 -8.63
C LEU E 269 33.81 -7.33 -7.15
N LYS E 270 34.16 -8.29 -6.29
CA LYS E 270 33.98 -8.20 -4.83
C LYS E 270 35.12 -7.44 -4.16
N ASP E 271 36.23 -7.25 -4.89
CA ASP E 271 37.45 -6.72 -4.28
C ASP E 271 37.61 -5.25 -4.63
N SER F 7 8.67 -6.50 -4.30
CA SER F 7 9.85 -7.19 -4.81
C SER F 7 10.82 -7.44 -3.65
N LYS F 8 11.67 -8.45 -3.78
CA LYS F 8 12.64 -8.79 -2.74
C LYS F 8 13.98 -8.02 -2.84
N TYR F 9 14.15 -7.21 -3.89
CA TYR F 9 15.44 -6.54 -4.14
C TYR F 9 15.37 -5.01 -3.99
N GLU F 10 14.16 -4.47 -3.92
CA GLU F 10 13.97 -3.02 -3.96
C GLU F 10 14.38 -2.34 -2.65
N TYR F 11 14.65 -3.13 -1.60
CA TYR F 11 15.14 -2.54 -0.34
C TYR F 11 16.45 -1.75 -0.59
N VAL F 12 17.20 -2.12 -1.64
CA VAL F 12 18.48 -1.46 -1.94
C VAL F 12 18.30 0.02 -2.24
N LYS F 13 17.09 0.44 -2.58
CA LYS F 13 16.76 1.85 -2.81
C LYS F 13 16.92 2.67 -1.51
N LEU F 14 16.77 2.00 -0.37
CA LEU F 14 16.82 2.68 0.93
C LEU F 14 18.22 3.14 1.31
N PHE F 15 19.24 2.77 0.54
CA PHE F 15 20.61 3.20 0.87
C PHE F 15 20.94 4.58 0.30
N GLU F 16 20.05 5.10 -0.54
CA GLU F 16 20.25 6.40 -1.17
C GLU F 16 20.08 7.49 -0.13
N LYS F 17 20.89 8.52 -0.24
CA LYS F 17 20.85 9.66 0.65
C LYS F 17 20.74 10.95 -0.17
N GLU F 18 19.64 11.68 -0.01
CA GLU F 18 19.48 12.97 -0.69
C GLU F 18 20.05 14.09 0.17
N ASN F 19 20.47 15.17 -0.48
CA ASN F 19 20.85 16.39 0.20
C ASN F 19 19.97 17.53 -0.30
N TYR F 20 18.97 17.89 0.50
CA TYR F 20 18.07 19.01 0.24
C TYR F 20 18.70 20.30 0.73
N LEU F 21 19.04 21.18 -0.22
CA LEU F 21 19.79 22.39 0.13
C LEU F 21 18.92 23.32 0.94
N LEU F 22 19.48 23.85 2.01
CA LEU F 22 18.77 24.76 2.91
C LEU F 22 17.87 25.77 2.17
N PRO F 23 16.59 25.82 2.57
CA PRO F 23 15.58 26.72 1.98
C PRO F 23 15.94 28.21 2.08
N ASP F 24 15.40 29.02 1.18
CA ASP F 24 15.50 30.48 1.23
C ASP F 24 16.96 30.95 1.25
N THR F 25 17.83 30.20 0.60
CA THR F 25 19.25 30.54 0.56
C THR F 25 19.70 30.67 -0.88
N TYR F 26 20.62 31.59 -1.16
CA TYR F 26 21.14 31.71 -2.52
C TYR F 26 21.94 30.47 -2.90
N ILE F 27 21.69 29.97 -4.10
CA ILE F 27 22.53 28.89 -4.60
C ILE F 27 23.35 29.41 -5.76
N ILE F 28 24.65 29.19 -5.66
CA ILE F 28 25.53 29.38 -6.78
C ILE F 28 25.94 27.99 -7.26
N ILE F 29 25.77 27.77 -8.56
CA ILE F 29 26.27 26.59 -9.22
C ILE F 29 27.45 27.00 -10.10
N ARG F 30 28.62 26.44 -9.84
CA ARG F 30 29.78 26.77 -10.67
C ARG F 30 30.18 25.56 -11.45
N VAL F 31 30.28 25.71 -12.77
CA VAL F 31 30.79 24.63 -13.59
C VAL F 31 32.14 25.06 -14.12
N ASP F 32 33.02 24.09 -14.28
CA ASP F 32 34.31 24.37 -14.81
C ASP F 32 34.74 23.19 -15.67
N GLY F 33 35.26 23.50 -16.87
CA GLY F 33 35.69 22.51 -17.83
C GLY F 33 36.78 21.60 -17.29
N LYS F 34 36.62 20.30 -17.49
CA LYS F 34 37.59 19.31 -17.05
C LYS F 34 38.77 19.16 -18.03
N GLY F 35 39.96 19.45 -17.53
CA GLY F 35 41.17 19.32 -18.33
C GLY F 35 41.13 20.15 -19.59
N PHE F 36 40.68 21.39 -19.47
CA PHE F 36 40.58 22.26 -20.64
C PHE F 36 41.91 22.82 -21.10
N HIS F 37 42.95 22.66 -20.29
CA HIS F 37 44.28 23.01 -20.77
C HIS F 37 44.62 22.07 -21.93
N LYS F 38 44.54 20.76 -21.73
CA LYS F 38 44.75 19.80 -22.83
C LYS F 38 43.72 19.94 -23.95
N PHE F 39 42.48 20.24 -23.59
CA PHE F 39 41.42 20.41 -24.56
C PHE F 39 41.77 21.57 -25.50
N SER F 40 42.24 22.67 -24.93
CA SER F 40 42.57 23.84 -25.73
C SER F 40 43.83 23.62 -26.60
N GLN F 41 44.70 22.71 -26.17
CA GLN F 41 45.84 22.30 -26.99
C GLN F 41 45.40 21.42 -28.14
N PHE F 42 44.59 20.40 -27.87
CA PHE F 42 44.18 19.45 -28.90
C PHE F 42 43.52 20.12 -30.11
N TYR F 43 42.68 21.12 -29.84
CA TYR F 43 41.96 21.80 -30.91
C TYR F 43 42.59 23.11 -31.32
N GLU F 44 43.82 23.35 -30.87
CA GLU F 44 44.58 24.51 -31.30
C GLU F 44 43.86 25.84 -31.06
N PHE F 45 43.42 26.07 -29.82
CA PHE F 45 42.91 27.38 -29.40
C PHE F 45 43.98 28.45 -29.66
N GLU F 46 43.55 29.64 -30.06
CA GLU F 46 44.44 30.79 -30.02
C GLU F 46 44.83 31.12 -28.57
N LYS F 47 46.02 31.68 -28.40
CA LYS F 47 46.53 32.09 -27.10
C LYS F 47 46.88 33.59 -27.09
N PRO F 48 46.65 34.28 -25.95
CA PRO F 48 46.14 33.77 -24.67
C PRO F 48 44.65 33.40 -24.69
N ASN F 49 43.87 34.11 -25.49
CA ASN F 49 42.43 33.90 -25.54
C ASN F 49 41.90 33.54 -26.93
N ASP F 50 41.09 32.50 -27.02
CA ASP F 50 40.40 32.14 -28.24
C ASP F 50 38.96 32.68 -28.19
N LEU F 51 38.70 33.66 -29.04
CA LEU F 51 37.45 34.41 -28.99
C LEU F 51 36.21 33.53 -29.17
N LYS F 52 36.26 32.67 -30.17
CA LYS F 52 35.12 31.85 -30.54
C LYS F 52 34.85 30.75 -29.50
N ALA F 53 35.91 30.26 -28.85
CA ALA F 53 35.76 29.29 -27.78
C ALA F 53 34.98 29.93 -26.61
N LEU F 54 35.26 31.19 -26.33
CA LEU F 54 34.51 31.93 -25.33
C LEU F 54 33.08 32.16 -25.78
N GLN F 55 32.88 32.29 -27.09
CA GLN F 55 31.55 32.53 -27.64
C GLN F 55 30.70 31.27 -27.54
N VAL F 56 31.35 30.12 -27.65
CA VAL F 56 30.69 28.86 -27.39
C VAL F 56 30.23 28.75 -25.94
N MET F 57 31.12 29.06 -25.00
CA MET F 57 30.77 29.05 -23.59
C MET F 57 29.59 29.99 -23.34
N ASN F 58 29.67 31.18 -23.91
CA ASN F 58 28.66 32.19 -23.67
C ASN F 58 27.30 31.82 -24.23
N SER F 59 27.29 31.17 -25.38
CA SER F 59 26.06 30.70 -25.98
C SER F 59 25.46 29.57 -25.16
N ALA F 60 26.30 28.66 -24.71
CA ALA F 60 25.86 27.54 -23.86
C ALA F 60 25.22 28.11 -22.59
N ALA F 61 25.90 29.06 -21.94
CA ALA F 61 25.38 29.66 -20.73
C ALA F 61 24.08 30.44 -20.97
N GLU F 62 24.02 31.20 -22.05
CA GLU F 62 22.82 31.98 -22.32
C GLU F 62 21.62 31.09 -22.62
N LYS F 63 21.85 30.01 -23.34
CA LYS F 63 20.80 29.06 -23.64
C LYS F 63 20.27 28.39 -22.37
N LEU F 64 21.19 27.98 -21.50
CA LEU F 64 20.83 27.36 -20.24
C LEU F 64 19.96 28.32 -19.45
N MET F 65 20.41 29.57 -19.38
CA MET F 65 19.77 30.58 -18.59
C MET F 65 18.37 30.93 -19.13
N SER F 66 18.20 30.85 -20.44
CA SER F 66 16.90 31.19 -21.04
C SER F 66 15.88 30.07 -20.84
N LYS F 67 16.38 28.88 -20.55
CA LYS F 67 15.53 27.73 -20.30
C LYS F 67 15.13 27.63 -18.82
N TYR F 68 15.98 28.15 -17.93
CA TYR F 68 15.74 28.05 -16.48
C TYR F 68 15.60 29.41 -15.84
N SER F 69 14.37 29.83 -15.63
CA SER F 69 14.09 31.17 -15.13
C SER F 69 14.54 31.43 -13.69
N ASP F 70 14.88 30.40 -12.92
CA ASP F 70 15.40 30.65 -11.55
C ASP F 70 16.81 31.24 -11.59
N VAL F 71 17.51 31.07 -12.69
CA VAL F 71 18.83 31.67 -12.86
C VAL F 71 18.67 33.16 -13.12
N MET F 72 19.18 33.99 -12.21
CA MET F 72 19.02 35.43 -12.30
C MET F 72 20.27 36.09 -12.91
N LEU F 73 21.40 35.43 -12.75
CA LEU F 73 22.69 36.02 -13.10
C LEU F 73 23.68 34.92 -13.41
N ALA F 74 24.50 35.15 -14.43
CA ALA F 74 25.58 34.25 -14.78
C ALA F 74 26.85 35.05 -15.09
N TYR F 75 27.99 34.53 -14.63
CA TYR F 75 29.28 35.13 -14.91
C TYR F 75 30.27 34.09 -15.35
N GLY F 76 30.94 34.35 -16.47
CA GLY F 76 31.89 33.42 -17.05
C GLY F 76 33.21 34.02 -17.53
N ASP F 77 34.26 33.21 -17.48
CA ASP F 77 35.54 33.48 -18.15
C ASP F 77 36.34 32.18 -18.23
N SER F 78 37.24 32.09 -19.20
CA SER F 78 38.03 30.89 -19.40
C SER F 78 37.07 29.70 -19.56
N ASP F 79 37.29 28.62 -18.83
CA ASP F 79 36.44 27.44 -19.01
C ASP F 79 35.41 27.27 -17.88
N GLU F 80 35.00 28.38 -17.25
CA GLU F 80 34.06 28.29 -16.14
C GLU F 80 32.84 29.20 -16.29
N TYR F 81 31.73 28.79 -15.68
CA TYR F 81 30.56 29.66 -15.55
C TYR F 81 29.95 29.48 -14.19
N SER F 82 29.53 30.59 -13.59
CA SER F 82 28.83 30.59 -12.31
C SER F 82 27.42 31.08 -12.54
N PHE F 83 26.45 30.38 -11.95
CA PHE F 83 25.04 30.73 -12.08
C PHE F 83 24.42 31.00 -10.72
N LEU F 84 23.77 32.15 -10.59
CA LEU F 84 23.05 32.48 -9.37
C LEU F 84 21.58 32.03 -9.44
N LEU F 85 21.17 31.15 -8.53
CA LEU F 85 19.77 30.77 -8.42
C LEU F 85 19.09 31.59 -7.34
N ARG F 86 17.91 32.12 -7.63
CA ARG F 86 17.20 32.93 -6.64
C ARG F 86 16.91 32.09 -5.40
N LYS F 87 16.85 32.75 -4.24
CA LYS F 87 16.84 32.00 -3.00
C LYS F 87 15.58 31.15 -2.82
N ASN F 88 14.49 31.52 -3.49
CA ASN F 88 13.26 30.74 -3.35
C ASN F 88 13.03 29.73 -4.46
N CYS F 89 14.09 29.44 -5.21
CA CYS F 89 14.11 28.39 -6.22
C CYS F 89 13.75 27.00 -5.67
N GLN F 90 12.85 26.29 -6.35
CA GLN F 90 12.40 24.97 -5.94
C GLN F 90 12.64 23.92 -7.02
N LEU F 91 13.49 24.27 -7.96
CA LEU F 91 13.88 23.36 -9.03
C LEU F 91 14.37 22.03 -8.46
N TYR F 92 13.69 20.94 -8.83
CA TYR F 92 14.03 19.61 -8.30
C TYR F 92 14.04 19.55 -6.79
N GLU F 93 13.14 20.31 -6.16
CA GLU F 93 13.04 20.38 -4.70
C GLU F 93 14.40 20.72 -4.07
N ARG F 94 15.22 21.50 -4.76
CA ARG F 94 16.53 21.90 -4.23
C ARG F 94 17.44 20.69 -3.91
N ARG F 95 17.20 19.57 -4.58
CA ARG F 95 18.03 18.37 -4.42
C ARG F 95 19.39 18.63 -5.07
N GLU F 96 20.45 18.50 -4.27
CA GLU F 96 21.79 18.81 -4.71
C GLU F 96 22.27 17.93 -5.86
N MET F 97 21.98 16.62 -5.78
CA MET F 97 22.34 15.68 -6.85
C MET F 97 21.69 16.07 -8.19
N LYS F 98 20.41 16.41 -8.15
CA LYS F 98 19.68 16.80 -9.36
C LYS F 98 20.21 18.12 -9.92
N LEU F 99 20.35 19.15 -9.08
CA LEU F 99 20.79 20.45 -9.56
C LEU F 99 22.18 20.43 -10.22
N THR F 100 23.13 19.75 -9.60
CA THR F 100 24.51 19.76 -10.08
C THR F 100 24.72 18.86 -11.31
N THR F 101 24.15 17.65 -11.29
CA THR F 101 24.39 16.74 -12.41
C THR F 101 23.59 17.21 -13.61
N LEU F 102 22.53 17.97 -13.38
CA LEU F 102 21.80 18.56 -14.48
C LEU F 102 22.60 19.68 -15.14
N PHE F 103 23.19 20.55 -14.31
CA PHE F 103 23.97 21.67 -14.82
C PHE F 103 25.25 21.24 -15.54
N SER F 104 25.94 20.22 -15.05
CA SER F 104 27.15 19.77 -15.73
C SER F 104 26.79 19.08 -17.05
N SER F 105 25.64 18.41 -17.03
CA SER F 105 25.08 17.75 -18.19
C SER F 105 24.64 18.76 -19.26
N LEU F 106 23.90 19.77 -18.82
CA LEU F 106 23.41 20.82 -19.71
C LEU F 106 24.56 21.63 -20.36
N MET F 107 25.52 22.07 -19.57
CA MET F 107 26.63 22.84 -20.11
C MET F 107 27.44 22.02 -21.10
N SER F 108 27.59 20.74 -20.79
CA SER F 108 28.34 19.84 -21.65
C SER F 108 27.68 19.68 -23.01
N THR F 109 26.38 19.43 -23.03
CA THR F 109 25.69 19.18 -24.27
C THR F 109 25.51 20.50 -25.02
N TYR F 110 25.21 21.58 -24.30
CA TYR F 110 25.12 22.88 -24.94
C TYR F 110 26.45 23.26 -25.56
N TYR F 111 27.55 22.92 -24.89
CA TYR F 111 28.88 23.22 -25.42
C TYR F 111 29.14 22.44 -26.70
N MET F 112 28.80 21.15 -26.70
CA MET F 112 28.96 20.33 -27.89
C MET F 112 28.14 20.84 -29.07
N TYR F 113 26.91 21.25 -28.81
CA TYR F 113 26.06 21.78 -29.87
C TYR F 113 26.63 23.05 -30.51
N PHE F 114 26.99 24.02 -29.67
CA PHE F 114 27.46 25.29 -30.18
C PHE F 114 28.86 25.22 -30.80
N TRP F 115 29.66 24.27 -30.35
CA TRP F 115 30.97 24.06 -30.93
C TRP F 115 30.79 23.71 -32.41
N SER F 116 29.83 22.84 -32.71
CA SER F 116 29.60 22.44 -34.09
C SER F 116 29.10 23.62 -34.92
N GLN F 117 28.51 24.63 -34.26
CA GLN F 117 28.10 25.87 -34.91
C GLN F 117 29.31 26.78 -35.17
N TYR F 118 30.16 26.97 -34.16
CA TYR F 118 31.28 27.91 -34.27
C TYR F 118 32.55 27.30 -34.90
N PHE F 119 32.70 25.99 -34.81
CA PHE F 119 33.86 25.35 -35.42
C PHE F 119 33.47 24.18 -36.34
N PRO F 120 32.76 24.46 -37.44
CA PRO F 120 32.39 23.39 -38.37
C PRO F 120 33.62 22.69 -38.93
N ASP F 121 34.74 23.40 -38.89
CA ASP F 121 36.00 22.91 -39.41
C ASP F 121 36.87 22.11 -38.42
N LYS F 122 36.48 22.08 -37.14
CA LYS F 122 37.18 21.30 -36.12
C LYS F 122 36.26 20.31 -35.43
N PRO F 123 35.91 19.20 -36.11
CA PRO F 123 35.00 18.24 -35.47
C PRO F 123 35.57 17.67 -34.18
N LEU F 124 34.69 17.43 -33.20
CA LEU F 124 35.11 16.95 -31.89
C LEU F 124 35.53 15.49 -31.94
N HIS F 125 36.63 15.19 -31.27
CA HIS F 125 37.15 13.85 -31.17
C HIS F 125 36.64 13.20 -29.89
N ILE F 126 36.32 11.92 -29.96
CA ILE F 126 35.69 11.23 -28.83
C ILE F 126 36.56 11.18 -27.56
N ASP F 127 37.87 11.31 -27.69
CA ASP F 127 38.74 11.24 -26.52
C ASP F 127 39.02 12.64 -25.98
N HIS F 128 38.41 13.63 -26.61
CA HIS F 128 38.53 15.00 -26.15
C HIS F 128 37.19 15.73 -26.25
N LEU F 129 36.17 15.22 -25.59
CA LEU F 129 34.86 15.91 -25.53
C LEU F 129 34.87 16.93 -24.40
N PRO F 130 34.03 17.97 -24.50
CA PRO F 130 34.01 18.97 -23.42
C PRO F 130 33.22 18.55 -22.18
N ASN F 131 33.90 18.25 -21.10
CA ASN F 131 33.20 17.85 -19.89
C ASN F 131 33.35 18.89 -18.78
N PHE F 132 32.32 18.97 -17.93
CA PHE F 132 32.29 19.93 -16.85
C PHE F 132 31.94 19.26 -15.53
N ASP F 133 32.52 19.74 -14.44
CA ASP F 133 32.02 19.40 -13.12
C ASP F 133 30.96 20.43 -12.79
N ALA F 134 30.34 20.30 -11.64
CA ALA F 134 29.39 21.31 -11.18
C ALA F 134 29.26 21.17 -9.68
N ARG F 135 29.27 22.27 -8.94
CA ARG F 135 29.09 22.20 -7.49
C ARG F 135 28.07 23.25 -7.13
N ALA F 136 27.27 22.99 -6.10
CA ALA F 136 26.31 23.97 -5.61
C ALA F 136 26.88 24.53 -4.34
N VAL F 137 26.80 25.85 -4.18
CA VAL F 137 27.26 26.47 -2.96
C VAL F 137 26.18 27.41 -2.45
N LEU F 138 25.93 27.36 -1.15
CA LEU F 138 24.91 28.17 -0.48
C LEU F 138 25.51 29.42 0.13
N TYR F 139 24.83 30.53 -0.05
CA TYR F 139 25.25 31.78 0.55
C TYR F 139 24.03 32.42 1.21
N PRO F 140 24.13 32.67 2.52
CA PRO F 140 22.95 33.13 3.29
C PRO F 140 22.65 34.64 3.20
N ASP F 141 23.54 35.43 2.61
CA ASP F 141 23.35 36.88 2.58
C ASP F 141 23.79 37.39 1.21
N PHE F 142 23.07 38.36 0.66
CA PHE F 142 23.40 38.81 -0.69
C PHE F 142 24.79 39.41 -0.75
N LYS F 143 25.28 39.91 0.37
CA LYS F 143 26.62 40.48 0.39
C LYS F 143 27.68 39.41 0.04
N HIS F 144 27.39 38.13 0.31
CA HIS F 144 28.32 37.06 -0.06
C HIS F 144 28.23 36.72 -1.55
N ILE F 145 27.07 36.98 -2.15
CA ILE F 145 26.90 36.82 -3.58
C ILE F 145 27.73 37.86 -4.35
N ARG F 146 27.65 39.12 -3.90
CA ARG F 146 28.46 40.20 -4.46
C ARG F 146 29.94 39.86 -4.34
N ASN F 147 30.36 39.43 -3.16
CA ASN F 147 31.75 39.08 -2.96
C ASN F 147 32.14 37.86 -3.76
N TYR F 148 31.17 36.97 -4.00
CA TYR F 148 31.41 35.79 -4.84
C TYR F 148 31.75 36.16 -6.31
N PHE F 149 30.96 37.03 -6.91
CA PHE F 149 31.19 37.42 -8.29
C PHE F 149 32.43 38.32 -8.36
N SER F 150 32.66 39.12 -7.33
CA SER F 150 33.92 39.86 -7.24
C SER F 150 35.11 38.91 -7.24
N TRP F 151 35.02 37.84 -6.47
CA TRP F 151 36.07 36.83 -6.41
C TRP F 151 36.40 36.30 -7.81
N ARG F 152 35.37 35.97 -8.57
CA ARG F 152 35.53 35.37 -9.89
C ARG F 152 36.06 36.37 -10.90
N GLN F 153 35.68 37.65 -10.75
CA GLN F 153 36.14 38.65 -11.69
C GLN F 153 37.59 39.03 -11.40
N VAL F 154 37.97 39.07 -10.13
CA VAL F 154 39.36 39.30 -9.79
C VAL F 154 40.22 38.15 -10.32
N ASP F 155 39.72 36.92 -10.21
CA ASP F 155 40.46 35.79 -10.77
C ASP F 155 40.56 35.87 -12.30
N CYS F 156 39.56 36.45 -12.95
CA CYS F 156 39.60 36.64 -14.39
C CYS F 156 40.73 37.62 -14.77
N HIS F 157 40.79 38.75 -14.05
CA HIS F 157 41.84 39.75 -14.23
C HIS F 157 43.21 39.13 -14.02
N ILE F 158 43.39 38.44 -12.90
CA ILE F 158 44.67 37.84 -12.56
C ILE F 158 45.16 36.86 -13.62
N ASN F 159 44.28 35.98 -14.08
CA ASN F 159 44.69 34.97 -15.04
C ASN F 159 44.91 35.52 -16.44
N ASN F 160 44.09 36.48 -16.83
CA ASN F 160 44.23 37.02 -18.16
C ASN F 160 45.50 37.85 -18.26
N LEU F 161 45.76 38.64 -17.22
CA LEU F 161 46.97 39.45 -17.18
C LEU F 161 48.20 38.54 -17.21
N TYR F 162 48.18 37.46 -16.43
CA TYR F 162 49.30 36.53 -16.44
C TYR F 162 49.47 35.84 -17.81
N ASN F 163 48.38 35.30 -18.35
CA ASN F 163 48.44 34.55 -19.61
C ASN F 163 48.76 35.43 -20.82
N THR F 164 48.27 36.66 -20.82
CA THR F 164 48.53 37.61 -21.90
C THR F 164 50.02 37.97 -21.89
N THR F 165 50.55 38.20 -20.70
CA THR F 165 51.97 38.48 -20.56
C THR F 165 52.75 37.24 -20.94
N PHE F 166 52.33 36.09 -20.42
CA PHE F 166 53.02 34.83 -20.69
C PHE F 166 53.15 34.55 -22.18
N TRP F 167 52.03 34.60 -22.89
CA TRP F 167 52.02 34.20 -24.28
C TRP F 167 52.66 35.24 -25.18
N ASN F 168 52.68 36.50 -24.73
CA ASN F 168 53.39 37.52 -25.48
C ASN F 168 54.91 37.33 -25.39
N LEU F 169 55.41 36.90 -24.25
CA LEU F 169 56.82 36.51 -24.13
C LEU F 169 57.16 35.32 -25.03
N VAL F 170 56.24 34.37 -25.13
CA VAL F 170 56.49 33.17 -25.92
C VAL F 170 56.38 33.44 -27.42
N LEU F 171 55.34 34.18 -27.81
CA LEU F 171 55.05 34.35 -29.23
C LEU F 171 55.82 35.49 -29.91
N LYS F 172 55.90 36.65 -29.28
CA LYS F 172 56.64 37.78 -29.85
C LYS F 172 58.13 37.69 -29.56
N LEU F 173 58.46 37.47 -28.30
CA LEU F 173 59.84 37.46 -27.86
C LEU F 173 60.50 36.08 -27.99
N LYS F 174 59.76 35.12 -28.54
CA LYS F 174 60.26 33.77 -28.83
C LYS F 174 60.90 33.06 -27.64
N MET F 175 60.47 33.39 -26.42
CA MET F 175 60.91 32.67 -25.23
C MET F 175 60.28 31.28 -25.13
N THR F 176 61.00 30.36 -24.49
CA THR F 176 60.45 29.07 -24.14
C THR F 176 59.52 29.25 -22.96
N PRO F 177 58.54 28.35 -22.81
CA PRO F 177 57.65 28.38 -21.65
C PRO F 177 58.39 28.52 -20.33
N GLN F 178 59.45 27.74 -20.13
CA GLN F 178 60.14 27.74 -18.85
C GLN F 178 60.78 29.10 -18.51
N GLN F 179 61.36 29.76 -19.52
CA GLN F 179 62.02 31.05 -19.28
C GLN F 179 60.99 32.15 -19.09
N ALA F 180 59.87 32.03 -19.79
CA ALA F 180 58.78 33.01 -19.65
C ALA F 180 58.22 33.02 -18.25
N GLU F 181 58.01 31.81 -17.70
CA GLU F 181 57.48 31.65 -16.35
C GLU F 181 58.43 32.12 -15.27
N GLN F 182 59.70 31.78 -15.43
CA GLN F 182 60.71 32.23 -14.48
C GLN F 182 60.78 33.74 -14.54
N ARG F 183 60.58 34.28 -15.74
CA ARG F 183 60.56 35.72 -15.94
C ARG F 183 59.39 36.34 -15.18
N LEU F 184 58.30 35.60 -15.04
CA LEU F 184 57.11 36.16 -14.42
C LEU F 184 57.03 35.90 -12.91
N MET F 185 57.85 34.98 -12.40
CA MET F 185 57.84 34.71 -10.96
C MET F 185 58.21 35.94 -10.14
N GLY F 186 57.38 36.28 -9.16
CA GLY F 186 57.68 37.44 -8.33
C GLY F 186 56.99 38.71 -8.78
N THR F 187 56.89 38.89 -10.10
CA THR F 187 56.28 40.08 -10.69
C THR F 187 54.88 40.33 -10.18
N VAL F 188 54.55 41.58 -9.94
CA VAL F 188 53.21 42.00 -9.54
C VAL F 188 52.49 42.62 -10.72
N ALA F 189 51.25 43.03 -10.52
CA ALA F 189 50.41 43.50 -11.62
C ALA F 189 51.04 44.66 -12.39
N SER F 190 51.66 45.60 -11.70
CA SER F 190 52.27 46.73 -12.39
C SER F 190 53.45 46.30 -13.27
N ASP F 191 54.25 45.34 -12.80
CA ASP F 191 55.36 44.80 -13.59
C ASP F 191 54.92 44.13 -14.88
N LYS F 192 53.89 43.30 -14.79
CA LYS F 192 53.40 42.54 -15.93
C LYS F 192 52.92 43.50 -17.03
N ASN F 193 52.28 44.58 -16.62
CA ASN F 193 51.83 45.64 -17.52
C ASN F 193 52.97 46.33 -18.23
N GLU F 194 54.03 46.59 -17.48
CA GLU F 194 55.23 47.25 -17.98
C GLU F 194 55.89 46.36 -19.03
N ILE F 195 55.98 45.08 -18.70
CA ILE F 195 56.57 44.08 -19.58
C ILE F 195 55.84 44.04 -20.92
N LEU F 196 54.52 44.13 -20.85
CA LEU F 196 53.68 44.10 -22.04
C LEU F 196 53.98 45.27 -22.95
N PHE F 197 54.12 46.46 -22.35
CA PHE F 197 54.40 47.64 -23.13
C PHE F 197 55.82 47.65 -23.69
N LYS F 198 56.78 47.73 -22.78
CA LYS F 198 58.17 48.01 -23.12
C LYS F 198 58.89 46.87 -23.85
N GLU F 199 58.58 45.64 -23.49
CA GLU F 199 59.28 44.50 -24.05
C GLU F 199 58.49 43.84 -25.20
N CYS F 200 57.17 43.91 -25.17
CA CYS F 200 56.35 43.22 -26.18
C CYS F 200 55.54 44.12 -27.14
N GLY F 201 55.43 45.40 -26.83
CA GLY F 201 54.65 46.30 -27.67
C GLY F 201 53.14 46.03 -27.68
N VAL F 202 52.62 45.56 -26.55
CA VAL F 202 51.20 45.28 -26.37
C VAL F 202 50.65 46.19 -25.26
N ASN F 203 49.60 46.92 -25.57
CA ASN F 203 48.89 47.72 -24.56
C ASN F 203 47.79 46.87 -23.93
N TYR F 204 47.97 46.49 -22.66
CA TYR F 204 47.02 45.61 -21.99
C TYR F 204 45.63 46.24 -21.81
N ASN F 205 45.57 47.51 -21.44
CA ASN F 205 44.29 48.20 -21.22
C ASN F 205 43.43 48.26 -22.48
N ASN F 206 44.07 48.10 -23.64
CA ASN F 206 43.34 48.11 -24.90
C ASN F 206 42.88 46.71 -25.32
N GLU F 207 43.22 45.69 -24.54
CA GLU F 207 42.70 44.34 -24.80
C GLU F 207 41.20 44.36 -24.71
N SER F 208 40.57 43.44 -25.44
CA SER F 208 39.12 43.30 -25.41
C SER F 208 38.60 43.29 -23.99
N GLU F 209 37.53 44.03 -23.74
CA GLU F 209 36.95 44.09 -22.41
C GLU F 209 36.50 42.69 -21.98
N MET F 210 36.00 41.89 -22.91
CA MET F 210 35.57 40.54 -22.59
C MET F 210 36.71 39.69 -21.99
N TYR F 211 37.92 39.82 -22.53
CA TYR F 211 39.05 39.08 -22.01
C TYR F 211 39.43 39.57 -20.62
N LYS F 212 39.33 40.87 -20.41
CA LYS F 212 39.76 41.49 -19.16
C LYS F 212 38.74 41.36 -18.02
N LYS F 213 37.46 41.48 -18.35
CA LYS F 213 36.41 41.60 -17.35
C LYS F 213 35.57 40.34 -17.24
N GLY F 214 35.58 39.54 -18.31
CA GLY F 214 34.71 38.38 -18.41
C GLY F 214 33.37 38.71 -19.03
N THR F 215 32.40 37.81 -18.81
CA THR F 215 31.07 37.95 -19.38
C THR F 215 29.98 37.82 -18.30
N ILE F 216 29.10 38.82 -18.24
CA ILE F 216 27.95 38.81 -17.33
C ILE F 216 26.66 38.64 -18.10
N ILE F 217 25.87 37.63 -17.77
CA ILE F 217 24.55 37.49 -18.36
C ILE F 217 23.52 37.70 -17.27
N VAL F 218 22.68 38.72 -17.42
CA VAL F 218 21.71 39.04 -16.38
C VAL F 218 20.30 39.13 -16.94
N ARG F 219 19.34 38.66 -16.16
CA ARG F 219 17.92 38.79 -16.49
C ARG F 219 17.45 40.21 -16.18
N GLU F 220 16.90 40.89 -17.18
CA GLU F 220 16.46 42.28 -17.03
C GLU F 220 14.95 42.43 -16.92
N PHE F 221 14.50 43.16 -15.90
CA PHE F 221 13.08 43.45 -15.72
C PHE F 221 12.80 44.93 -15.89
N GLU F 222 11.66 45.26 -16.46
CA GLU F 222 11.30 46.64 -16.73
C GLU F 222 10.45 47.26 -15.60
N ASN F 223 9.30 46.66 -15.32
CA ASN F 223 8.42 47.20 -14.28
C ASN F 223 8.48 46.36 -13.01
N TYR F 224 9.68 46.24 -12.44
CA TYR F 224 9.88 45.38 -11.29
C TYR F 224 9.64 46.14 -9.98
N GLU F 225 8.87 45.54 -9.08
CA GLU F 225 8.80 46.02 -7.69
C GLU F 225 8.98 44.86 -6.72
N GLN F 236 -0.97 34.09 -8.41
CA GLN F 236 -0.04 35.21 -8.51
C GLN F 236 1.40 34.73 -8.71
N VAL F 237 1.78 33.69 -7.97
CA VAL F 237 3.11 33.10 -8.08
C VAL F 237 3.29 32.56 -9.50
N GLN F 238 2.21 32.03 -10.04
CA GLN F 238 2.19 31.44 -11.38
C GLN F 238 2.43 32.51 -12.45
N ARG F 239 1.89 33.71 -12.21
CA ARG F 239 2.10 34.86 -13.10
C ARG F 239 3.52 35.41 -13.04
N LEU F 240 4.11 35.40 -11.84
CA LEU F 240 5.49 35.83 -11.63
C LEU F 240 6.47 34.93 -12.37
N GLU F 241 6.10 33.65 -12.50
CA GLU F 241 6.88 32.68 -13.26
C GLU F 241 6.85 33.06 -14.74
N LYS F 242 5.70 33.55 -15.17
CA LYS F 242 5.45 33.87 -16.57
C LYS F 242 6.30 35.03 -17.06
N LYS F 243 6.27 36.15 -16.34
CA LYS F 243 7.11 37.31 -16.67
C LYS F 243 8.59 37.01 -16.54
N ARG F 244 8.96 36.20 -15.54
CA ARG F 244 10.36 35.85 -15.28
C ARG F 244 10.95 35.04 -16.44
N LYS F 245 10.17 34.10 -16.99
CA LYS F 245 10.56 33.40 -18.22
C LYS F 245 10.74 34.39 -19.36
N LYS F 246 9.82 35.34 -19.46
CA LYS F 246 9.77 36.27 -20.59
C LYS F 246 10.42 37.58 -20.22
N ALA F 247 11.64 37.48 -19.70
CA ALA F 247 12.47 38.61 -19.41
C ALA F 247 13.61 38.56 -20.42
N GLU F 248 14.36 39.64 -20.52
CA GLU F 248 15.36 39.70 -21.57
C GLU F 248 16.73 39.48 -20.97
N LEU F 249 17.54 38.71 -21.69
CA LEU F 249 18.90 38.44 -21.25
C LEU F 249 19.87 39.38 -21.92
N LYS F 250 20.59 40.17 -21.12
CA LYS F 250 21.58 41.07 -21.69
C LYS F 250 22.98 40.64 -21.27
N ILE F 251 23.92 40.85 -22.18
CA ILE F 251 25.30 40.44 -21.96
C ILE F 251 26.14 41.69 -21.67
N TYR F 252 27.03 41.60 -20.71
CA TYR F 252 27.89 42.71 -20.34
C TYR F 252 29.34 42.27 -20.18
N HIS F 253 30.25 43.21 -20.38
CA HIS F 253 31.68 43.01 -20.10
C HIS F 253 32.18 44.19 -19.29
N VAL F 254 31.65 44.34 -18.07
CA VAL F 254 31.87 45.52 -17.27
C VAL F 254 32.35 45.12 -15.86
N ASP F 255 32.96 46.06 -15.16
CA ASP F 255 33.30 45.87 -13.77
C ASP F 255 32.05 45.69 -12.91
N ILE F 256 32.02 44.66 -12.08
CA ILE F 256 30.93 44.53 -11.12
C ILE F 256 31.45 44.53 -9.69
N ILE F 257 32.77 44.61 -9.53
CA ILE F 257 33.40 44.62 -8.22
C ILE F 257 33.05 45.87 -7.43
N ASN F 258 33.31 47.04 -8.02
CA ASN F 258 33.19 48.33 -7.31
C ASN F 258 32.02 49.20 -7.73
N ASP F 259 31.29 48.81 -8.79
CA ASP F 259 30.16 49.60 -9.26
C ASP F 259 28.89 49.19 -8.55
N ASP F 260 28.69 49.74 -7.35
CA ASP F 260 27.52 49.42 -6.54
C ASP F 260 26.21 49.78 -7.24
N SER F 261 26.21 50.85 -8.02
CA SER F 261 25.00 51.31 -8.70
C SER F 261 24.50 50.27 -9.70
N TRP F 262 25.42 49.50 -10.26
CA TRP F 262 25.04 48.42 -11.17
C TRP F 262 24.16 47.40 -10.42
N TRP F 263 24.55 47.06 -9.20
CA TRP F 263 23.80 46.10 -8.42
C TRP F 263 22.52 46.72 -7.85
N LYS F 264 22.63 47.93 -7.30
CA LYS F 264 21.48 48.56 -6.67
C LYS F 264 20.34 48.81 -7.68
N SER F 265 20.67 49.11 -8.93
CA SER F 265 19.63 49.38 -9.93
C SER F 265 19.04 48.10 -10.51
N ARG F 266 19.46 46.96 -9.98
CA ARG F 266 18.92 45.66 -10.37
C ARG F 266 18.49 44.86 -9.14
N PRO F 267 17.51 45.38 -8.38
CA PRO F 267 17.14 44.82 -7.08
C PRO F 267 16.59 43.38 -7.12
N TRP F 268 16.11 42.94 -8.28
CA TRP F 268 15.54 41.61 -8.43
C TRP F 268 16.57 40.48 -8.29
N LEU F 269 17.85 40.82 -8.31
CA LEU F 269 18.89 39.83 -8.08
C LEU F 269 18.88 39.38 -6.61
N LYS F 270 18.51 40.29 -5.72
CA LYS F 270 18.54 40.03 -4.28
C LYS F 270 17.35 39.18 -3.87
N ASP F 271 16.37 39.07 -4.76
CA ASP F 271 15.10 38.44 -4.44
C ASP F 271 14.96 37.07 -5.12
N SER G 7 -0.83 26.46 10.15
CA SER G 7 -0.09 27.39 11.00
C SER G 7 0.85 28.25 10.16
N LYS G 8 1.00 29.51 10.52
CA LYS G 8 1.81 30.38 9.70
C LYS G 8 3.30 30.32 10.02
N TYR G 9 3.66 29.67 11.12
CA TYR G 9 5.05 29.66 11.53
C TYR G 9 5.71 28.31 11.44
N GLU G 10 4.94 27.24 11.28
CA GLU G 10 5.54 25.90 11.37
C GLU G 10 6.42 25.55 10.17
N TYR G 11 6.40 26.36 9.11
CA TYR G 11 7.29 26.12 7.97
C TYR G 11 8.75 26.06 8.44
N VAL G 12 9.08 26.72 9.55
CA VAL G 12 10.48 26.74 10.02
C VAL G 12 11.03 25.34 10.34
N LYS G 13 10.12 24.37 10.50
CA LYS G 13 10.49 22.96 10.72
C LYS G 13 11.18 22.36 9.49
N LEU G 14 10.88 22.92 8.32
CA LEU G 14 11.41 22.43 7.06
C LEU G 14 12.91 22.74 6.89
N PHE G 15 13.51 23.51 7.79
CA PHE G 15 14.93 23.83 7.72
C PHE G 15 15.81 22.77 8.38
N GLU G 16 15.18 21.85 9.11
CA GLU G 16 15.89 20.77 9.80
C GLU G 16 16.40 19.74 8.79
N LYS G 17 17.59 19.20 9.07
CA LYS G 17 18.18 18.19 8.20
C LYS G 17 18.59 17.00 9.05
N GLU G 18 17.93 15.86 8.82
CA GLU G 18 18.26 14.63 9.51
C GLU G 18 19.34 13.88 8.74
N ASN G 19 20.16 13.14 9.47
CA ASN G 19 21.13 12.26 8.87
C ASN G 19 20.85 10.82 9.30
N TYR G 20 20.26 10.05 8.39
CA TYR G 20 19.98 8.64 8.63
C TYR G 20 21.25 7.87 8.27
N LEU G 21 21.87 7.23 9.25
CA LEU G 21 23.12 6.54 9.02
C LEU G 21 22.89 5.33 8.11
N LEU G 22 23.76 5.21 7.11
CA LEU G 22 23.72 4.14 6.12
C LEU G 22 23.33 2.78 6.72
N PRO G 23 22.31 2.13 6.14
CA PRO G 23 21.88 0.82 6.66
C PRO G 23 22.97 -0.22 6.63
N ASP G 24 22.86 -1.20 7.52
CA ASP G 24 23.69 -2.40 7.50
C ASP G 24 25.18 -2.14 7.62
N THR G 25 25.55 -1.07 8.32
CA THR G 25 26.96 -0.83 8.60
C THR G 25 27.07 -0.70 10.12
N TYR G 26 28.21 -1.15 10.67
CA TYR G 26 28.49 -1.06 12.09
C TYR G 26 28.61 0.39 12.51
N ILE G 27 28.00 0.74 13.64
CA ILE G 27 28.11 2.08 14.21
C ILE G 27 28.93 2.03 15.50
N ILE G 28 29.94 2.89 15.57
CA ILE G 28 30.65 3.11 16.80
C ILE G 28 30.24 4.49 17.32
N ILE G 29 29.84 4.55 18.58
CA ILE G 29 29.64 5.82 19.24
C ILE G 29 30.75 5.97 20.28
N ARG G 30 31.56 7.02 20.14
CA ARG G 30 32.64 7.24 21.07
C ARG G 30 32.28 8.47 21.87
N VAL G 31 32.34 8.36 23.18
CA VAL G 31 32.11 9.52 24.04
C VAL G 31 33.40 9.88 24.76
N ASP G 32 33.62 11.17 24.95
CA ASP G 32 34.84 11.60 25.63
C ASP G 32 34.60 12.82 26.52
N GLY G 33 35.10 12.74 27.75
CA GLY G 33 34.95 13.81 28.73
C GLY G 33 35.53 15.15 28.25
N LYS G 34 34.73 16.19 28.43
CA LYS G 34 35.11 17.54 28.07
C LYS G 34 35.96 18.18 29.19
N GLY G 35 37.21 18.54 28.86
CA GLY G 35 38.11 19.19 29.80
C GLY G 35 38.35 18.41 31.09
N PHE G 36 38.55 17.11 30.95
CA PHE G 36 38.75 16.25 32.10
C PHE G 36 40.15 16.37 32.70
N HIS G 37 41.06 17.04 31.99
N HIS G 37 41.06 17.04 32.00
CA HIS G 37 42.34 17.38 32.58
CA HIS G 37 42.36 17.36 32.61
C HIS G 37 42.14 18.33 33.75
C HIS G 37 42.14 18.33 33.77
N LYS G 38 41.48 19.45 33.48
CA LYS G 38 41.13 20.43 34.48
C LYS G 38 40.11 19.85 35.46
N PHE G 39 39.20 19.04 34.95
CA PHE G 39 38.17 18.41 35.77
C PHE G 39 38.84 17.51 36.82
N SER G 40 39.87 16.77 36.42
CA SER G 40 40.61 15.89 37.33
C SER G 40 41.45 16.64 38.35
N GLN G 41 41.90 17.85 38.00
CA GLN G 41 42.65 18.71 38.92
C GLN G 41 41.76 19.31 40.00
N PHE G 42 40.62 19.86 39.59
CA PHE G 42 39.69 20.50 40.51
C PHE G 42 39.24 19.55 41.63
N TYR G 43 38.98 18.30 41.25
CA TYR G 43 38.50 17.32 42.21
C TYR G 43 39.60 16.43 42.74
N GLU G 44 40.85 16.81 42.47
CA GLU G 44 42.01 16.13 43.04
C GLU G 44 42.01 14.62 42.80
N PHE G 45 41.91 14.23 41.54
CA PHE G 45 42.11 12.84 41.14
C PHE G 45 43.47 12.36 41.59
N GLU G 46 43.56 11.08 41.95
CA GLU G 46 44.84 10.43 42.09
C GLU G 46 45.59 10.49 40.76
N LYS G 47 46.91 10.59 40.82
CA LYS G 47 47.74 10.58 39.61
C LYS G 47 48.76 9.46 39.73
N PRO G 48 49.08 8.78 38.62
CA PRO G 48 48.57 9.01 37.26
C PRO G 48 47.11 8.59 37.06
N ASN G 49 46.67 7.54 37.76
CA ASN G 49 45.32 7.02 37.59
C ASN G 49 44.49 7.06 38.88
N ASP G 50 43.27 7.56 38.77
CA ASP G 50 42.33 7.53 39.88
C ASP G 50 41.38 6.35 39.70
N LEU G 51 41.50 5.37 40.60
CA LEU G 51 40.77 4.11 40.50
C LEU G 51 39.25 4.30 40.53
N LYS G 52 38.78 5.09 41.48
CA LYS G 52 37.35 5.28 41.70
C LYS G 52 36.69 6.09 40.59
N ALA G 53 37.44 7.01 40.00
CA ALA G 53 36.94 7.80 38.88
C ALA G 53 36.66 6.90 37.68
N LEU G 54 37.56 5.95 37.43
CA LEU G 54 37.37 4.95 36.37
C LEU G 54 36.20 4.04 36.70
N GLN G 55 35.97 3.81 37.98
CA GLN G 55 34.88 2.98 38.41
C GLN G 55 33.55 3.70 38.14
N VAL G 56 33.57 5.03 38.19
CA VAL G 56 32.41 5.84 37.80
C VAL G 56 32.09 5.69 36.31
N MET G 57 33.13 5.79 35.48
CA MET G 57 32.99 5.63 34.03
C MET G 57 32.42 4.26 33.69
N ASN G 58 32.99 3.23 34.31
CA ASN G 58 32.60 1.86 34.02
C ASN G 58 31.16 1.58 34.46
N SER G 59 30.75 2.18 35.58
CA SER G 59 29.37 2.02 36.04
C SER G 59 28.40 2.71 35.11
N ALA G 60 28.78 3.93 34.70
CA ALA G 60 27.98 4.70 33.75
C ALA G 60 27.80 3.93 32.45
N ALA G 61 28.91 3.43 31.91
CA ALA G 61 28.92 2.71 30.64
C ALA G 61 28.15 1.41 30.70
N GLU G 62 28.32 0.67 31.78
CA GLU G 62 27.61 -0.59 31.95
C GLU G 62 26.12 -0.34 32.05
N LYS G 63 25.76 0.75 32.73
CA LYS G 63 24.36 1.11 32.90
C LYS G 63 23.73 1.48 31.55
N LEU G 64 24.43 2.32 30.78
CA LEU G 64 23.97 2.70 29.45
C LEU G 64 23.79 1.45 28.59
N MET G 65 24.74 0.54 28.70
CA MET G 65 24.72 -0.63 27.85
C MET G 65 23.54 -1.55 28.16
N SER G 66 23.12 -1.62 29.42
CA SER G 66 21.98 -2.45 29.79
C SER G 66 20.65 -1.81 29.39
N LYS G 67 20.69 -0.52 29.08
CA LYS G 67 19.52 0.23 28.67
C LYS G 67 19.23 0.02 27.18
N TYR G 68 20.30 -0.23 26.42
CA TYR G 68 20.20 -0.37 24.97
C TYR G 68 20.73 -1.71 24.48
N SER G 69 19.82 -2.61 24.19
CA SER G 69 20.20 -3.96 23.83
C SER G 69 20.99 -4.04 22.53
N ASP G 70 20.94 -3.00 21.71
CA ASP G 70 21.69 -3.00 20.46
C ASP G 70 23.19 -2.79 20.65
N VAL G 71 23.59 -2.27 21.80
CA VAL G 71 25.01 -2.12 22.10
C VAL G 71 25.61 -3.47 22.43
N MET G 72 26.56 -3.92 21.61
CA MET G 72 27.14 -5.26 21.76
C MET G 72 28.42 -5.28 22.56
N LEU G 73 29.10 -4.15 22.60
CA LEU G 73 30.44 -4.09 23.16
C LEU G 73 30.80 -2.67 23.53
N ALA G 74 31.48 -2.49 24.64
CA ALA G 74 31.97 -1.18 25.01
C ALA G 74 33.41 -1.28 25.47
N TYR G 75 34.20 -0.27 25.13
CA TYR G 75 35.57 -0.21 25.59
C TYR G 75 35.88 1.17 26.11
N GLY G 76 36.44 1.22 27.32
CA GLY G 76 36.77 2.48 27.95
C GLY G 76 38.15 2.50 28.59
N ASP G 77 38.76 3.68 28.60
CA ASP G 77 39.91 3.95 29.44
C ASP G 77 39.97 5.47 29.50
N SER G 78 40.57 5.98 30.57
CA SER G 78 40.64 7.41 30.81
C SER G 78 39.23 7.99 30.80
N ASP G 79 39.03 9.11 30.10
CA ASP G 79 37.71 9.72 30.12
C ASP G 79 36.90 9.40 28.86
N GLU G 80 37.19 8.27 28.21
CA GLU G 80 36.49 7.94 26.97
C GLU G 80 35.84 6.56 27.07
N TYR G 81 34.74 6.38 26.32
CA TYR G 81 34.13 5.06 26.13
C TYR G 81 33.66 4.94 24.68
N SER G 82 33.87 3.77 24.07
CA SER G 82 33.37 3.49 22.73
C SER G 82 32.34 2.38 22.78
N PHE G 83 31.22 2.60 22.11
CA PHE G 83 30.14 1.63 22.07
C PHE G 83 29.90 1.12 20.66
N LEU G 84 29.92 -0.20 20.50
CA LEU G 84 29.63 -0.81 19.23
C LEU G 84 28.14 -1.16 19.09
N LEU G 85 27.48 -0.59 18.08
CA LEU G 85 26.09 -0.91 17.77
C LEU G 85 26.07 -1.95 16.66
N ARG G 86 25.25 -3.00 16.81
CA ARG G 86 25.20 -4.04 15.77
C ARG G 86 24.74 -3.45 14.44
N LYS G 87 25.17 -4.01 13.32
CA LYS G 87 24.98 -3.34 12.05
C LYS G 87 23.54 -3.19 11.64
N ASN G 88 22.65 -4.04 12.16
CA ASN G 88 21.23 -3.91 11.78
C ASN G 88 20.38 -3.19 12.82
N CYS G 89 21.06 -2.46 13.70
CA CYS G 89 20.46 -1.62 14.73
C CYS G 89 19.48 -0.64 14.11
N GLN G 90 18.29 -0.54 14.68
CA GLN G 90 17.28 0.36 14.14
C GLN G 90 16.90 1.37 15.20
N LEU G 91 17.74 1.45 16.23
CA LEU G 91 17.56 2.42 17.29
C LEU G 91 17.44 3.85 16.74
N TYR G 92 16.32 4.49 17.06
CA TYR G 92 16.01 5.85 16.63
C TYR G 92 16.11 6.03 15.12
N GLU G 93 15.75 4.97 14.38
CA GLU G 93 15.81 4.94 12.93
C GLU G 93 17.19 5.31 12.40
N ARG G 94 18.23 5.04 13.20
CA ARG G 94 19.61 5.35 12.85
C ARG G 94 19.83 6.84 12.61
N ARG G 95 19.02 7.68 13.26
CA ARG G 95 19.23 9.13 13.19
C ARG G 95 20.46 9.51 14.01
N GLU G 96 21.42 10.15 13.35
CA GLU G 96 22.67 10.53 13.99
C GLU G 96 22.50 11.52 15.17
N MET G 97 21.64 12.52 14.97
CA MET G 97 21.35 13.50 15.99
C MET G 97 20.80 12.81 17.23
N LYS G 98 19.87 11.89 17.03
CA LYS G 98 19.26 11.18 18.16
C LYS G 98 20.27 10.28 18.86
N LEU G 99 21.01 9.48 18.08
CA LEU G 99 21.99 8.57 18.68
C LEU G 99 23.09 9.28 19.46
N THR G 100 23.64 10.36 18.91
CA THR G 100 24.79 10.98 19.55
C THR G 100 24.40 11.83 20.79
N THR G 101 23.36 12.63 20.69
CA THR G 101 23.03 13.52 21.79
C THR G 101 22.38 12.80 22.96
N LEU G 102 21.69 11.68 22.68
CA LEU G 102 21.15 10.87 23.77
C LEU G 102 22.29 10.14 24.47
N PHE G 103 23.26 9.66 23.71
CA PHE G 103 24.43 9.04 24.35
C PHE G 103 25.26 10.00 25.20
N SER G 104 25.47 11.23 24.75
CA SER G 104 26.27 12.15 25.56
C SER G 104 25.48 12.58 26.79
N SER G 105 24.18 12.71 26.63
CA SER G 105 23.31 13.07 27.74
C SER G 105 23.29 11.95 28.82
N LEU G 106 23.09 10.70 28.38
CA LEU G 106 23.07 9.52 29.27
C LEU G 106 24.41 9.32 29.99
N MET G 107 25.53 9.38 29.26
CA MET G 107 26.83 9.23 29.93
C MET G 107 27.04 10.33 30.95
N SER G 108 26.61 11.54 30.62
CA SER G 108 26.75 12.65 31.54
C SER G 108 25.96 12.45 32.83
N THR G 109 24.70 12.05 32.71
CA THR G 109 23.85 11.92 33.89
C THR G 109 24.18 10.70 34.73
N TYR G 110 24.52 9.59 34.09
CA TYR G 110 24.98 8.42 34.81
C TYR G 110 26.27 8.74 35.56
N TYR G 111 27.15 9.51 34.94
CA TYR G 111 28.41 9.89 35.58
C TYR G 111 28.15 10.71 36.81
N MET G 112 27.24 11.67 36.71
CA MET G 112 26.86 12.47 37.87
C MET G 112 26.27 11.63 39.00
N TYR G 113 25.38 10.71 38.65
CA TYR G 113 24.76 9.83 39.63
C TYR G 113 25.81 8.99 40.35
N PHE G 114 26.63 8.28 39.59
CA PHE G 114 27.59 7.37 40.19
C PHE G 114 28.70 8.13 40.90
N TRP G 115 28.98 9.36 40.47
CA TRP G 115 29.97 10.19 41.14
C TRP G 115 29.51 10.45 42.57
N SER G 116 28.23 10.71 42.75
CA SER G 116 27.74 11.00 44.10
C SER G 116 27.83 9.77 45.00
N GLN G 117 27.85 8.58 44.42
CA GLN G 117 28.04 7.38 45.23
C GLN G 117 29.51 7.18 45.62
N TYR G 118 30.41 7.31 44.65
CA TYR G 118 31.82 7.01 44.87
C TYR G 118 32.57 8.18 45.50
N PHE G 119 32.07 9.40 45.34
CA PHE G 119 32.72 10.55 45.98
C PHE G 119 31.76 11.40 46.80
N PRO G 120 31.25 10.82 47.89
CA PRO G 120 30.34 11.52 48.81
C PRO G 120 31.01 12.72 49.46
N ASP G 121 32.34 12.67 49.59
CA ASP G 121 33.08 13.73 50.27
C ASP G 121 33.51 14.86 49.33
N LYS G 122 33.36 14.65 48.02
CA LYS G 122 33.61 15.71 47.04
C LYS G 122 32.38 15.99 46.19
N PRO G 123 31.41 16.70 46.76
CA PRO G 123 30.19 17.05 46.03
C PRO G 123 30.50 17.88 44.80
N LEU G 124 29.76 17.69 43.71
CA LEU G 124 30.06 18.36 42.45
C LEU G 124 29.76 19.85 42.48
N HIS G 125 30.68 20.62 41.90
CA HIS G 125 30.53 22.08 41.80
C HIS G 125 29.89 22.44 40.47
N ILE G 126 28.99 23.42 40.49
CA ILE G 126 28.20 23.76 39.32
C ILE G 126 29.06 24.23 38.14
N ASP G 127 30.28 24.70 38.41
CA ASP G 127 31.12 25.13 37.31
C ASP G 127 32.08 24.02 36.89
N HIS G 128 31.92 22.85 37.50
CA HIS G 128 32.71 21.69 37.10
C HIS G 128 31.89 20.41 37.12
N LEU G 129 30.81 20.41 36.35
CA LEU G 129 29.99 19.23 36.13
C LEU G 129 30.64 18.38 35.01
N PRO G 130 30.38 17.05 35.01
CA PRO G 130 30.97 16.16 34.00
C PRO G 130 30.22 16.14 32.67
N ASN G 131 30.83 16.69 31.64
CA ASN G 131 30.23 16.70 30.32
C ASN G 131 31.01 15.84 29.34
N PHE G 132 30.31 15.30 28.35
CA PHE G 132 30.86 14.43 27.33
C PHE G 132 30.45 14.85 25.92
N ASP G 133 31.33 14.67 24.96
CA ASP G 133 30.88 14.77 23.58
C ASP G 133 30.53 13.34 23.16
N ALA G 134 29.98 13.19 21.96
CA ALA G 134 29.70 11.88 21.42
C ALA G 134 29.65 11.98 19.90
N ARG G 135 30.26 11.02 19.22
CA ARG G 135 30.22 11.03 17.78
C ARG G 135 29.87 9.63 17.32
N ALA G 136 29.19 9.56 16.17
CA ALA G 136 28.91 8.29 15.50
C ALA G 136 29.87 8.10 14.34
N VAL G 137 30.45 6.92 14.20
CA VAL G 137 31.30 6.62 13.07
C VAL G 137 30.82 5.30 12.45
N LEU G 138 30.73 5.27 11.10
CA LEU G 138 30.30 4.08 10.38
C LEU G 138 31.48 3.25 9.86
N TYR G 139 31.42 1.93 10.04
CA TYR G 139 32.45 1.05 9.50
C TYR G 139 31.78 -0.08 8.74
N PRO G 140 32.08 -0.19 7.43
CA PRO G 140 31.35 -1.08 6.52
C PRO G 140 31.78 -2.53 6.59
N ASP G 141 32.85 -2.79 7.31
CA ASP G 141 33.38 -4.14 7.39
C ASP G 141 33.85 -4.38 8.81
N PHE G 142 33.61 -5.58 9.32
CA PHE G 142 33.93 -5.88 10.69
C PHE G 142 35.41 -5.80 11.01
N LYS G 143 36.27 -5.99 10.01
CA LYS G 143 37.70 -5.89 10.23
C LYS G 143 38.05 -4.47 10.67
N HIS G 144 37.23 -3.50 10.30
CA HIS G 144 37.45 -2.12 10.72
C HIS G 144 37.02 -1.93 12.16
N ILE G 145 36.11 -2.78 12.61
CA ILE G 145 35.72 -2.73 14.00
C ILE G 145 36.88 -3.25 14.84
N ARG G 146 37.46 -4.36 14.39
CA ARG G 146 38.62 -4.97 15.03
C ARG G 146 39.76 -3.95 15.15
N ASN G 147 40.08 -3.30 14.03
CA ASN G 147 41.16 -2.34 14.04
C ASN G 147 40.81 -1.10 14.87
N TYR G 148 39.52 -0.77 14.98
CA TYR G 148 39.11 0.38 15.79
C TYR G 148 39.42 0.16 17.27
N PHE G 149 39.00 -0.98 17.79
CA PHE G 149 39.21 -1.28 19.19
C PHE G 149 40.69 -1.56 19.46
N SER G 150 41.38 -2.13 18.47
CA SER G 150 42.82 -2.30 18.56
C SER G 150 43.48 -0.93 18.72
N TRP G 151 43.01 0.01 17.91
CA TRP G 151 43.47 1.39 17.97
C TRP G 151 43.27 2.04 19.34
N ARG G 152 42.08 1.86 19.92
CA ARG G 152 41.82 2.55 21.18
C ARG G 152 42.61 1.93 22.31
N GLN G 153 42.81 0.62 22.26
CA GLN G 153 43.57 -0.05 23.30
C GLN G 153 45.08 0.22 23.23
N VAL G 154 45.63 0.29 22.02
CA VAL G 154 47.03 0.69 21.87
C VAL G 154 47.21 2.10 22.42
N ASP G 155 46.22 2.94 22.18
CA ASP G 155 46.22 4.30 22.65
C ASP G 155 46.20 4.34 24.18
N CYS G 156 45.57 3.35 24.76
CA CYS G 156 45.54 3.26 26.21
C CYS G 156 46.91 2.96 26.78
N HIS G 157 47.62 2.00 26.18
CA HIS G 157 48.97 1.65 26.63
C HIS G 157 49.90 2.84 26.57
N ILE G 158 49.93 3.50 25.41
CA ILE G 158 50.83 4.61 25.18
C ILE G 158 50.57 5.74 26.18
N ASN G 159 49.30 6.07 26.40
CA ASN G 159 48.97 7.16 27.32
C ASN G 159 49.20 6.81 28.77
N ASN G 160 48.91 5.56 29.15
CA ASN G 160 49.09 5.19 30.56
C ASN G 160 50.55 5.10 30.93
N LEU G 161 51.35 4.51 30.04
CA LEU G 161 52.77 4.41 30.26
C LEU G 161 53.37 5.81 30.37
N TYR G 162 52.97 6.71 29.48
CA TYR G 162 53.44 8.09 29.53
C TYR G 162 53.01 8.78 30.82
N ASN G 163 51.74 8.67 31.16
CA ASN G 163 51.22 9.36 32.33
C ASN G 163 51.77 8.80 33.62
N THR G 164 52.03 7.50 33.66
CA THR G 164 52.59 6.89 34.85
C THR G 164 54.02 7.40 35.06
N THR G 165 54.79 7.49 33.99
CA THR G 165 56.14 8.02 34.04
C THR G 165 56.15 9.51 34.42
N PHE G 166 55.29 10.27 33.77
CA PHE G 166 55.19 11.72 33.98
C PHE G 166 54.98 12.10 35.45
N TRP G 167 53.98 11.53 36.10
CA TRP G 167 53.60 11.94 37.45
C TRP G 167 54.58 11.38 38.46
N ASN G 168 55.20 10.27 38.11
CA ASN G 168 56.21 9.70 38.97
C ASN G 168 57.47 10.55 38.95
N LEU G 169 57.80 11.15 37.81
CA LEU G 169 58.89 12.12 37.73
C LEU G 169 58.58 13.35 38.58
N VAL G 170 57.30 13.76 38.58
CA VAL G 170 56.87 14.94 39.31
C VAL G 170 56.77 14.68 40.81
N LEU G 171 56.17 13.55 41.17
CA LEU G 171 55.90 13.28 42.57
C LEU G 171 57.09 12.68 43.28
N LYS G 172 57.78 11.76 42.63
CA LYS G 172 58.93 11.09 43.23
C LYS G 172 60.26 11.85 43.08
N LEU G 173 60.58 12.29 41.87
CA LEU G 173 61.83 13.01 41.60
C LEU G 173 61.64 14.50 41.83
N LYS G 174 60.46 14.86 42.35
CA LYS G 174 60.14 16.23 42.76
C LYS G 174 60.38 17.24 41.65
N MET G 175 60.25 16.78 40.40
CA MET G 175 60.31 17.66 39.22
C MET G 175 59.05 18.50 39.07
N THR G 176 59.19 19.67 38.44
CA THR G 176 58.04 20.47 38.10
C THR G 176 57.35 19.77 36.93
N PRO G 177 56.04 19.98 36.77
CA PRO G 177 55.31 19.43 35.63
C PRO G 177 56.03 19.72 34.32
N GLN G 178 56.49 20.94 34.16
CA GLN G 178 57.07 21.40 32.90
C GLN G 178 58.34 20.67 32.50
N GLN G 179 59.21 20.43 33.48
CA GLN G 179 60.48 19.75 33.23
C GLN G 179 60.29 18.25 33.09
N ALA G 180 59.26 17.72 33.74
CA ALA G 180 58.93 16.32 33.57
C ALA G 180 58.58 16.07 32.09
N GLU G 181 57.89 17.03 31.46
CA GLU G 181 57.52 16.91 30.04
C GLU G 181 58.75 16.92 29.14
N GLN G 182 59.66 17.83 29.43
CA GLN G 182 60.90 17.97 28.68
C GLN G 182 61.78 16.73 28.85
N ARG G 183 61.73 16.12 30.05
CA ARG G 183 62.49 14.91 30.33
C ARG G 183 62.05 13.72 29.48
N LEU G 184 60.77 13.69 29.11
CA LEU G 184 60.22 12.55 28.37
C LEU G 184 60.27 12.71 26.85
N MET G 185 60.49 13.94 26.40
CA MET G 185 60.63 14.20 24.97
C MET G 185 61.75 13.38 24.35
N GLY G 186 61.44 12.65 23.28
CA GLY G 186 62.43 11.86 22.57
C GLY G 186 62.54 10.42 23.02
N THR G 187 62.50 10.21 24.33
CA THR G 187 62.60 8.87 24.93
C THR G 187 61.54 7.93 24.38
N VAL G 188 61.88 6.64 24.29
CA VAL G 188 60.92 5.64 23.85
C VAL G 188 60.34 4.96 25.07
N ALA G 189 59.36 4.10 24.84
CA ALA G 189 58.60 3.48 25.93
C ALA G 189 59.47 2.67 26.91
N SER G 190 60.47 1.95 26.38
CA SER G 190 61.37 1.15 27.23
C SER G 190 62.16 2.03 28.18
N ASP G 191 62.50 3.23 27.73
CA ASP G 191 63.20 4.23 28.56
C ASP G 191 62.35 4.65 29.74
N LYS G 192 61.07 4.87 29.49
CA LYS G 192 60.13 5.32 30.51
C LYS G 192 60.02 4.30 31.63
N ASN G 193 60.03 3.03 31.26
CA ASN G 193 60.02 1.93 32.21
C ASN G 193 61.25 1.99 33.11
N GLU G 194 62.40 2.23 32.50
CA GLU G 194 63.64 2.32 33.24
C GLU G 194 63.61 3.50 34.20
N ILE G 195 63.10 4.62 33.71
CA ILE G 195 62.91 5.81 34.53
C ILE G 195 61.96 5.51 35.69
N LEU G 196 60.91 4.75 35.41
CA LEU G 196 59.94 4.35 36.43
C LEU G 196 60.52 3.46 37.51
N PHE G 197 61.28 2.43 37.10
CA PHE G 197 61.86 1.50 38.05
C PHE G 197 63.08 2.10 38.76
N LYS G 198 64.09 2.44 37.98
CA LYS G 198 65.40 2.82 38.52
C LYS G 198 65.40 4.17 39.22
N GLU G 199 64.65 5.12 38.69
CA GLU G 199 64.67 6.47 39.23
C GLU G 199 63.50 6.68 40.20
N CYS G 200 62.40 5.97 39.97
CA CYS G 200 61.21 6.17 40.81
C CYS G 200 60.85 4.98 41.69
N GLY G 201 61.44 3.82 41.42
CA GLY G 201 61.12 2.65 42.21
C GLY G 201 59.69 2.18 42.05
N VAL G 202 59.13 2.33 40.85
CA VAL G 202 57.80 1.82 40.56
C VAL G 202 57.91 0.78 39.46
N ASN G 203 57.35 -0.39 39.71
CA ASN G 203 57.24 -1.41 38.70
C ASN G 203 55.95 -1.21 37.90
N TYR G 204 56.10 -0.80 36.64
CA TYR G 204 54.97 -0.51 35.77
C TYR G 204 54.10 -1.75 35.56
N ASN G 205 54.75 -2.90 35.45
CA ASN G 205 54.07 -4.16 35.23
C ASN G 205 53.13 -4.55 36.37
N ASN G 206 53.37 -3.99 37.55
CA ASN G 206 52.51 -4.26 38.71
C ASN G 206 51.37 -3.27 38.82
N GLU G 207 51.35 -2.26 37.95
CA GLU G 207 50.19 -1.37 37.90
C GLU G 207 48.97 -2.21 37.52
N SER G 208 47.81 -1.79 38.02
CA SER G 208 46.54 -2.44 37.76
C SER G 208 46.33 -2.72 36.27
N GLU G 209 45.75 -3.88 35.97
CA GLU G 209 45.49 -4.28 34.59
C GLU G 209 44.56 -3.28 33.91
N MET G 210 43.61 -2.75 34.69
CA MET G 210 42.69 -1.75 34.19
C MET G 210 43.40 -0.48 33.70
N TYR G 211 44.43 -0.03 34.41
CA TYR G 211 45.17 1.16 33.98
C TYR G 211 45.94 0.87 32.69
N LYS G 212 46.49 -0.33 32.63
CA LYS G 212 47.35 -0.75 31.53
C LYS G 212 46.56 -1.13 30.28
N LYS G 213 45.41 -1.78 30.48
CA LYS G 213 44.65 -2.38 29.38
C LYS G 213 43.31 -1.71 29.08
N GLY G 214 42.75 -1.00 30.06
CA GLY G 214 41.41 -0.44 29.94
C GLY G 214 40.28 -1.36 30.40
N THR G 215 39.06 -1.03 29.98
CA THR G 215 37.88 -1.80 30.40
C THR G 215 37.02 -2.24 29.21
N ILE G 216 36.78 -3.55 29.14
CA ILE G 216 35.89 -4.11 28.13
C ILE G 216 34.58 -4.59 28.73
N ILE G 217 33.46 -4.07 28.23
CA ILE G 217 32.15 -4.55 28.62
C ILE G 217 31.48 -5.25 27.44
N VAL G 218 31.14 -6.52 27.60
CA VAL G 218 30.59 -7.33 26.51
C VAL G 218 29.26 -7.96 26.85
N ARG G 219 28.37 -8.02 25.87
CA ARG G 219 27.12 -8.77 25.98
C ARG G 219 27.37 -10.25 25.74
N GLU G 220 26.94 -11.08 26.68
CA GLU G 220 27.15 -12.53 26.56
C GLU G 220 25.91 -13.34 26.26
N PHE G 221 26.01 -14.19 25.25
CA PHE G 221 24.94 -15.12 24.95
C PHE G 221 25.48 -16.53 25.14
N GLU G 222 24.66 -17.43 25.64
CA GLU G 222 25.11 -18.80 25.81
C GLU G 222 24.68 -19.64 24.62
N ASN G 223 23.38 -19.64 24.34
CA ASN G 223 22.80 -20.45 23.29
C ASN G 223 22.50 -19.65 22.03
N TYR G 224 23.55 -19.13 21.40
CA TYR G 224 23.39 -18.25 20.24
C TYR G 224 23.22 -19.05 18.95
N ALA G 247 20.77 -13.20 28.15
CA ALA G 247 22.04 -12.48 28.02
C ALA G 247 22.40 -11.66 29.27
N GLU G 248 23.65 -11.24 29.34
CA GLU G 248 24.20 -10.60 30.54
C GLU G 248 25.56 -9.96 30.25
N LEU G 249 25.84 -8.86 30.93
CA LEU G 249 27.06 -8.09 30.72
C LEU G 249 28.25 -8.55 31.56
N LYS G 250 29.35 -8.91 30.89
CA LYS G 250 30.57 -9.28 31.60
C LYS G 250 31.68 -8.29 31.35
N ILE G 251 32.47 -8.03 32.39
CA ILE G 251 33.55 -7.04 32.35
C ILE G 251 34.95 -7.67 32.29
N TYR G 252 35.83 -7.13 31.43
CA TYR G 252 37.19 -7.64 31.24
C TYR G 252 38.25 -6.53 31.22
N HIS G 253 39.48 -6.88 31.57
CA HIS G 253 40.64 -5.98 31.43
C HIS G 253 41.77 -6.72 30.74
N VAL G 254 41.54 -7.08 29.49
CA VAL G 254 42.47 -7.93 28.75
C VAL G 254 42.82 -7.32 27.40
N ASP G 255 43.90 -7.80 26.78
CA ASP G 255 44.23 -7.52 25.39
C ASP G 255 43.17 -8.11 24.46
N ILE G 256 42.67 -7.31 23.52
CA ILE G 256 41.77 -7.82 22.49
C ILE G 256 42.33 -7.59 21.09
N ILE G 257 43.52 -6.99 21.03
CA ILE G 257 44.17 -6.64 19.77
C ILE G 257 44.53 -7.83 18.89
N ASN G 258 45.24 -8.81 19.45
CA ASN G 258 45.76 -9.92 18.64
C ASN G 258 45.05 -11.25 18.90
N ASP G 259 44.11 -11.27 19.85
CA ASP G 259 43.41 -12.50 20.23
C ASP G 259 42.15 -12.77 19.38
N ASP G 260 42.35 -13.41 18.22
CA ASP G 260 41.25 -13.73 17.31
C ASP G 260 40.20 -14.63 17.94
N SER G 261 40.64 -15.56 18.79
CA SER G 261 39.70 -16.48 19.41
C SER G 261 38.72 -15.73 20.32
N TRP G 262 39.19 -14.65 20.92
CA TRP G 262 38.35 -13.81 21.76
C TRP G 262 37.16 -13.28 20.96
N TRP G 263 37.44 -12.84 19.74
CA TRP G 263 36.39 -12.32 18.85
C TRP G 263 35.56 -13.41 18.20
N LYS G 264 36.25 -14.40 17.65
CA LYS G 264 35.62 -15.46 16.87
C LYS G 264 34.61 -16.24 17.71
N SER G 265 34.87 -16.38 19.01
CA SER G 265 33.96 -17.11 19.88
C SER G 265 32.78 -16.24 20.33
N ARG G 266 32.72 -15.02 19.79
CA ARG G 266 31.61 -14.12 20.10
C ARG G 266 30.99 -13.64 18.79
N PRO G 267 30.44 -14.57 18.01
CA PRO G 267 30.00 -14.25 16.64
C PRO G 267 28.88 -13.21 16.60
N TRP G 268 28.16 -13.04 17.70
CA TRP G 268 27.07 -12.07 17.74
C TRP G 268 27.56 -10.63 17.70
N LEU G 269 28.85 -10.41 17.95
CA LEU G 269 29.41 -9.07 17.84
C LEU G 269 29.44 -8.65 16.38
N LYS G 270 29.65 -9.63 15.51
CA LYS G 270 29.73 -9.44 14.06
C LYS G 270 28.39 -9.41 13.34
N ASP G 271 27.32 -9.86 14.00
CA ASP G 271 26.07 -10.06 13.27
C ASP G 271 25.09 -8.94 13.57
N SER H 7 51.87 2.69 13.49
CA SER H 7 50.46 2.76 13.85
C SER H 7 49.60 2.40 12.64
N LYS H 8 49.34 1.11 12.49
CA LYS H 8 48.55 0.58 11.37
C LYS H 8 47.06 0.66 11.67
N TYR H 9 46.70 1.15 12.87
CA TYR H 9 45.30 1.16 13.28
C TYR H 9 44.66 2.55 13.27
N GLU H 10 45.47 3.60 13.17
CA GLU H 10 44.92 4.96 13.25
C GLU H 10 44.18 5.37 11.94
N TYR H 11 44.31 4.59 10.87
CA TYR H 11 43.62 4.87 9.60
C TYR H 11 42.11 4.92 9.87
N VAL H 12 41.70 4.24 10.93
CA VAL H 12 40.31 4.11 11.34
C VAL H 12 39.68 5.47 11.65
N LYS H 13 40.52 6.48 11.91
CA LYS H 13 40.07 7.84 12.12
C LYS H 13 39.48 8.48 10.83
N LEU H 14 39.88 7.96 9.68
CA LEU H 14 39.48 8.53 8.40
C LEU H 14 38.01 8.24 8.04
N PHE H 15 37.34 7.41 8.83
CA PHE H 15 35.94 7.10 8.56
C PHE H 15 35.02 8.14 9.21
N GLU H 16 35.58 9.00 10.05
CA GLU H 16 34.79 10.03 10.71
C GLU H 16 34.41 11.12 9.73
N LYS H 17 33.20 11.63 9.87
CA LYS H 17 32.73 12.69 9.01
C LYS H 17 32.22 13.85 9.86
N GLU H 18 32.91 14.98 9.79
CA GLU H 18 32.48 16.17 10.50
C GLU H 18 31.50 16.94 9.62
N ASN H 19 30.57 17.62 10.27
CA ASN H 19 29.63 18.48 9.59
C ASN H 19 29.80 19.89 10.11
N TYR H 20 30.46 20.72 9.32
CA TYR H 20 30.67 22.13 9.63
C TYR H 20 29.49 22.93 9.16
N LEU H 21 28.78 23.53 10.09
CA LEU H 21 27.57 24.25 9.73
C LEU H 21 27.91 25.50 8.90
N LEU H 22 27.12 25.67 7.84
CA LEU H 22 27.23 26.81 6.94
C LEU H 22 27.52 28.11 7.69
N PRO H 23 28.62 28.77 7.31
CA PRO H 23 29.05 30.03 7.92
C PRO H 23 28.02 31.12 7.82
N ASP H 24 28.09 32.07 8.75
CA ASP H 24 27.36 33.32 8.74
C ASP H 24 25.86 33.09 8.69
N THR H 25 25.48 31.99 9.32
CA THR H 25 24.10 31.59 9.43
C THR H 25 23.71 31.47 10.89
N TYR H 26 22.48 31.86 11.19
CA TYR H 26 21.98 31.70 12.56
C TYR H 26 21.86 30.21 12.89
N ILE H 27 22.30 29.84 14.08
CA ILE H 27 22.11 28.49 14.54
C ILE H 27 21.12 28.49 15.68
N ILE H 28 20.09 27.69 15.55
CA ILE H 28 19.17 27.39 16.64
C ILE H 28 19.51 26.02 17.17
N ILE H 29 19.74 25.93 18.47
CA ILE H 29 19.85 24.61 19.09
C ILE H 29 18.67 24.33 20.03
N ARG H 30 17.93 23.26 19.71
CA ARG H 30 16.80 22.89 20.53
C ARG H 30 17.05 21.60 21.29
N VAL H 31 16.84 21.66 22.60
CA VAL H 31 16.91 20.47 23.41
C VAL H 31 15.51 20.17 23.92
N ASP H 32 15.20 18.89 24.03
CA ASP H 32 13.91 18.50 24.56
C ASP H 32 14.07 17.26 25.45
N GLY H 33 13.41 17.28 26.60
CA GLY H 33 13.49 16.18 27.55
C GLY H 33 13.07 14.85 26.98
N LYS H 34 13.88 13.83 27.23
CA LYS H 34 13.58 12.50 26.74
C LYS H 34 12.59 11.83 27.67
N GLY H 35 11.41 11.50 27.17
CA GLY H 35 10.41 10.80 27.96
C GLY H 35 9.99 11.52 29.25
N PHE H 36 9.71 12.82 29.15
CA PHE H 36 9.37 13.60 30.34
C PHE H 36 7.93 13.38 30.82
N HIS H 37 7.12 12.70 30.03
CA HIS H 37 5.84 12.26 30.54
C HIS H 37 6.06 11.31 31.71
N LYS H 38 6.85 10.27 31.48
CA LYS H 38 7.20 9.27 32.49
C LYS H 38 7.95 9.94 33.64
N PHE H 39 8.88 10.82 33.29
CA PHE H 39 9.73 11.50 34.26
C PHE H 39 8.87 12.31 35.22
N SER H 40 7.89 12.99 34.66
CA SER H 40 6.99 13.84 35.42
C SER H 40 6.05 12.99 36.26
N GLN H 41 5.79 11.76 35.83
CA GLN H 41 5.00 10.81 36.60
C GLN H 41 5.79 10.26 37.79
N PHE H 42 7.00 9.77 37.51
CA PHE H 42 7.84 9.17 38.55
C PHE H 42 8.12 10.13 39.71
N TYR H 43 8.37 11.38 39.38
CA TYR H 43 8.69 12.34 40.42
C TYR H 43 7.49 13.18 40.82
N GLU H 44 6.31 12.77 40.36
CA GLU H 44 5.06 13.36 40.78
C GLU H 44 5.04 14.88 40.64
N PHE H 45 5.30 15.37 39.43
CA PHE H 45 5.11 16.77 39.08
C PHE H 45 3.67 17.19 39.37
N GLU H 46 3.50 18.41 39.85
CA GLU H 46 2.20 19.04 39.87
C GLU H 46 1.69 19.27 38.45
N LYS H 47 0.38 19.22 38.31
CA LYS H 47 -0.29 19.39 37.04
C LYS H 47 -1.26 20.58 37.10
N PRO H 48 -1.41 21.31 35.98
CA PRO H 48 -0.75 21.11 34.67
C PRO H 48 0.73 21.52 34.63
N ASN H 49 1.10 22.53 35.40
CA ASN H 49 2.48 23.03 35.40
C ASN H 49 3.10 22.91 36.79
N ASP H 50 4.30 22.38 36.85
CA ASP H 50 5.06 22.36 38.09
C ASP H 50 6.07 23.49 38.11
N LEU H 51 5.85 24.47 38.98
CA LEU H 51 6.66 25.69 39.02
C LEU H 51 8.13 25.39 39.28
N LYS H 52 8.39 24.53 40.25
CA LYS H 52 9.74 24.22 40.65
C LYS H 52 10.47 23.44 39.55
N ALA H 53 9.75 22.63 38.79
CA ALA H 53 10.35 21.93 37.63
C ALA H 53 10.77 22.93 36.55
N LEU H 54 9.90 23.91 36.27
CA LEU H 54 10.24 24.95 35.30
C LEU H 54 11.39 25.81 35.80
N GLN H 55 11.50 25.97 37.12
CA GLN H 55 12.61 26.76 37.65
C GLN H 55 13.94 25.99 37.53
N VAL H 56 13.88 24.67 37.65
CA VAL H 56 15.05 23.83 37.40
C VAL H 56 15.48 23.98 35.95
N MET H 57 14.50 23.93 35.05
CA MET H 57 14.79 24.11 33.63
C MET H 57 15.40 25.49 33.40
N ASN H 58 14.79 26.52 33.98
CA ASN H 58 15.23 27.88 33.72
C ASN H 58 16.61 28.18 34.28
N SER H 59 16.94 27.60 35.42
CA SER H 59 18.24 27.75 36.03
C SER H 59 19.31 27.09 35.18
N ALA H 60 18.99 25.91 34.66
CA ALA H 60 19.88 25.20 33.74
C ALA H 60 20.18 26.04 32.51
N ALA H 61 19.12 26.56 31.91
CA ALA H 61 19.21 27.36 30.70
C ALA H 61 19.99 28.65 30.95
N GLU H 62 19.73 29.33 32.07
CA GLU H 62 20.45 30.56 32.37
C GLU H 62 21.92 30.30 32.63
N LYS H 63 22.22 29.21 33.32
CA LYS H 63 23.59 28.86 33.62
C LYS H 63 24.38 28.55 32.35
N LEU H 64 23.78 27.78 31.45
CA LEU H 64 24.41 27.45 30.17
C LEU H 64 24.69 28.73 29.40
N MET H 65 23.70 29.60 29.39
CA MET H 65 23.75 30.82 28.63
C MET H 65 24.80 31.78 29.18
N SER H 66 25.01 31.75 30.50
CA SER H 66 26.01 32.62 31.12
C SER H 66 27.42 32.05 30.91
N LYS H 67 27.49 30.77 30.58
CA LYS H 67 28.76 30.11 30.29
C LYS H 67 29.18 30.26 28.80
N TYR H 68 28.20 30.40 27.92
CA TYR H 68 28.46 30.45 26.49
C TYR H 68 27.95 31.75 25.90
N SER H 69 28.89 32.68 25.73
CA SER H 69 28.57 34.02 25.30
C SER H 69 28.02 34.12 23.88
N ASP H 70 28.15 33.06 23.09
CA ASP H 70 27.59 33.08 21.73
C ASP H 70 26.07 32.96 21.76
N VAL H 71 25.53 32.41 22.85
CA VAL H 71 24.07 32.30 22.99
C VAL H 71 23.50 33.68 23.30
N MET H 72 22.67 34.19 22.40
CA MET H 72 22.16 35.55 22.52
C MET H 72 20.77 35.51 23.14
N LEU H 73 20.09 34.40 22.96
CA LEU H 73 18.68 34.29 23.35
C LEU H 73 18.25 32.85 23.61
N ALA H 74 17.41 32.66 24.60
CA ALA H 74 16.85 31.36 24.87
C ALA H 74 15.36 31.46 25.08
N TYR H 75 14.62 30.47 24.58
CA TYR H 75 13.20 30.39 24.85
C TYR H 75 12.88 28.97 25.28
N GLY H 76 12.27 28.86 26.45
CA GLY H 76 11.97 27.55 26.96
C GLY H 76 10.55 27.51 27.48
N ASP H 77 9.94 26.34 27.41
CA ASP H 77 8.71 26.07 28.12
C ASP H 77 8.59 24.55 28.16
N SER H 78 7.86 24.03 29.13
CA SER H 78 7.74 22.58 29.30
C SER H 78 9.14 21.95 29.40
N ASP H 79 9.40 20.89 28.66
CA ASP H 79 10.68 20.21 28.80
C ASP H 79 11.67 20.59 27.68
N GLU H 80 11.46 21.77 27.10
CA GLU H 80 12.29 22.18 25.97
C GLU H 80 12.96 23.53 26.13
N TYR H 81 14.12 23.68 25.50
CA TYR H 81 14.73 25.00 25.42
C TYR H 81 15.36 25.15 24.05
N SER H 82 15.18 26.31 23.46
CA SER H 82 15.78 26.64 22.19
C SER H 82 16.80 27.75 22.41
N PHE H 83 17.99 27.56 21.88
CA PHE H 83 19.07 28.54 22.04
C PHE H 83 19.47 29.12 20.70
N LEU H 84 19.45 30.44 20.62
CA LEU H 84 19.91 31.13 19.42
C LEU H 84 21.38 31.47 19.52
N LEU H 85 22.18 30.93 18.60
CA LEU H 85 23.59 31.28 18.49
C LEU H 85 23.77 32.36 17.41
N ARG H 86 24.56 33.40 17.69
CA ARG H 86 24.75 34.50 16.74
C ARG H 86 25.38 34.00 15.43
N LYS H 87 25.07 34.64 14.31
CA LYS H 87 25.40 34.03 13.03
C LYS H 87 26.91 33.87 12.83
N ASN H 88 27.73 34.66 13.52
CA ASN H 88 29.17 34.49 13.38
C ASN H 88 29.82 33.68 14.51
N CYS H 89 29.01 32.92 15.24
CA CYS H 89 29.50 31.96 16.26
C CYS H 89 30.54 30.99 15.71
N GLN H 90 31.66 30.85 16.41
CA GLN H 90 32.73 29.96 15.95
C GLN H 90 33.04 28.89 16.98
N LEU H 91 32.12 28.75 17.94
CA LEU H 91 32.20 27.71 18.97
C LEU H 91 32.37 26.35 18.33
N TYR H 92 33.46 25.67 18.69
CA TYR H 92 33.80 24.36 18.13
C TYR H 92 33.81 24.38 16.62
N GLU H 93 34.24 25.50 16.04
CA GLU H 93 34.31 25.67 14.59
C GLU H 93 32.98 25.34 13.90
N ARG H 94 31.86 25.62 14.57
CA ARG H 94 30.53 25.33 14.04
C ARG H 94 30.34 23.85 13.70
N ARG H 95 31.08 22.97 14.37
CA ARG H 95 30.92 21.51 14.21
C ARG H 95 29.62 21.02 14.88
N GLU H 96 28.74 20.42 14.09
CA GLU H 96 27.42 20.00 14.51
C GLU H 96 27.41 18.93 15.61
N MET H 97 28.30 17.95 15.50
CA MET H 97 28.44 16.89 16.49
C MET H 97 28.78 17.50 17.84
N LYS H 98 29.73 18.43 17.83
CA LYS H 98 30.19 19.09 19.05
C LYS H 98 29.11 20.00 19.65
N LEU H 99 28.50 20.83 18.83
CA LEU H 99 27.49 21.79 19.30
C LEU H 99 26.30 21.06 19.91
N THR H 100 25.83 20.00 19.26
CA THR H 100 24.63 19.32 19.74
C THR H 100 24.90 18.43 20.96
N THR H 101 26.01 17.68 20.97
CA THR H 101 26.25 16.77 22.08
C THR H 101 26.71 17.55 23.34
N LEU H 102 27.24 18.77 23.14
CA LEU H 102 27.59 19.60 24.28
C LEU H 102 26.34 20.15 24.97
N PHE H 103 25.39 20.62 24.16
CA PHE H 103 24.15 21.18 24.69
C PHE H 103 23.27 20.18 25.38
N SER H 104 23.17 18.98 24.83
CA SER H 104 22.35 17.98 25.49
C SER H 104 23.03 17.53 26.80
N SER H 105 24.36 17.48 26.77
CA SER H 105 25.17 17.12 27.93
C SER H 105 25.10 18.21 29.02
N LEU H 106 25.27 19.47 28.64
CA LEU H 106 25.15 20.59 29.57
C LEU H 106 23.76 20.69 30.19
N MET H 107 22.73 20.64 29.37
CA MET H 107 21.39 20.73 29.92
C MET H 107 21.09 19.57 30.86
N SER H 108 21.58 18.38 30.52
CA SER H 108 21.33 17.22 31.35
C SER H 108 21.94 17.37 32.74
N THR H 109 23.22 17.76 32.79
CA THR H 109 23.92 17.88 34.06
C THR H 109 23.48 19.13 34.82
N TYR H 110 23.26 20.24 34.11
CA TYR H 110 22.71 21.42 34.78
C TYR H 110 21.36 21.10 35.41
N TYR H 111 20.56 20.28 34.73
CA TYR H 111 19.24 19.90 35.22
C TYR H 111 19.36 19.05 36.51
N MET H 112 20.25 18.07 36.49
CA MET H 112 20.51 17.24 37.68
C MET H 112 21.03 18.06 38.87
N TYR H 113 21.95 18.98 38.61
CA TYR H 113 22.49 19.83 39.66
C TYR H 113 21.39 20.66 40.31
N PHE H 114 20.63 21.38 39.50
CA PHE H 114 19.60 22.26 40.05
C PHE H 114 18.44 21.50 40.63
N TRP H 115 18.20 20.28 40.15
CA TRP H 115 17.13 19.45 40.70
C TRP H 115 17.41 19.17 42.17
N SER H 116 18.66 18.85 42.50
CA SER H 116 19.06 18.57 43.89
C SER H 116 18.97 19.81 44.75
N GLN H 117 19.03 20.98 44.13
CA GLN H 117 18.85 22.24 44.83
C GLN H 117 17.37 22.49 45.12
N TYR H 118 16.51 22.32 44.11
CA TYR H 118 15.08 22.64 44.24
C TYR H 118 14.24 21.53 44.86
N PHE H 119 14.67 20.29 44.70
CA PHE H 119 13.95 19.15 45.26
C PHE H 119 14.87 18.32 46.14
N PRO H 120 15.32 18.88 47.27
CA PRO H 120 16.23 18.11 48.12
C PRO H 120 15.58 16.81 48.60
N ASP H 121 14.25 16.80 48.65
CA ASP H 121 13.51 15.66 49.16
C ASP H 121 13.16 14.62 48.09
N LYS H 122 13.48 14.89 46.83
CA LYS H 122 13.24 13.90 45.77
C LYS H 122 14.53 13.50 45.07
N PRO H 123 15.36 12.69 45.74
CA PRO H 123 16.61 12.27 45.12
C PRO H 123 16.34 11.55 43.82
N LEU H 124 17.19 11.72 42.81
CA LEU H 124 16.93 11.14 41.52
C LEU H 124 17.16 9.64 41.52
N HIS H 125 16.27 8.90 40.86
CA HIS H 125 16.43 7.46 40.75
C HIS H 125 17.25 7.12 39.49
N ILE H 126 18.10 6.11 39.59
CA ILE H 126 19.03 5.79 38.52
C ILE H 126 18.35 5.43 37.18
N ASP H 127 17.09 4.98 37.25
CA ASP H 127 16.34 4.59 36.06
C ASP H 127 15.44 5.72 35.55
N HIS H 128 15.54 6.88 36.20
CA HIS H 128 14.76 8.04 35.80
C HIS H 128 15.59 9.32 35.92
N LEU H 129 16.73 9.35 35.24
CA LEU H 129 17.55 10.56 35.19
C LEU H 129 17.03 11.47 34.06
N PRO H 130 17.26 12.78 34.17
CA PRO H 130 16.77 13.70 33.14
C PRO H 130 17.70 13.76 31.92
N ASN H 131 17.21 13.22 30.81
CA ASN H 131 17.95 13.21 29.58
C ASN H 131 17.29 14.08 28.52
N PHE H 132 18.13 14.65 27.64
CA PHE H 132 17.71 15.58 26.60
C PHE H 132 18.32 15.19 25.25
N ASP H 133 17.60 15.41 24.16
CA ASP H 133 18.23 15.33 22.85
C ASP H 133 18.68 16.76 22.48
N ALA H 134 19.32 16.94 21.34
CA ALA H 134 19.66 18.29 20.86
C ALA H 134 19.88 18.25 19.33
N ARG H 135 19.31 19.22 18.63
CA ARG H 135 19.49 19.32 17.20
C ARG H 135 19.89 20.75 16.89
N ALA H 136 20.74 20.92 15.86
CA ALA H 136 21.14 22.23 15.38
C ALA H 136 20.32 22.53 14.13
N VAL H 137 19.77 23.73 14.02
CA VAL H 137 19.01 24.08 12.83
C VAL H 137 19.55 25.41 12.31
N LEU H 138 19.76 25.49 11.00
CA LEU H 138 20.27 26.71 10.37
C LEU H 138 19.15 27.56 9.80
N TYR H 139 19.19 28.86 10.07
CA TYR H 139 18.22 29.79 9.50
C TYR H 139 19.01 30.93 8.86
N PRO H 140 18.83 31.13 7.56
CA PRO H 140 19.69 32.07 6.80
C PRO H 140 19.26 33.53 6.89
N ASP H 141 18.09 33.79 7.44
CA ASP H 141 17.55 35.16 7.50
C ASP H 141 16.85 35.37 8.85
N PHE H 142 17.01 36.56 9.43
CA PHE H 142 16.48 36.83 10.74
C PHE H 142 14.95 36.73 10.76
N LYS H 143 14.30 36.96 9.61
CA LYS H 143 12.85 36.82 9.58
C LYS H 143 12.42 35.37 9.93
N HIS H 144 13.29 34.40 9.63
CA HIS H 144 12.99 33.01 9.96
C HIS H 144 13.22 32.75 11.45
N ILE H 145 14.11 33.53 12.04
CA ILE H 145 14.38 33.47 13.46
C ILE H 145 13.18 33.96 14.24
N ARG H 146 12.60 35.08 13.81
CA ARG H 146 11.36 35.57 14.43
C ARG H 146 10.29 34.50 14.38
N ASN H 147 10.10 33.94 13.18
CA ASN H 147 9.08 32.94 12.96
C ASN H 147 9.34 31.67 13.74
N TYR H 148 10.61 31.35 13.99
CA TYR H 148 10.92 30.18 14.78
C TYR H 148 10.42 30.38 16.22
N PHE H 149 10.77 31.51 16.82
CA PHE H 149 10.38 31.72 18.20
C PHE H 149 8.90 31.90 18.30
N SER H 150 8.30 32.54 17.30
CA SER H 150 6.85 32.60 17.23
C SER H 150 6.28 31.18 17.20
N TRP H 151 6.88 30.31 16.39
CA TRP H 151 6.43 28.91 16.30
C TRP H 151 6.42 28.23 17.67
N ARG H 152 7.48 28.44 18.45
CA ARG H 152 7.61 27.81 19.76
C ARG H 152 6.67 28.45 20.77
N GLN H 153 6.45 29.76 20.66
CA GLN H 153 5.58 30.44 21.63
C GLN H 153 4.13 30.10 21.35
N VAL H 154 3.76 29.97 20.07
CA VAL H 154 2.39 29.54 19.73
C VAL H 154 2.20 28.15 20.30
N ASP H 155 3.23 27.34 20.17
CA ASP H 155 3.19 25.98 20.70
C ASP H 155 3.02 25.98 22.23
N CYS H 156 3.60 26.97 22.90
CA CYS H 156 3.50 27.08 24.35
C CYS H 156 2.06 27.42 24.71
N HIS H 157 1.45 28.33 23.95
CA HIS H 157 0.03 28.65 24.11
C HIS H 157 -0.87 27.43 23.90
N ILE H 158 -0.68 26.75 22.78
CA ILE H 158 -1.55 25.63 22.43
C ILE H 158 -1.50 24.55 23.50
N ASN H 159 -0.29 24.17 23.88
CA ASN H 159 -0.09 23.06 24.79
C ASN H 159 -0.49 23.40 26.24
N ASN H 160 -0.24 24.65 26.67
CA ASN H 160 -0.61 25.07 28.03
C ASN H 160 -2.11 25.19 28.16
N LEU H 161 -2.76 25.70 27.12
CA LEU H 161 -4.22 25.81 27.09
C LEU H 161 -4.88 24.43 27.16
N TYR H 162 -4.36 23.49 26.36
CA TYR H 162 -4.88 22.14 26.33
C TYR H 162 -4.67 21.46 27.70
N ASN H 163 -3.45 21.54 28.21
CA ASN H 163 -3.12 20.88 29.47
C ASN H 163 -3.84 21.51 30.67
N THR H 164 -4.03 22.83 30.65
CA THR H 164 -4.75 23.52 31.75
C THR H 164 -6.20 23.10 31.77
N THR H 165 -6.78 22.98 30.58
CA THR H 165 -8.14 22.49 30.40
C THR H 165 -8.25 21.03 30.81
N PHE H 166 -7.32 20.22 30.29
CA PHE H 166 -7.30 18.78 30.55
C PHE H 166 -7.26 18.47 32.05
N TRP H 167 -6.30 19.06 32.77
CA TRP H 167 -6.04 18.71 34.17
C TRP H 167 -7.08 19.31 35.11
N ASN H 168 -7.73 20.39 34.69
CA ASN H 168 -8.85 20.91 35.45
C ASN H 168 -10.07 20.02 35.33
N LEU H 169 -10.31 19.43 34.16
CA LEU H 169 -11.34 18.42 34.03
C LEU H 169 -11.07 17.18 34.88
N VAL H 170 -9.80 16.75 34.93
CA VAL H 170 -9.47 15.54 35.67
C VAL H 170 -9.47 15.73 37.20
N LEU H 171 -8.80 16.78 37.66
CA LEU H 171 -8.57 16.98 39.09
C LEU H 171 -9.72 17.70 39.77
N LYS H 172 -10.25 18.72 39.13
CA LYS H 172 -11.40 19.45 39.68
C LYS H 172 -12.72 18.73 39.36
N LEU H 173 -12.94 18.33 38.10
CA LEU H 173 -14.21 17.68 37.74
C LEU H 173 -14.20 16.15 37.91
N LYS H 174 -13.09 15.63 38.44
CA LYS H 174 -12.93 14.20 38.76
C LYS H 174 -13.18 13.26 37.57
N MET H 175 -12.94 13.76 36.36
CA MET H 175 -12.95 12.92 35.16
C MET H 175 -11.71 12.07 35.07
N THR H 176 -11.83 10.89 34.47
CA THR H 176 -10.66 10.09 34.17
C THR H 176 -9.87 10.72 33.04
N PRO H 177 -8.56 10.43 32.96
CA PRO H 177 -7.73 10.88 31.85
C PRO H 177 -8.37 10.56 30.48
N GLN H 178 -8.91 9.36 30.34
CA GLN H 178 -9.49 8.94 29.08
C GLN H 178 -10.69 9.78 28.66
N GLN H 179 -11.59 10.08 29.60
CA GLN H 179 -12.78 10.83 29.26
C GLN H 179 -12.49 12.33 29.09
N ALA H 180 -11.50 12.84 29.82
CA ALA H 180 -11.06 14.23 29.64
C ALA H 180 -10.55 14.38 28.23
N GLU H 181 -9.88 13.35 27.75
CA GLU H 181 -9.29 13.32 26.41
C GLU H 181 -10.37 13.40 25.32
N GLN H 182 -11.38 12.55 25.45
CA GLN H 182 -12.52 12.50 24.53
C GLN H 182 -13.36 13.78 24.55
N ARG H 183 -13.50 14.37 25.73
CA ARG H 183 -14.25 15.61 25.88
C ARG H 183 -13.60 16.76 25.12
N LEU H 184 -12.27 16.72 24.99
CA LEU H 184 -11.53 17.81 24.35
C LEU H 184 -11.36 17.59 22.85
N MET H 185 -11.66 16.38 22.37
CA MET H 185 -11.57 16.07 20.94
C MET H 185 -12.43 17.05 20.14
N GLY H 186 -11.85 17.69 19.13
CA GLY H 186 -12.64 18.60 18.31
C GLY H 186 -12.57 20.06 18.74
N THR H 187 -12.51 20.29 20.05
CA THR H 187 -12.52 21.65 20.58
C THR H 187 -11.43 22.56 19.99
N VAL H 188 -11.81 23.81 19.77
CA VAL H 188 -10.88 24.86 19.37
C VAL H 188 -10.58 25.73 20.59
N ALA H 189 -9.70 26.72 20.43
CA ALA H 189 -9.24 27.54 21.56
C ALA H 189 -10.41 28.18 22.31
N SER H 190 -11.40 28.65 21.57
CA SER H 190 -12.57 29.28 22.19
C SER H 190 -13.40 28.33 23.08
N ASP H 191 -13.51 27.07 22.66
CA ASP H 191 -14.19 26.04 23.43
C ASP H 191 -13.49 25.73 24.75
N LYS H 192 -12.17 25.57 24.68
CA LYS H 192 -11.38 25.26 25.86
C LYS H 192 -11.50 26.39 26.88
N ASN H 193 -11.52 27.61 26.37
CA ASN H 193 -11.71 28.80 27.19
C ASN H 193 -13.04 28.77 27.94
N GLU H 194 -14.10 28.40 27.22
CA GLU H 194 -15.44 28.35 27.79
C GLU H 194 -15.57 27.25 28.85
N ILE H 195 -15.02 26.08 28.52
CA ILE H 195 -15.00 24.96 29.45
C ILE H 195 -14.29 25.36 30.74
N LEU H 196 -13.19 26.10 30.62
CA LEU H 196 -12.45 26.58 31.78
C LEU H 196 -13.35 27.50 32.64
N PHE H 197 -14.11 28.38 32.00
CA PHE H 197 -14.99 29.29 32.74
C PHE H 197 -16.18 28.57 33.35
N LYS H 198 -17.02 28.03 32.48
CA LYS H 198 -18.34 27.53 32.87
C LYS H 198 -18.33 26.26 33.71
N GLU H 199 -17.41 25.35 33.41
CA GLU H 199 -17.39 24.07 34.10
C GLU H 199 -16.35 24.03 35.20
N CYS H 200 -15.31 24.84 35.07
CA CYS H 200 -14.23 24.78 36.05
C CYS H 200 -14.09 26.03 36.92
N GLY H 201 -14.70 27.13 36.50
CA GLY H 201 -14.56 28.38 37.24
C GLY H 201 -13.14 28.93 37.19
N VAL H 202 -12.47 28.72 36.07
CA VAL H 202 -11.10 29.16 35.88
C VAL H 202 -10.94 30.20 34.76
N ASN H 203 -10.32 31.33 35.09
CA ASN H 203 -9.93 32.33 34.10
C ASN H 203 -8.53 31.99 33.56
N TYR H 204 -8.46 31.60 32.29
CA TYR H 204 -7.18 31.18 31.73
C TYR H 204 -6.14 32.32 31.74
N ASN H 205 -6.59 33.55 31.47
CA ASN H 205 -5.69 34.70 31.46
C ASN H 205 -5.02 35.00 32.79
N ASN H 206 -5.57 34.49 33.89
CA ASN H 206 -4.98 34.73 35.21
C ASN H 206 -3.89 33.71 35.54
N GLU H 207 -3.69 32.73 34.66
CA GLU H 207 -2.58 31.81 34.82
C GLU H 207 -1.29 32.59 34.76
N SER H 208 -0.27 32.08 35.44
CA SER H 208 1.04 32.70 35.45
C SER H 208 1.49 33.04 34.03
N GLU H 209 2.12 34.19 33.88
CA GLU H 209 2.64 34.60 32.58
C GLU H 209 3.66 33.58 32.10
N MET H 210 4.43 33.03 33.02
CA MET H 210 5.40 31.99 32.69
C MET H 210 4.74 30.76 32.09
N TYR H 211 3.61 30.34 32.66
CA TYR H 211 2.91 29.17 32.13
C TYR H 211 2.35 29.48 30.76
N LYS H 212 1.81 30.70 30.62
CA LYS H 212 1.12 31.08 29.39
C LYS H 212 2.06 31.43 28.25
N LYS H 213 3.17 32.08 28.57
CA LYS H 213 4.04 32.67 27.53
C LYS H 213 5.36 31.92 27.38
N GLY H 214 5.74 31.19 28.43
CA GLY H 214 7.04 30.54 28.48
C GLY H 214 8.09 31.46 29.06
N THR H 215 9.36 31.14 28.83
CA THR H 215 10.43 31.90 29.43
C THR H 215 11.43 32.35 28.38
N ILE H 216 11.67 33.65 28.35
CA ILE H 216 12.66 34.22 27.47
C ILE H 216 13.86 34.72 28.26
N ILE H 217 15.04 34.22 27.91
CA ILE H 217 16.27 34.74 28.48
C ILE H 217 17.05 35.49 27.40
N VAL H 218 17.33 36.76 27.64
CA VAL H 218 18.01 37.58 26.65
C VAL H 218 19.31 38.13 27.19
N ARG H 219 20.33 38.13 26.33
CA ARG H 219 21.58 38.78 26.65
C ARG H 219 21.38 40.26 26.39
N GLU H 220 21.56 41.08 27.43
CA GLU H 220 21.32 42.52 27.30
C GLU H 220 22.59 43.34 27.25
N PHE H 221 22.66 44.23 26.27
CA PHE H 221 23.77 45.17 26.14
C PHE H 221 23.28 46.61 26.34
N GLU H 222 24.10 47.43 27.00
CA GLU H 222 23.72 48.81 27.26
C GLU H 222 24.30 49.75 26.20
N ASN H 223 25.61 49.73 26.06
CA ASN H 223 26.27 50.60 25.12
C ASN H 223 26.69 49.83 23.87
N TYR H 224 25.71 49.20 23.23
CA TYR H 224 25.96 48.35 22.08
C TYR H 224 25.99 49.07 20.74
N GLU H 225 27.01 48.80 19.94
CA GLU H 225 27.01 49.20 18.54
C GLU H 225 27.46 48.07 17.61
N THR H 226 26.88 48.03 16.41
CA THR H 226 27.10 46.95 15.46
C THR H 226 28.51 47.00 14.85
N SER H 233 39.48 41.29 13.81
CA SER H 233 40.21 40.03 13.97
C SER H 233 41.21 40.10 15.13
N LYS H 234 41.93 39.00 15.34
CA LYS H 234 43.00 38.91 16.35
C LYS H 234 42.43 39.04 17.76
N ARG H 235 43.00 39.99 18.52
CA ARG H 235 42.64 40.17 19.91
C ARG H 235 41.26 40.86 20.07
N GLN H 236 40.81 41.55 19.03
CA GLN H 236 39.47 42.13 19.04
C GLN H 236 38.47 41.00 19.25
N VAL H 237 38.71 39.87 18.59
CA VAL H 237 37.85 38.70 18.72
C VAL H 237 37.87 38.22 20.17
N GLN H 238 39.05 38.27 20.77
CA GLN H 238 39.24 37.85 22.15
C GLN H 238 38.57 38.82 23.13
N ARG H 239 38.66 40.11 22.84
CA ARG H 239 38.01 41.16 23.65
C ARG H 239 36.50 41.28 23.49
N LEU H 240 36.00 41.19 22.26
CA LEU H 240 34.56 41.29 22.02
C LEU H 240 33.81 40.13 22.66
N GLU H 241 34.43 38.95 22.68
CA GLU H 241 33.83 37.79 23.31
C GLU H 241 33.82 37.99 24.83
N LYS H 242 34.90 38.57 25.37
CA LYS H 242 35.02 38.77 26.81
C LYS H 242 33.97 39.81 27.29
N LYS H 243 33.82 40.88 26.51
CA LYS H 243 32.77 41.88 26.74
C LYS H 243 31.40 41.23 26.64
N ARG H 244 31.25 40.35 25.65
CA ARG H 244 30.01 39.62 25.40
C ARG H 244 29.69 38.63 26.53
N LYS H 245 30.72 37.96 27.04
CA LYS H 245 30.58 37.01 28.15
C LYS H 245 29.96 37.67 29.37
N LYS H 246 30.43 38.86 29.70
CA LYS H 246 29.95 39.53 30.90
C LYS H 246 28.97 40.67 30.60
N ALA H 247 27.93 40.30 29.86
CA ALA H 247 26.80 41.16 29.61
C ALA H 247 25.71 40.56 30.47
N GLU H 248 24.60 41.25 30.65
CA GLU H 248 23.68 40.77 31.65
C GLU H 248 22.49 40.06 31.01
N LEU H 249 22.09 38.97 31.66
CA LEU H 249 20.98 38.14 31.22
C LEU H 249 19.72 38.54 31.96
N LYS H 250 18.69 38.94 31.22
CA LYS H 250 17.41 39.29 31.82
C LYS H 250 16.34 38.31 31.40
N ILE H 251 15.43 37.97 32.32
CA ILE H 251 14.39 36.97 32.07
C ILE H 251 13.04 37.66 31.86
N TYR H 252 12.30 37.23 30.84
CA TYR H 252 11.00 37.82 30.53
C TYR H 252 9.96 36.72 30.34
N HIS H 253 8.70 37.05 30.60
CA HIS H 253 7.59 36.14 30.31
C HIS H 253 6.54 36.90 29.52
N VAL H 254 6.91 37.27 28.29
CA VAL H 254 6.10 38.17 27.48
C VAL H 254 5.86 37.61 26.08
N ASP H 255 4.88 38.17 25.39
CA ASP H 255 4.66 37.88 23.98
C ASP H 255 5.85 38.40 23.16
N ILE H 256 6.39 37.55 22.28
CA ILE H 256 7.42 37.97 21.35
C ILE H 256 6.99 37.79 19.90
N ILE H 257 5.77 37.30 19.72
CA ILE H 257 5.20 37.10 18.39
C ILE H 257 4.88 38.42 17.70
N ASN H 258 4.14 39.27 18.39
CA ASN H 258 3.60 40.49 17.78
C ASN H 258 4.25 41.78 18.27
N ASP H 259 5.11 41.70 19.27
CA ASP H 259 5.74 42.92 19.78
C ASP H 259 7.01 43.17 18.98
N ASP H 260 6.85 43.83 17.84
CA ASP H 260 7.97 44.12 16.96
C ASP H 260 9.02 44.96 17.67
N SER H 261 8.56 45.83 18.56
CA SER H 261 9.45 46.74 19.28
C SER H 261 10.41 46.01 20.21
N TRP H 262 9.96 44.87 20.73
CA TRP H 262 10.81 44.05 21.57
C TRP H 262 12.05 43.63 20.80
N TRP H 263 11.83 43.21 19.55
CA TRP H 263 12.90 42.79 18.65
C TRP H 263 13.63 44.02 18.10
N LYS H 264 12.86 45.04 17.74
CA LYS H 264 13.38 46.26 17.12
C LYS H 264 14.44 46.94 17.97
N SER H 265 14.20 46.94 19.28
CA SER H 265 15.07 47.58 20.26
C SER H 265 16.21 46.67 20.71
N ARG H 266 16.36 45.52 20.05
CA ARG H 266 17.45 44.61 20.39
C ARG H 266 18.26 44.16 19.16
N PRO H 267 18.94 45.12 18.51
CA PRO H 267 19.64 44.84 17.25
C PRO H 267 20.80 43.85 17.37
N TRP H 268 21.32 43.65 18.58
CA TRP H 268 22.46 42.76 18.76
C TRP H 268 22.09 41.28 18.56
N LEU H 269 20.79 41.00 18.56
CA LEU H 269 20.27 39.66 18.30
C LEU H 269 20.46 39.25 16.81
N LYS H 270 20.41 40.24 15.91
CA LYS H 270 20.56 40.00 14.46
C LYS H 270 22.01 39.80 14.04
N ASP H 271 22.95 40.07 14.94
CA ASP H 271 24.38 40.10 14.58
C ASP H 271 25.12 38.87 15.13
PG ATP I . -33.10 -29.45 -25.44
O1G ATP I . -33.88 -29.77 -24.20
O2G ATP I . -31.63 -29.83 -25.38
O3G ATP I . -33.40 -28.06 -25.96
PB ATP I . -33.02 -31.35 -27.61
O1B ATP I . -34.00 -31.55 -28.73
O2B ATP I . -31.65 -30.84 -27.95
O3B ATP I . -33.78 -30.43 -26.53
PA ATP I . -31.64 -33.54 -26.24
O1A ATP I . -31.94 -34.40 -25.06
O2A ATP I . -30.43 -32.63 -26.15
O3A ATP I . -32.96 -32.73 -26.73
O5' ATP I . -31.50 -34.50 -27.51
C5' ATP I . -30.70 -34.21 -28.66
C4' ATP I . -31.29 -34.93 -29.89
O4' ATP I . -30.73 -34.46 -31.13
C3' ATP I . -31.06 -36.43 -29.88
O3' ATP I . -32.14 -37.12 -29.22
C2' ATP I . -31.13 -36.77 -31.34
O2' ATP I . -32.54 -36.79 -31.63
C1' ATP I . -30.61 -35.55 -32.06
N9 ATP I . -29.17 -35.68 -32.41
C8 ATP I . -28.22 -34.92 -31.87
N7 ATP I . -27.02 -35.22 -32.40
C5 ATP I . -27.20 -36.17 -33.32
C6 ATP I . -26.34 -36.92 -34.25
N6 ATP I . -25.01 -36.68 -34.29
N1 ATP I . -26.92 -37.82 -35.06
C2 ATP I . -28.24 -38.03 -35.04
N3 ATP I . -29.08 -37.38 -34.23
C4 ATP I . -28.62 -36.46 -33.34
PG ATP J . -32.49 -28.15 -18.27
O1G ATP J . -31.63 -27.77 -17.10
O2G ATP J . -31.71 -28.28 -19.57
O3G ATP J . -33.82 -27.44 -18.38
PB ATP J . -32.80 -31.02 -18.68
O1B ATP J . -33.79 -32.04 -18.15
O2B ATP J . -32.72 -30.81 -20.17
O3B ATP J . -33.03 -29.64 -17.86
PA ATP J . -29.86 -31.34 -18.63
O1A ATP J . -28.96 -31.00 -17.44
O2A ATP J . -29.78 -30.47 -19.87
O3A ATP J . -31.37 -31.47 -18.03
O5' ATP J . -29.52 -32.85 -19.08
C5' ATP J . -28.37 -33.47 -18.52
C4' ATP J . -28.69 -34.92 -18.15
O4' ATP J . -29.27 -34.96 -16.84
C3' ATP J . -29.70 -35.54 -19.09
O3' ATP J . -29.26 -36.87 -19.39
C2' ATP J . -30.97 -35.67 -18.28
O2' ATP J . -31.61 -36.87 -18.71
C1' ATP J . -30.45 -35.75 -16.86
N9 ATP J . -31.37 -35.17 -15.84
C8 ATP J . -32.19 -34.13 -16.03
N7 ATP J . -32.88 -33.84 -14.90
C5 ATP J . -32.50 -34.71 -13.95
C6 ATP J . -32.83 -34.96 -12.53
N6 ATP J . -33.75 -34.18 -11.91
N1 ATP J . -32.19 -35.96 -11.90
C2 ATP J . -31.28 -36.74 -12.52
N3 ATP J . -30.93 -36.57 -13.82
C4 ATP J . -31.49 -35.59 -14.57
MG MG K . -28.68 -33.49 -25.28
MG MG L . -30.22 -30.48 -26.51
MG MG M . -31.19 -29.44 -21.00
PG ATP N . -14.11 -7.13 -24.44
O1G ATP N . -13.67 -6.84 -23.03
O2G ATP N . -15.48 -6.62 -24.81
O3G ATP N . -13.81 -8.52 -24.91
PB ATP N . -13.31 -5.56 -26.75
O1B ATP N . -14.57 -6.00 -27.40
O2B ATP N . -11.99 -5.70 -27.48
O3B ATP N . -13.09 -6.20 -25.28
PA ATP N . -14.73 -3.16 -26.14
O1A ATP N . -14.46 -2.22 -25.01
O2A ATP N . -15.98 -4.05 -26.15
O3A ATP N . -13.41 -4.01 -26.33
O5' ATP N . -14.76 -2.30 -27.47
C5' ATP N . -14.99 -2.93 -28.74
C4' ATP N . -14.11 -2.20 -29.77
O4' ATP N . -14.27 -2.80 -31.04
C3' ATP N . -14.42 -0.73 -29.98
O3' ATP N . -13.75 0.09 -29.02
C2' ATP N . -13.92 -0.49 -31.38
O2' ATP N . -12.51 -0.24 -31.38
C1' ATP N . -14.13 -1.82 -32.07
N9 ATP N . -15.38 -1.81 -32.80
C8 ATP N . -16.50 -2.46 -32.47
N7 ATP N . -17.48 -2.22 -33.36
C5 ATP N . -16.99 -1.40 -34.30
C6 ATP N . -17.49 -0.76 -35.53
N6 ATP N . -18.75 -0.95 -35.98
N1 ATP N . -16.62 0.02 -36.22
C2 ATP N . -15.37 0.22 -35.80
N3 ATP N . -14.85 -0.32 -34.70
C4 ATP N . -15.60 -1.14 -33.93
PG ATP O . -16.84 -6.62 -17.65
O1G ATP O . -18.00 -6.75 -16.70
O2G ATP O . -17.18 -6.87 -19.09
O3G ATP O . -15.59 -7.33 -17.18
PB ATP O . -15.95 -4.04 -18.56
O1B ATP O . -14.79 -3.35 -17.92
O2B ATP O . -15.72 -4.71 -19.91
O3B ATP O . -16.52 -5.06 -17.47
PA ATP O . -18.69 -3.52 -19.23
O1A ATP O . -19.68 -3.71 -18.10
O2A ATP O . -18.50 -4.65 -20.24
O3A ATP O . -17.25 -3.06 -18.63
O5' ATP O . -19.13 -2.22 -20.07
C5' ATP O . -20.27 -1.43 -19.70
C4' ATP O . -19.87 0.01 -19.40
O4' ATP O . -19.88 0.20 -17.98
C3' ATP O . -18.49 0.41 -19.90
O3' ATP O . -18.59 1.53 -20.80
C2' ATP O . -17.69 0.79 -18.67
O2' ATP O . -16.97 2.02 -18.87
C1' ATP O . -18.74 0.93 -17.56
N9 ATP O . -18.24 0.40 -16.26
C8 ATP O . -17.55 -0.73 -16.08
N7 ATP O . -17.25 -0.93 -14.76
C5 ATP O . -17.78 0.11 -14.08
C6 ATP O . -17.84 0.54 -12.66
N6 ATP O . -17.26 -0.19 -11.69
N1 ATP O . -18.49 1.70 -12.37
C2 ATP O . -19.07 2.45 -13.33
N3 ATP O . -19.05 2.12 -14.64
C4 ATP O . -18.43 0.99 -15.08
MG MG P . -17.92 -2.91 -26.03
MG MG Q . -16.43 -6.09 -26.56
MG MG R . -17.08 -5.75 -20.95
PG ATP S . -17.58 -4.87 15.02
O1G ATP S . -18.99 -4.36 15.19
O2G ATP S . -17.30 -6.29 15.42
O3G ATP S . -17.02 -4.52 13.65
PB ATP S . -16.11 -4.39 17.50
O1B ATP S . -16.80 -5.62 18.07
O2B ATP S . -16.09 -3.16 18.34
O3B ATP S . -16.72 -3.97 16.07
PA ATP S . -13.72 -6.01 17.09
O1A ATP S . -14.72 -7.16 16.95
O2A ATP S . -12.55 -5.92 16.16
O3A ATP S . -14.59 -4.66 17.05
O5' ATP S . -13.08 -5.89 18.58
C5' ATP S . -13.71 -6.31 19.79
C4' ATP S . -13.26 -5.41 20.95
O4' ATP S . -14.01 -5.66 22.15
C3' ATP S . -11.79 -5.56 21.32
O3' ATP S . -10.98 -4.60 20.62
C2' ATP S . -11.74 -5.29 22.82
O2' ATP S . -11.47 -3.91 23.06
C1' ATP S . -13.15 -5.57 23.31
N9 ATP S . -13.12 -6.85 24.02
C8 ATP S . -13.64 -8.00 23.56
N7 ATP S . -13.41 -9.01 24.42
C5 ATP S . -12.76 -8.50 25.47
C6 ATP S . -12.24 -9.05 26.75
N6 ATP S . -12.39 -10.36 27.05
N1 ATP S . -11.58 -8.18 27.56
C2 ATP S . -11.42 -6.88 27.25
N3 ATP S . -11.88 -6.32 26.11
C4 ATP S . -12.55 -7.08 25.20
PG ATP T . -17.44 -7.18 8.01
O1G ATP T . -17.55 -7.82 9.38
O2G ATP T . -17.51 -8.16 6.86
O3G ATP T . -18.34 -5.99 7.84
PB ATP T . -14.69 -6.77 8.87
O1B ATP T . -15.09 -6.39 10.28
O2B ATP T . -13.52 -6.04 8.26
O3B ATP T . -15.95 -6.56 7.88
PA ATP T . -14.53 -9.50 9.76
O1A ATP T . -15.64 -9.11 10.70
O2A ATP T . -14.68 -10.76 8.92
O3A ATP T . -14.32 -8.32 8.69
O5' ATP T . -13.15 -9.64 10.55
C5' ATP T . -12.37 -10.82 10.40
C4' ATP T . -10.88 -10.53 10.17
O4' ATP T . -10.65 -10.30 8.78
C3' ATP T . -10.35 -9.30 10.89
O3' ATP T . -9.03 -9.64 11.28
C2' ATP T . -10.25 -8.25 9.82
O2' ATP T . -9.23 -7.31 10.17
C1' ATP T . -9.89 -9.09 8.60
N9 ATP T . -10.25 -8.52 7.30
C8 ATP T . -11.29 -7.69 7.04
N7 ATP T . -11.34 -7.36 5.73
C5 ATP T . -10.32 -8.00 5.11
C6 ATP T . -9.80 -8.08 3.72
N6 ATP T . -10.41 -7.41 2.71
N1 ATP T . -8.71 -8.85 3.51
C2 ATP T . -8.10 -9.52 4.52
N3 ATP T . -8.52 -9.49 5.80
C4 ATP T . -9.60 -8.75 6.15
MG MG U . -14.08 -9.10 16.83
MG MG V . -16.77 -7.45 17.14
MG MG W . -16.79 -7.66 11.23
PG ATP X . -40.41 -23.84 14.05
O1G ATP X . -40.87 -22.40 14.10
O2G ATP X . -40.54 -24.53 12.70
O3G ATP X . -39.06 -24.10 14.65
PB ATP X . -42.43 -23.91 16.15
O1B ATP X . -42.78 -24.93 17.18
O2B ATP X . -41.88 -22.60 16.65
O3B ATP X . -41.54 -24.59 14.98
PA ATP X . -44.53 -22.41 14.77
O1A ATP X . -43.57 -21.23 14.73
O2A ATP X . -45.32 -22.83 13.57
O3A ATP X . -43.77 -23.73 15.28
O5' ATP X . -45.63 -22.13 15.91
C5' ATP X . -45.27 -21.55 17.17
C4' ATP X . -46.05 -22.28 18.24
O4' ATP X . -45.70 -21.76 19.52
C3' ATP X . -47.56 -22.14 18.11
O3' ATP X . -48.14 -23.24 17.42
C2' ATP X . -48.01 -22.20 19.54
O2' ATP X . -48.11 -23.60 19.87
C1' ATP X . -46.85 -21.68 20.35
N9 ATP X . -47.01 -20.27 20.72
C8 ATP X . -46.25 -19.27 20.25
N7 ATP X . -46.61 -18.08 20.81
C5 ATP X . -47.62 -18.34 21.67
C6 ATP X . -48.48 -17.56 22.57
N6 ATP X . -48.33 -16.22 22.69
N1 ATP X . -49.43 -18.22 23.29
C2 ATP X . -49.60 -19.55 23.19
N3 ATP X . -48.86 -20.32 22.38
C4 ATP X . -47.88 -19.79 21.60
PG ATP Y . -38.70 -22.93 6.97
O1G ATP Y . -38.87 -22.10 8.22
O2G ATP Y . -38.40 -22.16 5.71
O3G ATP Y . -37.81 -24.13 7.21
PB ATP Y . -41.57 -23.17 7.21
O1B ATP Y . -41.56 -23.01 8.70
O2B ATP Y . -42.59 -24.08 6.55
O3B ATP Y . -40.13 -23.62 6.63
PA ATP Y . -41.97 -20.32 7.21
O1A ATP Y . -41.22 -20.32 8.52
O2A ATP Y . -41.60 -19.29 6.17
O3A ATP Y . -41.81 -21.76 6.47
O5' ATP Y . -43.53 -20.11 7.53
C5' ATP Y . -44.20 -18.99 6.98
C4' ATP Y . -45.57 -19.43 6.44
O4' ATP Y . -45.45 -20.01 5.14
C3' ATP Y . -46.25 -20.45 7.32
O3' ATP Y . -47.60 -20.01 7.48
C2' ATP Y . -46.30 -21.72 6.50
O2' ATP Y . -47.50 -22.41 6.80
C1' ATP Y . -46.25 -21.19 5.07
N9 ATP Y . -45.57 -22.07 4.10
C8 ATP Y . -44.51 -22.85 4.33
N7 ATP Y . -44.12 -23.49 3.20
C5 ATP Y . -44.94 -23.10 2.20
C6 ATP Y . -45.10 -23.40 0.76
N6 ATP Y . -44.27 -24.25 0.11
N1 ATP Y . -46.10 -22.77 0.09
C2 ATP Y . -46.94 -21.91 0.70
N3 ATP Y . -46.85 -21.61 2.01
C4 ATP Y . -45.90 -22.17 2.80
MG MG Z . -44.71 -19.24 13.80
MG MG AA . -41.55 -21.02 15.17
MG MG BA . -40.31 -21.82 9.63
PG ATP CA . 12.90 11.11 -16.01
O1G ATP CA . 12.18 11.09 -14.67
O2G ATP CA . 13.96 10.04 -16.10
O3G ATP CA . 13.32 12.50 -16.38
PB ATP CA . 11.86 9.71 -18.34
O1B ATP CA . 10.92 10.23 -19.38
O2B ATP CA . 13.30 9.49 -18.76
O3B ATP CA . 11.76 10.75 -17.11
PA ATP CA . 11.96 6.94 -17.48
O1A ATP CA . 11.19 6.02 -16.60
O2A ATP CA . 13.45 7.20 -17.22
O3A ATP CA . 11.26 8.39 -17.59
O5' ATP CA . 11.69 6.27 -18.92
C5' ATP CA . 12.50 6.33 -20.08
C4' ATP CA . 11.54 6.28 -21.27
O4' ATP CA . 12.18 6.73 -22.47
C3' ATP CA . 11.06 4.88 -21.61
O3' ATP CA . 9.91 4.50 -20.87
C2' ATP CA . 10.79 4.91 -23.09
O2' ATP CA . 9.52 5.49 -23.38
C1' ATP CA . 11.79 5.91 -23.59
N9 ATP CA . 12.92 5.12 -24.10
C8 ATP CA . 14.14 5.05 -23.55
N7 ATP CA . 14.94 4.24 -24.26
C5 ATP CA . 14.25 3.77 -25.30
C6 ATP CA . 14.52 2.86 -26.45
N6 ATP CA . 15.73 2.29 -26.61
N1 ATP CA . 13.49 2.62 -27.33
C2 ATP CA . 12.29 3.19 -27.17
N3 ATP CA . 11.99 4.03 -26.17
C4 ATP CA . 12.90 4.36 -25.21
PG ATP DA . 14.23 10.54 -8.73
O1G ATP DA . 15.06 10.25 -7.50
O2G ATP DA . 14.90 10.30 -10.06
O3G ATP DA . 13.60 11.90 -8.64
PB ATP DA . 12.54 8.28 -9.51
O1B ATP DA . 11.25 7.75 -8.97
O2B ATP DA . 12.61 8.65 -10.97
O3B ATP DA . 13.04 9.46 -8.53
PA ATP DA . 14.90 6.65 -9.93
O1A ATP DA . 15.93 6.23 -8.88
O2A ATP DA . 15.31 7.68 -10.98
O3A ATP DA . 13.61 7.14 -9.11
O5' ATP DA . 14.40 5.30 -10.64
C5' ATP DA . 14.96 4.06 -10.24
C4' ATP DA . 13.86 3.03 -10.07
O4' ATP DA . 13.40 3.02 -8.72
C3' ATP DA . 12.64 3.30 -10.95
O3' ATP DA . 12.39 2.11 -11.68
C2' ATP DA . 11.49 3.53 -9.99
O2' ATP DA . 10.35 2.81 -10.45
C1' ATP DA . 11.98 2.96 -8.68
N9 ATP DA . 11.65 3.77 -7.50
C8 ATP DA . 11.57 5.11 -7.43
N7 ATP DA . 11.27 5.49 -6.16
C5 ATP DA . 11.17 4.38 -5.39
C6 ATP DA . 10.89 4.06 -3.97
N6 ATP DA . 10.63 5.04 -3.06
N1 ATP DA . 10.89 2.76 -3.59
C2 ATP DA . 11.14 1.77 -4.47
N3 ATP DA . 11.40 1.99 -5.76
C4 ATP DA . 11.43 3.24 -6.29
MG MG EA . 14.89 5.65 -16.81
MG MG FA . 14.89 8.84 -17.71
MG MG GA . 14.53 9.22 -11.83
PG ATP HA . 40.64 21.22 -14.27
O1G ATP HA . 41.26 21.29 -12.88
O2G ATP HA . 39.56 22.26 -14.54
O3G ATP HA . 40.32 19.80 -14.69
PB ATP HA . 41.93 22.76 -16.37
O1B ATP HA . 40.61 23.00 -17.04
O2B ATP HA . 43.06 22.31 -17.27
O3B ATP HA . 41.89 21.62 -15.24
PA ATP HA . 41.60 25.48 -15.37
O1A ATP HA . 42.07 26.18 -14.13
O2A ATP HA . 40.11 25.22 -15.54
O3A ATP HA . 42.39 24.09 -15.55
O5' ATP HA . 42.11 26.35 -16.62
C5' ATP HA . 41.54 26.21 -17.92
C4' ATP HA . 42.66 26.23 -18.94
O4' ATP HA . 42.12 26.03 -20.24
C3' ATP HA . 43.44 27.54 -18.96
O3' ATP HA . 44.69 27.39 -18.27
C2' ATP HA . 43.68 27.82 -20.43
O2' ATP HA . 44.98 27.33 -20.74
C1' ATP HA . 42.69 26.93 -21.19
N9 ATP HA . 41.59 27.72 -21.80
C8 ATP HA . 40.30 27.68 -21.43
N7 ATP HA . 39.55 28.51 -22.21
C5 ATP HA . 40.37 29.09 -23.12
C6 ATP HA . 40.23 30.03 -24.24
N6 ATP HA . 39.04 30.58 -24.58
N1 ATP HA . 41.35 30.37 -24.93
C2 ATP HA . 42.54 29.83 -24.63
N3 ATP HA . 42.75 28.95 -23.63
C4 ATP HA . 41.71 28.54 -22.86
PG ATP IA . 38.48 21.26 -7.18
O1G ATP IA . 37.53 21.48 -6.04
O2G ATP IA . 37.93 21.69 -8.52
O3G ATP IA . 39.06 19.86 -7.19
PB ATP IA . 40.34 23.47 -7.74
O1B ATP IA . 41.64 23.83 -7.08
O2B ATP IA . 40.33 23.08 -9.20
O3B ATP IA . 39.69 22.29 -6.81
PA ATP IA . 38.06 25.19 -8.21
O1A ATP IA . 36.94 25.40 -7.22
O2A ATP IA . 37.81 24.30 -9.43
O3A ATP IA . 39.38 24.70 -7.42
O5' ATP IA . 38.44 26.68 -8.71
C5' ATP IA . 37.88 27.82 -8.09
C4' ATP IA . 38.94 28.92 -7.96
O4' ATP IA . 39.35 29.01 -6.59
C3' ATP IA . 40.19 28.66 -8.77
O3' ATP IA . 40.57 29.88 -9.40
C2' ATP IA . 41.26 28.29 -7.78
O2' ATP IA . 42.52 28.83 -8.17
C1' ATP IA . 40.77 28.92 -6.49
N9 ATP IA . 41.03 28.11 -5.29
C8 ATP IA . 41.23 26.78 -5.23
N7 ATP IA . 41.41 26.40 -3.94
C5 ATP IA . 41.34 27.50 -3.15
C6 ATP IA . 41.44 27.80 -1.71
N6 ATP IA . 41.68 26.82 -0.79
N1 ATP IA . 41.30 29.09 -1.32
C2 ATP IA . 41.07 30.07 -2.20
N3 ATP IA . 40.96 29.87 -3.53
C4 ATP IA . 41.09 28.62 -4.06
MG MG JA . 38.98 27.03 -14.79
MG MG KA . 38.94 23.66 -15.78
MG MG LA . 38.65 22.87 -10.21
PG ATP MA . 39.12 17.36 25.64
O1G ATP MA . 37.89 18.18 25.97
O2G ATP MA . 38.95 15.86 25.71
O3G ATP MA . 39.86 17.84 24.40
PB ATP MA . 40.65 16.61 27.94
O1B ATP MA . 39.50 15.77 28.44
O2B ATP MA . 41.45 17.46 28.89
O3B ATP MA . 40.15 17.69 26.84
PA ATP MA . 41.71 14.11 27.27
O1A ATP MA . 40.38 13.51 26.92
O2A ATP MA . 42.96 13.52 26.66
O3A ATP MA . 41.62 15.68 27.06
O5' ATP MA . 41.88 14.18 28.86
C5' ATP MA . 41.99 13.05 29.72
C4' ATP MA . 42.75 13.54 30.93
O4' ATP MA . 41.93 13.59 32.09
C3' ATP MA . 43.94 12.64 31.24
O3' ATP MA . 45.13 13.11 30.61
C2' ATP MA . 44.03 12.70 32.74
O2' ATP MA . 44.91 13.77 33.12
C1' ATP MA . 42.64 13.08 33.22
N9 ATP MA . 41.96 11.86 33.70
C8 ATP MA . 40.82 11.34 33.19
N7 ATP MA . 40.45 10.23 33.88
C5 ATP MA . 41.34 10.04 34.84
C6 ATP MA . 41.54 9.04 35.93
N6 ATP MA . 40.66 8.02 36.09
N1 ATP MA . 42.61 9.19 36.74
C2 ATP MA . 43.47 10.21 36.58
N3 ATP MA . 43.36 11.15 35.62
C4 ATP MA . 42.33 11.12 34.74
PG ATP NA . 38.17 16.33 18.48
O1G ATP NA . 37.77 15.70 19.80
O2G ATP NA . 37.79 15.47 17.31
O3G ATP NA . 37.77 17.76 18.31
PB ATP NA . 40.68 15.21 19.21
O1B ATP NA . 40.39 15.38 20.68
O2B ATP NA . 42.09 15.34 18.73
O3B ATP NA . 39.78 16.32 18.45
PA ATP NA . 39.41 12.64 19.57
O1A ATP NA . 38.68 13.27 20.74
O2A ATP NA . 38.68 11.74 18.61
O3A ATP NA . 40.10 13.80 18.66
O5' ATP NA . 40.59 11.69 20.12
C5' ATP NA . 40.66 10.37 19.61
C4' ATP NA . 42.12 9.98 19.38
O4' ATP NA . 42.46 10.15 18.00
C3' ATP NA . 43.09 10.81 20.20
O3' ATP NA . 43.85 9.92 21.01
C2' ATP NA . 43.99 11.51 19.20
O2' ATP NA . 45.37 11.35 19.56
C1' ATP NA . 43.74 10.80 17.88
N9 ATP NA . 43.69 11.73 16.73
C8 ATP NA . 43.27 13.01 16.76
N7 ATP NA . 43.32 13.56 15.53
C5 ATP NA . 43.80 12.63 14.69
C6 ATP NA . 44.11 12.55 13.23
N6 ATP NA . 43.92 13.61 12.41
N1 ATP NA . 44.57 11.37 12.75
C2 ATP NA . 44.76 10.31 13.55
N3 ATP NA . 44.51 10.32 14.87
C4 ATP NA . 44.04 11.43 15.48
MG MG OA . 40.22 11.67 26.38
MG MG PA . 38.52 14.10 27.02
MG MG QA . 38.61 14.97 21.68
PG ATP RA . 9.89 12.74 23.95
O1G ATP RA . 10.96 11.73 24.30
O2G ATP RA . 10.26 14.16 24.28
O3G ATP RA . 9.30 12.58 22.56
PB ATP RA . 7.97 13.39 25.98
O1B ATP RA . 7.09 12.50 26.84
O2B ATP RA . 8.99 14.19 26.72
O3B ATP RA . 8.61 12.38 24.90
PA ATP RA . 7.05 15.99 25.12
O1A ATP RA . 8.50 16.42 25.27
O2A ATP RA . 6.23 16.55 23.99
O3A ATP RA . 7.03 14.35 25.08
O5' ATP RA . 6.22 16.29 26.45
C5' ATP RA . 6.80 16.75 27.67
C4' ATP RA . 5.85 16.35 28.79
O4' ATP RA . 6.49 16.29 30.08
C3' ATP RA . 4.68 17.30 28.93
O3' ATP RA . 3.60 16.91 28.09
C2' ATP RA . 4.32 17.17 30.39
O2' ATP RA . 3.54 15.98 30.54
C1' ATP RA . 5.63 16.86 31.07
N9 ATP RA . 6.24 18.09 31.65
C8 ATP RA . 7.42 18.66 31.32
N7 ATP RA . 7.68 19.75 32.09
C5 ATP RA . 6.63 19.88 32.96
C6 ATP RA . 6.24 20.80 34.05
N6 ATP RA . 7.00 21.88 34.42
N1 ATP RA . 5.05 20.55 34.67
C2 ATP RA . 4.26 19.53 34.35
N3 ATP RA . 4.56 18.66 33.39
C4 ATP RA . 5.70 18.78 32.66
PG ATP SA . 11.63 13.97 16.86
O1G ATP SA . 12.04 14.43 18.24
O2G ATP SA . 12.29 14.81 15.75
O3G ATP SA . 11.69 12.49 16.69
PB ATP SA . 9.06 15.16 17.51
O1B ATP SA . 9.32 14.86 18.97
O2B ATP SA . 7.72 14.86 16.88
O3B ATP SA . 10.07 14.27 16.59
PA ATP SA . 10.38 17.75 17.93
O1A ATP SA . 11.08 17.08 19.11
O2A ATP SA . 11.23 18.45 16.89
O3A ATP SA . 9.39 16.71 17.14
O5' ATP SA . 9.38 18.86 18.51
C5' ATP SA . 9.08 20.01 17.75
C4' ATP SA . 7.58 20.18 17.79
O4' ATP SA . 7.14 20.46 16.47
C3' ATP SA . 6.91 18.89 18.20
O3' ATP SA . 6.64 18.85 19.60
C2' ATP SA . 5.65 18.80 17.34
O2' ATP SA . 4.53 19.35 18.03
C1' ATP SA . 5.97 19.71 16.17
N9 ATP SA . 6.26 18.86 15.00
C8 ATP SA . 6.85 17.65 15.02
N7 ATP SA . 6.97 17.15 13.76
C5 ATP SA . 6.44 18.05 12.92
C6 ATP SA . 6.24 18.17 11.45
N6 ATP SA . 6.63 17.18 10.61
N1 ATP SA . 5.63 19.28 10.99
C2 ATP SA . 5.23 20.26 11.80
N3 ATP SA . 5.39 20.24 13.13
C4 ATP SA . 5.96 19.18 13.74
MG MG TA . 8.32 18.49 24.69
MG MG UA . 10.40 15.54 25.87
MG MG VA . 10.87 15.36 19.89
#